data_6N93
#
_entry.id   6N93
#
_cell.length_a   87.179
_cell.length_b   114.653
_cell.length_c   194.554
_cell.angle_alpha   90.000
_cell.angle_beta   90.000
_cell.angle_gamma   90.000
#
_symmetry.space_group_name_H-M   'P 21 21 21'
#
loop_
_entity.id
_entity.type
_entity.pdbx_description
1 polymer 'Methylmalonyl-CoA decarboxylase'
2 non-polymer [1-[2-[3-[[(2~{R})-4-[[[(2~{R},3~{S},4~{R},5~{R})-5-(6-aminopurin-9-yl)-4-oxidanyl-3-phosphonooxy-oxolan-2-yl]methoxy-oxidanyl-phosphoryl]oxy-oxidanyl-phosphoryl]oxy-3,3-dimethyl-2-oxidanyl-butanoyl]amino]propanoylamino]ethoxy]-1-oxidanylidene-propan-2-ylidene]-bis(oxidanidyl)azanium
3 non-polymer 'NICKEL (II) ION'
4 non-polymer IMIDAZOLE
5 non-polymer 'POTASSIUM ION'
6 non-polymer 'TETRAETHYLENE GLYCOL'
7 non-polymer '(2E)-2-(hydroxyimino)propanoic acid'
8 water water
#
_entity_poly.entity_id   1
_entity_poly.type   'polypeptide(L)'
_entity_poly.pdbx_seq_one_letter_code
;MAYQYVNVVTINKVAVIEFNYGRKLNALSKVFIDDLMQALSDLNRPEIRCIILRAPSGSKVFSAGHDIHELPSGGRDPLS
YDDPLRQITRMIQKFPKPIISMVEGSVWGGAFEMIMSSDLIIAASTSTFSMTPVNLGVPYNLVGIHNLTRDAGFHIVKEL
IFTASPITAQRALAVGILNHVVEVEELEDFTLQMAHHISEKAPLAIAVIKEELRVLGEAHTMNSDEFERIQGMRRAVYDS
EDYQEGMNAFLEKRKPNFVGH
;
_entity_poly.pdbx_strand_id   A,B,C,D,E,F
#
loop_
_chem_comp.id
_chem_comp.type
_chem_comp.name
_chem_comp.formula
IMD non-polymer IMIDAZOLE 'C3 H5 N2 1'
K non-polymer 'POTASSIUM ION' 'K 1'
KG7 non-polymer '(2E)-2-(hydroxyimino)propanoic acid' 'C3 H5 N O3'
KGA non-polymer [1-[2-[3-[[(2~{R})-4-[[[(2~{R},3~{S},4~{R},5~{R})-5-(6-aminopurin-9-yl)-4-oxidanyl-3-phosphonooxy-oxolan-2-yl]methoxy-oxidanyl-phosphoryl]oxy-oxidanyl-phosphoryl]oxy-3,3-dimethyl-2-oxidanyl-butanoyl]amino]propanoylamino]ethoxy]-1-oxidanylidene-propan-2-ylidene]-bis(oxidanidyl)azanium 'C24 H38 N8 O20 P3 -1'
NI non-polymer 'NICKEL (II) ION' 'Ni 2'
PG4 non-polymer 'TETRAETHYLENE GLYCOL' 'C8 H18 O5'
#
# COMPACT_ATOMS: atom_id res chain seq x y z
N ALA A 2 25.07 -18.79 31.50
CA ALA A 2 24.44 -20.10 31.21
C ALA A 2 22.92 -19.92 31.19
N TYR A 3 22.26 -20.88 30.57
CA TYR A 3 20.81 -20.88 30.26
C TYR A 3 20.30 -22.25 30.61
N GLN A 4 19.07 -22.34 31.09
CA GLN A 4 18.46 -23.62 31.43
C GLN A 4 18.24 -24.44 30.15
N TYR A 5 17.83 -23.80 29.04
CA TYR A 5 17.24 -24.56 27.90
C TYR A 5 18.01 -24.37 26.59
N VAL A 6 19.16 -23.72 26.60
CA VAL A 6 20.09 -23.70 25.42
C VAL A 6 21.51 -23.81 25.96
N ASN A 7 22.42 -24.23 25.10
CA ASN A 7 23.88 -24.23 25.34
C ASN A 7 24.55 -23.43 24.22
N VAL A 8 25.44 -22.50 24.57
CA VAL A 8 26.07 -21.57 23.59
C VAL A 8 27.59 -21.86 23.55
N VAL A 9 28.14 -22.05 22.34
CA VAL A 9 29.59 -22.21 22.02
CA VAL A 9 29.61 -22.10 22.14
C VAL A 9 29.99 -21.03 21.14
N THR A 10 31.17 -20.47 21.32
CA THR A 10 31.74 -19.42 20.43
C THR A 10 33.02 -19.97 19.80
N ILE A 11 33.13 -19.86 18.49
CA ILE A 11 34.30 -20.34 17.71
C ILE A 11 34.72 -19.12 16.88
N ASN A 12 35.71 -18.39 17.34
CA ASN A 12 36.21 -17.15 16.67
C ASN A 12 35.09 -16.11 16.75
N LYS A 13 34.51 -15.74 15.60
CA LYS A 13 33.45 -14.71 15.59
C LYS A 13 32.05 -15.35 15.40
N VAL A 14 31.94 -16.67 15.42
CA VAL A 14 30.65 -17.38 15.19
C VAL A 14 30.11 -17.91 16.53
N ALA A 15 28.84 -17.72 16.83
CA ALA A 15 28.19 -18.31 18.03
C ALA A 15 27.20 -19.38 17.57
N VAL A 16 27.24 -20.53 18.23
CA VAL A 16 26.35 -21.67 17.97
C VAL A 16 25.39 -21.77 19.17
N ILE A 17 24.07 -21.60 18.93
CA ILE A 17 23.04 -21.76 19.99
C ILE A 17 22.40 -23.13 19.78
N GLU A 18 22.63 -24.05 20.72
CA GLU A 18 22.19 -25.43 20.65
C GLU A 18 21.01 -25.60 21.60
N PHE A 19 19.91 -26.15 21.09
CA PHE A 19 18.72 -26.35 21.92
C PHE A 19 19.04 -27.37 23.02
N ASN A 20 18.53 -27.13 24.22
CA ASN A 20 18.62 -28.09 25.34
C ASN A 20 17.23 -28.29 25.98
N TYR A 21 16.27 -28.83 25.23
CA TYR A 21 14.86 -28.99 25.68
C TYR A 21 14.34 -30.31 25.08
N GLY A 22 15.21 -31.32 25.07
CA GLY A 22 15.04 -32.65 24.44
C GLY A 22 13.90 -33.45 25.06
N ARG A 23 13.49 -33.06 26.25
CA ARG A 23 12.43 -33.71 27.09
C ARG A 23 11.05 -33.37 26.51
N LYS A 24 10.88 -32.24 25.81
CA LYS A 24 9.69 -31.97 24.99
C LYS A 24 10.10 -31.86 23.51
N LEU A 25 11.20 -32.48 23.11
CA LEU A 25 11.65 -32.55 21.69
C LEU A 25 11.78 -31.12 21.13
N ASN A 26 12.25 -30.20 21.96
CA ASN A 26 12.54 -28.79 21.62
C ASN A 26 11.28 -28.09 21.08
N ALA A 27 10.09 -28.47 21.57
CA ALA A 27 8.85 -27.76 21.28
C ALA A 27 9.04 -26.35 21.78
N LEU A 28 8.42 -25.39 21.10
CA LEU A 28 8.69 -23.95 21.29
C LEU A 28 7.88 -23.40 22.47
N SER A 29 8.04 -24.00 23.65
CA SER A 29 7.42 -23.52 24.89
C SER A 29 7.94 -22.12 25.24
N LYS A 30 7.13 -21.39 25.99
CA LYS A 30 7.46 -20.03 26.39
C LYS A 30 8.86 -20.02 27.01
N VAL A 31 9.14 -20.92 27.97
CA VAL A 31 10.44 -20.82 28.72
C VAL A 31 11.64 -21.16 27.84
N PHE A 32 11.47 -22.01 26.86
CA PHE A 32 12.53 -22.35 25.89
C PHE A 32 12.81 -21.13 25.01
N ILE A 33 11.77 -20.53 24.43
CA ILE A 33 11.92 -19.34 23.55
C ILE A 33 12.48 -18.19 24.38
N ASP A 34 12.08 -18.01 25.64
CA ASP A 34 12.68 -16.92 26.47
C ASP A 34 14.22 -17.08 26.55
N ASP A 35 14.73 -18.31 26.75
CA ASP A 35 16.19 -18.56 26.83
C ASP A 35 16.84 -18.37 25.44
N LEU A 36 16.20 -18.82 24.37
CA LEU A 36 16.73 -18.61 23.01
CA LEU A 36 16.71 -18.61 22.98
C LEU A 36 16.86 -17.10 22.75
N MET A 37 15.83 -16.33 23.10
CA MET A 37 15.87 -14.88 22.87
C MET A 37 16.93 -14.24 23.78
N GLN A 38 17.07 -14.71 25.02
CA GLN A 38 18.05 -14.11 25.96
C GLN A 38 19.46 -14.40 25.40
N ALA A 39 19.72 -15.61 24.92
CA ALA A 39 21.01 -16.01 24.33
C ALA A 39 21.31 -15.16 23.08
N LEU A 40 20.33 -14.92 22.20
CA LEU A 40 20.54 -14.00 21.04
C LEU A 40 20.88 -12.59 21.53
N SER A 41 20.14 -12.03 22.46
CA SER A 41 20.39 -10.67 22.99
C SER A 41 21.81 -10.59 23.55
N ASP A 42 22.25 -11.62 24.30
CA ASP A 42 23.58 -11.66 24.96
C ASP A 42 24.69 -11.65 23.89
N LEU A 43 24.40 -12.19 22.71
CA LEU A 43 25.36 -12.32 21.58
C LEU A 43 25.30 -11.12 20.64
N ASN A 44 24.45 -10.13 20.89
CA ASN A 44 24.33 -8.95 20.04
C ASN A 44 25.46 -7.97 20.42
N ARG A 45 26.69 -8.33 20.04
CA ARG A 45 27.97 -7.66 20.41
CA ARG A 45 27.93 -7.57 20.37
C ARG A 45 28.83 -7.58 19.14
N PRO A 46 29.69 -6.55 18.99
CA PRO A 46 30.43 -6.36 17.73
C PRO A 46 31.38 -7.52 17.39
N GLU A 47 31.87 -8.25 18.37
CA GLU A 47 32.86 -9.33 18.14
C GLU A 47 32.16 -10.64 17.74
N ILE A 48 30.83 -10.68 17.75
CA ILE A 48 30.07 -11.83 17.19
C ILE A 48 29.52 -11.43 15.83
N ARG A 49 29.70 -12.25 14.80
CA ARG A 49 29.37 -11.80 13.42
C ARG A 49 28.37 -12.73 12.75
N CYS A 50 28.12 -13.91 13.29
CA CYS A 50 27.19 -14.90 12.65
C CYS A 50 26.70 -15.84 13.76
N ILE A 51 25.43 -16.24 13.69
CA ILE A 51 24.79 -17.18 14.65
C ILE A 51 24.40 -18.41 13.84
N ILE A 52 24.61 -19.57 14.46
CA ILE A 52 24.01 -20.86 14.03
C ILE A 52 23.02 -21.31 15.11
N LEU A 53 21.80 -21.69 14.71
CA LEU A 53 20.81 -22.39 15.55
C LEU A 53 20.89 -23.86 15.19
N ARG A 54 20.95 -24.73 16.19
CA ARG A 54 21.02 -26.17 15.94
C ARG A 54 20.34 -26.94 17.07
N ALA A 55 19.93 -28.15 16.77
CA ALA A 55 19.59 -29.15 17.80
C ALA A 55 20.86 -29.91 18.13
N PRO A 56 20.88 -30.65 19.25
CA PRO A 56 22.06 -31.43 19.59
C PRO A 56 22.37 -32.44 18.49
N SER A 57 23.67 -32.76 18.38
CA SER A 57 24.15 -33.82 17.48
C SER A 57 23.33 -35.09 17.69
N GLY A 58 22.91 -35.73 16.61
CA GLY A 58 22.20 -37.02 16.59
C GLY A 58 20.72 -36.92 16.86
N SER A 59 20.17 -35.70 16.92
CA SER A 59 18.74 -35.49 17.28
C SER A 59 17.85 -36.10 16.21
N LYS A 60 16.85 -36.86 16.61
CA LYS A 60 15.84 -37.42 15.69
C LYS A 60 14.86 -36.31 15.32
N VAL A 61 14.51 -35.52 16.30
CA VAL A 61 13.57 -34.37 16.16
C VAL A 61 14.36 -33.10 16.38
N PHE A 62 14.42 -32.27 15.32
CA PHE A 62 15.03 -30.92 15.43
C PHE A 62 14.17 -30.10 16.37
N SER A 63 12.88 -30.03 16.10
CA SER A 63 11.92 -29.35 17.00
C SER A 63 10.53 -29.83 16.63
N ALA A 64 9.72 -30.13 17.66
CA ALA A 64 8.34 -30.59 17.50
C ALA A 64 7.39 -29.42 17.24
N GLY A 65 7.90 -28.18 17.22
CA GLY A 65 7.13 -27.00 16.79
C GLY A 65 6.41 -26.34 17.93
N HIS A 66 5.34 -25.61 17.63
CA HIS A 66 4.57 -24.85 18.65
C HIS A 66 4.24 -25.82 19.81
N ASP A 67 4.42 -25.41 21.06
CA ASP A 67 3.93 -26.23 22.21
C ASP A 67 2.40 -26.23 22.23
N ILE A 68 1.81 -27.34 21.82
CA ILE A 68 0.34 -27.51 21.69
CA ILE A 68 0.33 -27.47 21.69
C ILE A 68 -0.33 -27.31 23.06
N HIS A 69 0.29 -27.75 24.12
CA HIS A 69 -0.22 -27.54 25.50
C HIS A 69 -0.40 -26.07 25.86
N GLU A 70 0.39 -25.17 25.26
CA GLU A 70 0.32 -23.72 25.56
C GLU A 70 -0.67 -22.99 24.66
N LEU A 71 -1.28 -23.65 23.67
CA LEU A 71 -2.36 -23.05 22.85
C LEU A 71 -3.59 -22.90 23.73
N PRO A 72 -4.37 -21.81 23.53
CA PRO A 72 -5.63 -21.64 24.26
C PRO A 72 -6.70 -22.68 23.93
N SER A 73 -7.67 -22.90 24.83
N SER A 73 -7.53 -22.99 24.91
CA SER A 73 -8.67 -24.02 24.77
CA SER A 73 -8.85 -23.62 24.71
C SER A 73 -9.72 -23.81 23.68
C SER A 73 -9.68 -22.63 23.87
N GLY A 74 -9.81 -22.60 23.13
N GLY A 74 -10.60 -23.15 23.06
CA GLY A 74 -10.91 -22.20 22.26
CA GLY A 74 -11.37 -22.40 22.07
C GLY A 74 -11.39 -20.80 22.60
C GLY A 74 -11.74 -21.00 22.57
N GLY A 75 -11.92 -20.07 21.62
CA GLY A 75 -12.43 -18.71 21.86
C GLY A 75 -11.33 -17.68 22.01
N ARG A 76 -10.05 -18.06 21.90
CA ARG A 76 -8.98 -17.04 22.02
C ARG A 76 -8.00 -17.21 20.87
N ASP A 77 -7.42 -16.11 20.39
CA ASP A 77 -6.50 -16.22 19.24
C ASP A 77 -5.29 -17.01 19.72
N PRO A 78 -4.95 -18.13 19.08
CA PRO A 78 -3.77 -18.93 19.45
C PRO A 78 -2.43 -18.38 18.96
N LEU A 79 -2.43 -17.37 18.06
CA LEU A 79 -1.16 -16.89 17.48
C LEU A 79 -1.14 -15.36 17.49
N SER A 80 -1.32 -14.85 18.70
CA SER A 80 -1.36 -13.42 19.01
C SER A 80 0.07 -12.86 18.98
N TYR A 81 0.16 -11.55 18.84
CA TYR A 81 1.43 -10.86 18.54
C TYR A 81 2.50 -11.17 19.59
N ASP A 82 2.16 -11.41 20.86
CA ASP A 82 3.07 -11.67 22.01
CA ASP A 82 3.26 -11.66 21.84
C ASP A 82 3.32 -13.16 22.19
N ASP A 83 2.74 -14.02 21.36
CA ASP A 83 2.97 -15.50 21.46
C ASP A 83 4.47 -15.75 21.25
N PRO A 84 5.06 -16.73 21.96
CA PRO A 84 6.50 -16.98 21.82
C PRO A 84 6.99 -17.18 20.38
N LEU A 85 6.30 -17.94 19.55
CA LEU A 85 6.69 -18.18 18.14
C LEU A 85 6.70 -16.83 17.41
N ARG A 86 5.71 -15.96 17.68
CA ARG A 86 5.59 -14.66 16.98
C ARG A 86 6.76 -13.78 17.41
N GLN A 87 7.13 -13.84 18.69
CA GLN A 87 8.26 -13.05 19.24
CA GLN A 87 8.26 -13.04 19.22
C GLN A 87 9.59 -13.51 18.61
N ILE A 88 9.86 -14.80 18.57
CA ILE A 88 11.19 -15.34 18.12
CA ILE A 88 11.23 -15.22 18.15
C ILE A 88 11.40 -15.04 16.62
N THR A 89 10.37 -15.21 15.80
CA THR A 89 10.48 -14.94 14.35
C THR A 89 10.78 -13.46 14.12
N ARG A 90 10.06 -12.54 14.77
CA ARG A 90 10.40 -11.10 14.68
C ARG A 90 11.84 -10.91 15.13
N MET A 91 12.28 -11.53 16.23
CA MET A 91 13.64 -11.23 16.74
C MET A 91 14.73 -11.73 15.78
N ILE A 92 14.55 -12.92 15.21
CA ILE A 92 15.49 -13.50 14.20
C ILE A 92 15.56 -12.51 13.03
N GLN A 93 14.42 -12.04 12.57
CA GLN A 93 14.33 -11.23 11.32
C GLN A 93 14.99 -9.88 11.54
N LYS A 94 14.89 -9.33 12.73
CA LYS A 94 15.39 -7.97 13.04
C LYS A 94 16.82 -8.05 13.56
N PHE A 95 17.33 -9.23 13.83
CA PHE A 95 18.69 -9.39 14.44
C PHE A 95 19.75 -8.93 13.44
N PRO A 96 20.69 -8.03 13.83
CA PRO A 96 21.59 -7.42 12.84
C PRO A 96 22.79 -8.27 12.39
N LYS A 97 22.74 -9.57 12.62
CA LYS A 97 23.76 -10.56 12.20
C LYS A 97 22.99 -11.68 11.51
N PRO A 98 23.61 -12.33 10.52
CA PRO A 98 23.01 -13.48 9.87
C PRO A 98 22.81 -14.59 10.89
N ILE A 99 21.66 -15.25 10.78
CA ILE A 99 21.30 -16.43 11.59
C ILE A 99 21.06 -17.59 10.62
N ILE A 100 21.89 -18.62 10.75
CA ILE A 100 21.85 -19.84 9.92
C ILE A 100 21.15 -20.93 10.73
N SER A 101 20.11 -21.54 10.19
CA SER A 101 19.50 -22.74 10.80
C SER A 101 20.26 -23.96 10.28
N MET A 102 20.85 -24.73 11.18
CA MET A 102 21.63 -25.94 10.84
C MET A 102 20.82 -27.13 11.33
N VAL A 103 20.18 -27.84 10.39
CA VAL A 103 19.07 -28.80 10.67
C VAL A 103 19.52 -30.23 10.55
N GLU A 104 19.42 -30.93 11.68
CA GLU A 104 19.48 -32.40 11.81
C GLU A 104 18.17 -32.84 12.48
N GLY A 105 17.51 -33.83 11.87
CA GLY A 105 16.24 -34.43 12.30
C GLY A 105 15.00 -33.75 11.70
N SER A 106 13.85 -34.08 12.27
CA SER A 106 12.54 -33.69 11.73
C SER A 106 12.12 -32.31 12.28
N VAL A 107 11.47 -31.53 11.42
CA VAL A 107 11.12 -30.12 11.72
C VAL A 107 9.61 -30.06 11.53
N TRP A 108 8.90 -29.53 12.49
CA TRP A 108 7.41 -29.53 12.56
C TRP A 108 6.87 -28.11 12.78
N GLY A 109 5.87 -27.74 11.98
CA GLY A 109 4.96 -26.62 12.29
C GLY A 109 5.67 -25.32 12.56
N GLY A 110 5.46 -24.76 13.75
CA GLY A 110 6.08 -23.48 14.14
C GLY A 110 7.57 -23.51 13.98
N ALA A 111 8.21 -24.65 14.19
CA ALA A 111 9.68 -24.77 14.05
C ALA A 111 10.06 -24.62 12.57
N PHE A 112 9.20 -25.05 11.67
CA PHE A 112 9.43 -24.87 10.22
C PHE A 112 9.30 -23.38 9.88
N GLU A 113 8.32 -22.70 10.44
CA GLU A 113 8.23 -21.22 10.28
C GLU A 113 9.48 -20.55 10.88
N MET A 114 9.95 -21.03 12.03
CA MET A 114 11.15 -20.43 12.69
C MET A 114 12.38 -20.56 11.78
N ILE A 115 12.65 -21.71 11.20
CA ILE A 115 13.86 -21.84 10.31
C ILE A 115 13.63 -21.06 9.01
N MET A 116 12.39 -20.98 8.52
CA MET A 116 12.08 -20.21 7.29
C MET A 116 12.37 -18.74 7.57
N SER A 117 12.14 -18.24 8.81
CA SER A 117 12.34 -16.82 9.17
C SER A 117 13.82 -16.50 9.26
N SER A 118 14.69 -17.50 9.46
CA SER A 118 16.15 -17.32 9.52
C SER A 118 16.73 -17.06 8.12
N ASP A 119 18.02 -16.74 8.05
CA ASP A 119 18.61 -16.16 6.81
C ASP A 119 19.01 -17.26 5.82
N LEU A 120 19.60 -18.36 6.34
CA LEU A 120 20.06 -19.51 5.53
C LEU A 120 19.64 -20.79 6.26
N ILE A 121 19.37 -21.84 5.49
CA ILE A 121 19.11 -23.17 6.10
C ILE A 121 20.05 -24.16 5.44
N ILE A 122 20.84 -24.87 6.24
CA ILE A 122 21.76 -25.92 5.77
C ILE A 122 21.35 -27.18 6.53
N ALA A 123 21.06 -28.26 5.83
CA ALA A 123 20.38 -29.41 6.44
C ALA A 123 21.11 -30.74 6.15
N ALA A 124 21.00 -31.66 7.08
CA ALA A 124 21.40 -33.06 6.89
C ALA A 124 20.54 -33.70 5.78
N SER A 125 21.11 -34.62 5.02
CA SER A 125 20.43 -35.39 3.96
C SER A 125 19.25 -36.19 4.48
N THR A 126 19.19 -36.48 5.79
CA THR A 126 18.13 -37.32 6.41
C THR A 126 17.07 -36.44 7.09
N SER A 127 17.23 -35.12 7.06
CA SER A 127 16.27 -34.21 7.74
C SER A 127 14.97 -34.21 6.95
N THR A 128 13.87 -33.92 7.64
CA THR A 128 12.53 -33.80 7.04
C THR A 128 11.80 -32.56 7.56
N PHE A 129 10.77 -32.13 6.83
CA PHE A 129 10.12 -30.80 6.99
C PHE A 129 8.64 -30.97 6.77
N SER A 130 7.84 -30.52 7.74
CA SER A 130 6.35 -30.62 7.77
CA SER A 130 6.36 -30.57 7.67
C SER A 130 5.75 -29.30 8.27
N MET A 131 4.65 -28.84 7.69
CA MET A 131 3.88 -27.69 8.20
C MET A 131 2.53 -28.23 8.65
N THR A 132 2.21 -28.20 9.95
CA THR A 132 1.15 -29.07 10.51
C THR A 132 -0.11 -28.38 11.06
N PRO A 133 -0.44 -27.07 10.91
CA PRO A 133 -1.62 -26.52 11.58
C PRO A 133 -2.94 -27.17 11.14
N VAL A 134 -3.03 -27.68 9.91
CA VAL A 134 -4.30 -28.30 9.48
C VAL A 134 -4.49 -29.66 10.17
N ASN A 135 -3.47 -30.20 10.85
CA ASN A 135 -3.66 -31.41 11.69
C ASN A 135 -4.46 -31.11 12.97
N LEU A 136 -4.40 -29.87 13.46
CA LEU A 136 -4.95 -29.42 14.75
C LEU A 136 -6.18 -28.51 14.57
N GLY A 137 -6.46 -28.02 13.35
CA GLY A 137 -7.55 -27.06 13.08
C GLY A 137 -7.24 -25.65 13.53
N VAL A 138 -5.96 -25.34 13.66
CA VAL A 138 -5.45 -23.99 14.10
C VAL A 138 -5.50 -23.00 12.93
N PRO A 139 -6.10 -21.79 13.10
CA PRO A 139 -6.06 -20.72 12.09
C PRO A 139 -4.72 -19.98 12.18
N TYR A 140 -3.78 -20.39 11.37
CA TYR A 140 -2.45 -19.72 11.31
C TYR A 140 -2.67 -18.25 11.00
N ASN A 141 -1.77 -17.39 11.47
CA ASN A 141 -1.91 -15.92 11.29
C ASN A 141 -1.27 -15.48 9.98
N LEU A 142 -1.67 -14.30 9.51
CA LEU A 142 -1.16 -13.71 8.25
C LEU A 142 0.36 -13.57 8.29
N VAL A 143 0.92 -13.04 9.37
CA VAL A 143 2.38 -12.82 9.40
C VAL A 143 3.08 -14.18 9.28
N GLY A 144 2.63 -15.19 10.03
CA GLY A 144 3.21 -16.55 10.05
C GLY A 144 3.17 -17.15 8.67
N ILE A 145 2.01 -17.06 7.98
CA ILE A 145 1.88 -17.60 6.61
C ILE A 145 2.81 -16.83 5.68
N HIS A 146 2.91 -15.52 5.87
CA HIS A 146 3.74 -14.69 4.96
C HIS A 146 5.20 -15.17 5.06
N ASN A 147 5.62 -15.52 6.27
CA ASN A 147 7.01 -15.99 6.53
C ASN A 147 7.30 -17.28 5.75
N LEU A 148 6.28 -18.02 5.25
CA LEU A 148 6.48 -19.26 4.51
C LEU A 148 6.51 -19.04 2.99
N THR A 149 6.33 -17.82 2.49
CA THR A 149 6.08 -17.56 1.06
C THR A 149 7.25 -16.98 0.31
N ARG A 150 8.44 -16.83 0.91
CA ARG A 150 9.56 -16.02 0.33
C ARG A 150 10.62 -16.90 -0.32
N ASP A 151 10.43 -18.21 -0.34
CA ASP A 151 11.44 -19.17 -0.85
C ASP A 151 10.83 -20.05 -1.97
N ALA A 152 9.93 -20.97 -1.64
CA ALA A 152 9.19 -21.81 -2.61
C ALA A 152 7.95 -21.06 -3.14
N GLY A 153 7.47 -21.44 -4.32
CA GLY A 153 6.26 -20.87 -4.93
C GLY A 153 4.97 -21.22 -4.19
N PHE A 154 3.90 -20.54 -4.56
CA PHE A 154 2.55 -20.72 -3.93
C PHE A 154 2.04 -22.16 -4.04
N HIS A 155 2.12 -22.76 -5.22
CA HIS A 155 1.64 -24.17 -5.39
C HIS A 155 2.37 -25.10 -4.41
N ILE A 156 3.69 -24.96 -4.25
CA ILE A 156 4.47 -25.81 -3.32
C ILE A 156 4.04 -25.50 -1.89
N VAL A 157 3.89 -24.24 -1.53
CA VAL A 157 3.56 -23.85 -0.13
C VAL A 157 2.18 -24.44 0.20
N LYS A 158 1.23 -24.35 -0.72
CA LYS A 158 -0.12 -24.88 -0.46
C LYS A 158 -0.10 -26.40 -0.33
N GLU A 159 0.69 -27.08 -1.13
CA GLU A 159 0.86 -28.54 -0.96
C GLU A 159 1.33 -28.82 0.47
N LEU A 160 2.41 -28.16 0.90
CA LEU A 160 2.99 -28.41 2.23
CA LEU A 160 3.00 -28.37 2.23
C LEU A 160 1.92 -28.19 3.29
N ILE A 161 1.21 -27.07 3.23
CA ILE A 161 0.26 -26.72 4.32
C ILE A 161 -1.01 -27.59 4.20
N PHE A 162 -1.57 -27.80 3.02
CA PHE A 162 -2.88 -28.52 2.93
C PHE A 162 -2.71 -30.01 3.24
N THR A 163 -1.54 -30.60 2.95
CA THR A 163 -1.28 -32.06 3.14
C THR A 163 -0.74 -32.28 4.54
N ALA A 164 -0.04 -31.29 5.12
CA ALA A 164 0.78 -31.48 6.33
C ALA A 164 1.70 -32.72 6.17
N SER A 165 2.07 -33.12 4.96
CA SER A 165 2.97 -34.28 4.69
C SER A 165 4.41 -33.81 4.75
N PRO A 166 5.30 -34.60 5.35
CA PRO A 166 6.72 -34.27 5.37
C PRO A 166 7.35 -34.35 3.98
N ILE A 167 8.31 -33.48 3.72
CA ILE A 167 9.14 -33.54 2.50
C ILE A 167 10.58 -33.82 2.92
N THR A 168 11.32 -34.41 2.01
CA THR A 168 12.74 -34.73 2.26
C THR A 168 13.59 -33.46 2.13
N ALA A 169 14.82 -33.54 2.59
CA ALA A 169 15.81 -32.50 2.44
C ALA A 169 16.05 -32.30 0.95
N GLN A 170 16.04 -33.39 0.18
CA GLN A 170 16.33 -33.28 -1.28
C GLN A 170 15.22 -32.46 -1.95
N ARG A 171 13.98 -32.73 -1.62
CA ARG A 171 12.88 -31.96 -2.24
C ARG A 171 12.90 -30.51 -1.72
N ALA A 172 13.14 -30.31 -0.44
CA ALA A 172 13.25 -28.94 0.14
C ALA A 172 14.34 -28.13 -0.57
N LEU A 173 15.46 -28.75 -0.99
CA LEU A 173 16.51 -28.07 -1.77
C LEU A 173 15.96 -27.70 -3.16
N ALA A 174 15.36 -28.66 -3.83
CA ALA A 174 14.88 -28.53 -5.21
C ALA A 174 13.86 -27.38 -5.32
N VAL A 175 13.01 -27.19 -4.32
CA VAL A 175 11.92 -26.19 -4.44
C VAL A 175 12.36 -24.85 -3.85
N GLY A 176 13.54 -24.73 -3.27
CA GLY A 176 14.08 -23.40 -2.92
C GLY A 176 14.03 -23.11 -1.42
N ILE A 177 13.65 -24.05 -0.60
CA ILE A 177 13.53 -23.84 0.87
C ILE A 177 14.96 -23.84 1.49
N LEU A 178 15.80 -24.78 1.12
CA LEU A 178 17.15 -24.98 1.72
C LEU A 178 18.21 -24.36 0.83
N ASN A 179 19.30 -23.93 1.45
CA ASN A 179 20.52 -23.46 0.74
C ASN A 179 21.34 -24.67 0.31
N HIS A 180 21.56 -25.60 1.25
CA HIS A 180 22.49 -26.71 1.05
C HIS A 180 22.01 -27.92 1.81
N VAL A 181 22.29 -29.09 1.25
CA VAL A 181 22.04 -30.39 1.90
C VAL A 181 23.40 -31.10 1.98
N VAL A 182 23.74 -31.61 3.13
CA VAL A 182 25.04 -32.34 3.24
CA VAL A 182 25.08 -32.20 3.45
C VAL A 182 24.84 -33.56 4.12
N GLU A 183 25.74 -34.53 3.95
CA GLU A 183 25.72 -35.73 4.82
C GLU A 183 25.90 -35.25 6.25
N VAL A 184 25.21 -35.88 7.20
CA VAL A 184 25.14 -35.44 8.62
C VAL A 184 26.55 -35.33 9.24
N GLU A 185 27.48 -36.23 8.89
CA GLU A 185 28.86 -36.22 9.43
CA GLU A 185 28.85 -36.20 9.47
C GLU A 185 29.59 -34.94 8.98
N GLU A 186 29.16 -34.32 7.87
CA GLU A 186 29.81 -33.09 7.32
C GLU A 186 29.03 -31.82 7.68
N LEU A 187 27.82 -31.92 8.20
CA LEU A 187 26.91 -30.78 8.45
C LEU A 187 27.61 -29.68 9.29
N GLU A 188 28.20 -30.05 10.43
CA GLU A 188 28.70 -29.07 11.41
C GLU A 188 29.84 -28.26 10.77
N ASP A 189 30.84 -28.92 10.23
CA ASP A 189 32.02 -28.20 9.70
C ASP A 189 31.69 -27.47 8.37
N PHE A 190 30.83 -27.98 7.50
CA PHE A 190 30.32 -27.24 6.31
C PHE A 190 29.67 -25.92 6.74
N THR A 191 28.77 -25.97 7.73
CA THR A 191 28.05 -24.79 8.24
C THR A 191 29.03 -23.78 8.89
N LEU A 192 29.92 -24.26 9.73
CA LEU A 192 30.93 -23.39 10.36
C LEU A 192 31.83 -22.76 9.31
N GLN A 193 32.22 -23.46 8.25
CA GLN A 193 33.12 -22.86 7.23
C GLN A 193 32.41 -21.66 6.59
N MET A 194 31.12 -21.83 6.27
CA MET A 194 30.36 -20.72 5.64
C MET A 194 30.18 -19.60 6.68
N ALA A 195 29.86 -19.89 7.92
CA ALA A 195 29.69 -18.83 8.96
C ALA A 195 31.01 -18.08 9.20
N HIS A 196 32.15 -18.78 9.23
CA HIS A 196 33.45 -18.08 9.39
CA HIS A 196 33.47 -18.12 9.35
C HIS A 196 33.68 -17.17 8.15
N HIS A 197 33.37 -17.63 6.95
CA HIS A 197 33.59 -16.83 5.71
C HIS A 197 32.75 -15.53 5.78
N ILE A 198 31.49 -15.64 6.16
CA ILE A 198 30.58 -14.48 6.32
C ILE A 198 31.17 -13.52 7.38
N SER A 199 31.80 -14.07 8.41
CA SER A 199 32.34 -13.31 9.58
C SER A 199 33.54 -12.45 9.19
N GLU A 200 34.09 -12.65 7.99
CA GLU A 200 35.21 -11.79 7.51
CA GLU A 200 35.22 -11.88 7.37
C GLU A 200 34.66 -10.63 6.69
N LYS A 201 33.36 -10.63 6.40
CA LYS A 201 32.76 -9.55 5.57
C LYS A 201 32.29 -8.38 6.45
N ALA A 202 31.87 -7.29 5.82
CA ALA A 202 31.55 -6.02 6.51
C ALA A 202 30.24 -6.14 7.26
N PRO A 203 30.27 -6.17 8.62
CA PRO A 203 29.05 -6.43 9.38
C PRO A 203 27.96 -5.35 9.24
N LEU A 204 28.32 -4.09 9.08
CA LEU A 204 27.30 -3.00 9.00
C LEU A 204 26.57 -3.08 7.68
N ALA A 205 27.28 -3.48 6.63
CA ALA A 205 26.70 -3.70 5.28
C ALA A 205 25.74 -4.87 5.34
N ILE A 206 26.19 -5.99 5.93
CA ILE A 206 25.30 -7.16 6.10
C ILE A 206 24.03 -6.76 6.86
N ALA A 207 24.17 -6.03 7.96
CA ALA A 207 23.00 -5.64 8.79
C ALA A 207 22.05 -4.77 7.98
N VAL A 208 22.52 -3.73 7.27
CA VAL A 208 21.55 -2.84 6.57
C VAL A 208 20.91 -3.60 5.39
N ILE A 209 21.63 -4.50 4.72
CA ILE A 209 21.05 -5.29 3.61
C ILE A 209 20.02 -6.29 4.16
N LYS A 210 20.32 -6.95 5.29
CA LYS A 210 19.34 -7.83 5.94
C LYS A 210 18.06 -7.03 6.23
N GLU A 211 18.19 -5.85 6.81
CA GLU A 211 17.02 -5.01 7.20
C GLU A 211 16.23 -4.55 5.95
N GLU A 212 16.93 -4.20 4.86
CA GLU A 212 16.26 -3.78 3.60
C GLU A 212 15.47 -4.97 3.05
N LEU A 213 16.04 -6.17 3.07
CA LEU A 213 15.31 -7.39 2.65
C LEU A 213 14.12 -7.63 3.58
N ARG A 214 14.25 -7.42 4.88
CA ARG A 214 13.14 -7.66 5.83
C ARG A 214 11.96 -6.74 5.48
N VAL A 215 12.23 -5.44 5.31
CA VAL A 215 11.20 -4.39 4.96
CA VAL A 215 11.11 -4.49 5.01
C VAL A 215 10.57 -4.73 3.61
N LEU A 216 11.39 -5.09 2.63
CA LEU A 216 10.84 -5.44 1.31
C LEU A 216 9.94 -6.68 1.42
N GLY A 217 10.38 -7.71 2.17
CA GLY A 217 9.58 -8.92 2.39
C GLY A 217 8.24 -8.62 3.03
N GLU A 218 8.19 -7.65 3.93
CA GLU A 218 6.94 -7.36 4.66
CA GLU A 218 7.01 -7.21 4.72
C GLU A 218 6.05 -6.37 3.87
N ALA A 219 6.57 -5.77 2.79
CA ALA A 219 5.90 -4.68 2.05
C ALA A 219 4.83 -5.21 1.11
N HIS A 220 3.98 -6.09 1.60
CA HIS A 220 2.73 -6.54 0.94
C HIS A 220 1.62 -5.88 1.76
N THR A 221 0.98 -4.81 1.28
CA THR A 221 0.09 -3.98 2.11
C THR A 221 -1.38 -4.19 1.74
N MET A 222 -2.25 -4.02 2.72
CA MET A 222 -3.71 -4.17 2.52
CA MET A 222 -3.71 -4.22 2.56
C MET A 222 -4.44 -3.14 3.38
N ASN A 223 -5.72 -2.94 3.16
CA ASN A 223 -6.48 -1.94 3.93
C ASN A 223 -7.03 -2.57 5.22
N SER A 224 -7.51 -1.74 6.14
CA SER A 224 -7.95 -2.19 7.47
C SER A 224 -9.11 -3.18 7.30
N ASP A 225 -10.01 -2.91 6.37
CA ASP A 225 -11.20 -3.78 6.21
C ASP A 225 -10.74 -5.19 5.86
N GLU A 226 -9.77 -5.35 4.95
CA GLU A 226 -9.20 -6.68 4.55
CA GLU A 226 -9.32 -6.71 4.58
C GLU A 226 -8.69 -7.39 5.80
N PHE A 227 -7.88 -6.71 6.59
CA PHE A 227 -7.25 -7.35 7.77
CA PHE A 227 -7.25 -7.33 7.79
C PHE A 227 -8.35 -7.77 8.76
N GLU A 228 -9.36 -6.92 8.97
CA GLU A 228 -10.40 -7.22 9.98
C GLU A 228 -11.31 -8.35 9.45
N ARG A 229 -11.47 -8.45 8.13
CA ARG A 229 -12.24 -9.56 7.50
C ARG A 229 -11.50 -10.86 7.78
N ILE A 230 -10.19 -10.87 7.52
CA ILE A 230 -9.35 -12.06 7.82
C ILE A 230 -9.45 -12.41 9.29
N GLN A 231 -9.32 -11.43 10.18
CA GLN A 231 -9.33 -11.68 11.62
C GLN A 231 -10.69 -12.31 12.01
N GLY A 232 -11.81 -11.83 11.44
CA GLY A 232 -13.11 -12.44 11.73
C GLY A 232 -13.16 -13.92 11.28
N MET A 233 -12.57 -14.23 10.13
CA MET A 233 -12.53 -15.62 9.63
CA MET A 233 -12.53 -15.61 9.63
C MET A 233 -11.69 -16.47 10.60
N ARG A 234 -10.55 -15.95 11.08
CA ARG A 234 -9.69 -16.68 12.02
C ARG A 234 -10.48 -16.94 13.32
N ARG A 235 -11.24 -15.97 13.78
CA ARG A 235 -12.05 -16.12 15.02
CA ARG A 235 -12.11 -16.06 14.98
C ARG A 235 -13.11 -17.21 14.82
N ALA A 236 -13.77 -17.27 13.67
CA ALA A 236 -14.72 -18.38 13.42
C ALA A 236 -13.98 -19.72 13.52
N VAL A 237 -12.72 -19.82 13.07
CA VAL A 237 -11.97 -21.09 13.17
C VAL A 237 -11.63 -21.36 14.65
N TYR A 238 -11.10 -20.39 15.41
CA TYR A 238 -10.68 -20.69 16.80
C TYR A 238 -11.94 -20.82 17.69
N ASP A 239 -13.13 -20.45 17.23
CA ASP A 239 -14.42 -20.70 17.94
C ASP A 239 -15.04 -22.05 17.51
N SER A 240 -14.47 -22.77 16.54
CA SER A 240 -15.16 -23.91 15.90
C SER A 240 -15.08 -25.18 16.79
N GLU A 241 -16.00 -26.10 16.52
CA GLU A 241 -15.96 -27.45 17.13
C GLU A 241 -14.67 -28.13 16.68
N ASP A 242 -14.35 -27.95 15.41
CA ASP A 242 -13.15 -28.59 14.85
C ASP A 242 -11.89 -28.19 15.62
N TYR A 243 -11.73 -26.93 16.04
CA TYR A 243 -10.50 -26.51 16.78
C TYR A 243 -10.45 -27.33 18.08
N GLN A 244 -11.57 -27.41 18.80
CA GLN A 244 -11.63 -28.20 20.05
C GLN A 244 -11.26 -29.65 19.78
N GLU A 245 -11.80 -30.24 18.71
CA GLU A 245 -11.57 -31.65 18.35
C GLU A 245 -10.07 -31.82 18.06
N GLY A 246 -9.47 -30.91 17.30
CA GLY A 246 -8.02 -31.00 17.00
C GLY A 246 -7.17 -31.02 18.26
N MET A 247 -7.43 -30.11 19.21
CA MET A 247 -6.71 -30.04 20.51
C MET A 247 -6.94 -31.35 21.29
N ASN A 248 -8.19 -31.80 21.38
CA ASN A 248 -8.54 -33.02 22.16
CA ASN A 248 -8.56 -33.03 22.16
C ASN A 248 -7.90 -34.26 21.53
N ALA A 249 -7.88 -34.35 20.19
CA ALA A 249 -7.30 -35.52 19.50
C ALA A 249 -5.82 -35.57 19.80
N PHE A 250 -5.15 -34.42 19.84
CA PHE A 250 -3.71 -34.36 20.18
C PHE A 250 -3.47 -34.82 21.62
N LEU A 251 -4.26 -34.31 22.57
CA LEU A 251 -4.16 -34.68 24.02
C LEU A 251 -4.39 -36.20 24.20
N GLU A 252 -5.40 -36.76 23.55
CA GLU A 252 -5.80 -38.19 23.70
C GLU A 252 -5.00 -39.08 22.75
N LYS A 253 -4.04 -38.54 22.00
CA LYS A 253 -3.21 -39.28 21.04
C LYS A 253 -4.08 -40.17 20.11
N ARG A 254 -5.07 -39.57 19.44
CA ARG A 254 -5.96 -40.27 18.46
C ARG A 254 -6.05 -39.39 17.22
N LYS A 255 -6.62 -39.95 16.17
CA LYS A 255 -6.81 -39.20 14.90
C LYS A 255 -8.03 -38.30 15.04
N PRO A 256 -7.93 -37.00 14.71
CA PRO A 256 -9.10 -36.13 14.81
C PRO A 256 -10.17 -36.47 13.77
N ASN A 257 -11.43 -36.25 14.12
CA ASN A 257 -12.62 -36.34 13.22
CA ASN A 257 -12.54 -36.35 13.13
C ASN A 257 -13.14 -34.95 12.90
N PHE A 258 -12.66 -34.30 11.84
CA PHE A 258 -13.11 -32.92 11.52
C PHE A 258 -14.40 -32.95 10.70
N VAL A 259 -15.33 -32.05 10.98
CA VAL A 259 -16.69 -31.99 10.39
C VAL A 259 -16.99 -30.66 9.69
N GLY A 260 -16.13 -29.64 9.78
CA GLY A 260 -16.35 -28.37 9.05
C GLY A 260 -17.28 -27.42 9.76
N HIS A 261 -17.38 -27.51 11.09
CA HIS A 261 -17.90 -26.43 11.94
C HIS A 261 -17.25 -26.49 13.31
N ALA B 2 28.48 5.44 -34.33
CA ALA B 2 29.39 4.54 -33.59
C ALA B 2 29.51 5.06 -32.16
N TYR B 3 30.16 4.27 -31.32
CA TYR B 3 30.27 4.51 -29.87
C TYR B 3 31.69 4.13 -29.50
N GLN B 4 32.27 4.82 -28.54
CA GLN B 4 33.64 4.51 -28.07
C GLN B 4 33.67 3.17 -27.31
N TYR B 5 32.63 2.86 -26.51
CA TYR B 5 32.71 1.82 -25.45
C TYR B 5 31.75 0.66 -25.70
N VAL B 6 30.95 0.70 -26.78
CA VAL B 6 30.15 -0.47 -27.22
C VAL B 6 30.24 -0.61 -28.74
N ASN B 7 29.90 -1.80 -29.22
CA ASN B 7 29.77 -2.15 -30.66
C ASN B 7 28.35 -2.66 -30.88
N VAL B 8 27.62 -2.13 -31.86
CA VAL B 8 26.22 -2.58 -32.12
C VAL B 8 26.14 -3.32 -33.46
N VAL B 9 25.52 -4.49 -33.48
CA VAL B 9 25.25 -5.22 -34.75
C VAL B 9 23.75 -5.48 -34.79
N THR B 10 23.14 -5.32 -35.95
CA THR B 10 21.70 -5.64 -36.12
C THR B 10 21.61 -6.79 -37.10
N ILE B 11 20.80 -7.78 -36.74
CA ILE B 11 20.46 -8.94 -37.60
C ILE B 11 18.96 -8.94 -37.74
N ASN B 12 18.48 -8.35 -38.83
CA ASN B 12 17.05 -8.04 -39.10
C ASN B 12 16.47 -7.35 -37.86
N LYS B 13 15.61 -8.01 -37.08
CA LYS B 13 14.86 -7.38 -35.97
C LYS B 13 15.62 -7.45 -34.63
N VAL B 14 16.75 -8.18 -34.59
CA VAL B 14 17.53 -8.37 -33.34
C VAL B 14 18.74 -7.41 -33.35
N ALA B 15 18.97 -6.70 -32.24
CA ALA B 15 20.19 -5.89 -32.04
C ALA B 15 21.03 -6.51 -30.93
N VAL B 16 22.33 -6.56 -31.18
CA VAL B 16 23.33 -7.07 -30.22
C VAL B 16 24.22 -5.90 -29.81
N ILE B 17 24.14 -5.50 -28.53
CA ILE B 17 25.04 -4.49 -27.93
C ILE B 17 26.19 -5.23 -27.23
N GLU B 18 27.40 -5.09 -27.76
CA GLU B 18 28.61 -5.74 -27.25
C GLU B 18 29.48 -4.71 -26.56
N PHE B 19 29.89 -5.04 -25.34
CA PHE B 19 30.80 -4.18 -24.55
C PHE B 19 32.13 -4.03 -25.31
N ASN B 20 32.69 -2.84 -25.22
CA ASN B 20 34.05 -2.56 -25.77
C ASN B 20 34.83 -1.77 -24.71
N TYR B 21 35.02 -2.36 -23.53
CA TYR B 21 35.66 -1.68 -22.37
C TYR B 21 36.51 -2.69 -21.63
N GLY B 22 37.06 -3.62 -22.41
CA GLY B 22 37.81 -4.78 -21.92
C GLY B 22 39.03 -4.37 -21.12
N ARG B 23 39.66 -3.25 -21.47
CA ARG B 23 40.94 -2.92 -20.80
C ARG B 23 40.61 -2.61 -19.33
N LYS B 24 39.36 -2.26 -19.01
CA LYS B 24 38.88 -2.07 -17.59
C LYS B 24 37.86 -3.17 -17.16
N LEU B 25 37.91 -4.33 -17.81
CA LEU B 25 37.06 -5.53 -17.54
C LEU B 25 35.57 -5.15 -17.53
N ASN B 26 35.22 -4.19 -18.39
CA ASN B 26 33.83 -3.69 -18.60
C ASN B 26 33.27 -3.24 -17.25
N ALA B 27 34.10 -2.63 -16.40
CA ALA B 27 33.65 -2.00 -15.15
C ALA B 27 32.63 -0.95 -15.52
N LEU B 28 31.72 -0.69 -14.59
CA LEU B 28 30.53 0.14 -14.84
C LEU B 28 30.89 1.63 -14.63
N SER B 29 31.93 2.11 -15.29
CA SER B 29 32.34 3.55 -15.34
C SER B 29 31.22 4.37 -16.01
N LYS B 30 31.09 5.62 -15.63
CA LYS B 30 30.08 6.52 -16.23
C LYS B 30 30.20 6.54 -17.78
N VAL B 31 31.39 6.64 -18.33
CA VAL B 31 31.54 6.83 -19.81
C VAL B 31 31.01 5.59 -20.52
N PHE B 32 31.17 4.40 -19.93
CA PHE B 32 30.76 3.09 -20.49
C PHE B 32 29.23 2.99 -20.41
N ILE B 33 28.65 3.28 -19.23
CA ILE B 33 27.17 3.24 -19.07
C ILE B 33 26.50 4.29 -19.95
N ASP B 34 27.05 5.48 -20.01
CA ASP B 34 26.46 6.51 -20.91
C ASP B 34 26.38 5.98 -22.36
N ASP B 35 27.42 5.33 -22.89
CA ASP B 35 27.43 4.74 -24.27
C ASP B 35 26.38 3.60 -24.37
N LEU B 36 26.31 2.68 -23.40
CA LEU B 36 25.29 1.61 -23.40
CA LEU B 36 25.29 1.62 -23.38
C LEU B 36 23.91 2.27 -23.46
N MET B 37 23.67 3.34 -22.70
CA MET B 37 22.33 3.95 -22.64
C MET B 37 22.04 4.67 -23.96
N GLN B 38 23.03 5.33 -24.53
CA GLN B 38 22.84 5.98 -25.86
C GLN B 38 22.56 4.90 -26.90
N ALA B 39 23.31 3.80 -26.91
CA ALA B 39 23.08 2.71 -27.90
C ALA B 39 21.66 2.12 -27.70
N LEU B 40 21.20 1.90 -26.46
CA LEU B 40 19.79 1.44 -26.26
C LEU B 40 18.79 2.45 -26.81
N SER B 41 18.95 3.71 -26.45
CA SER B 41 18.05 4.82 -26.87
C SER B 41 17.97 4.81 -28.40
N ASP B 42 19.10 4.64 -29.05
CA ASP B 42 19.18 4.69 -30.52
C ASP B 42 18.48 3.47 -31.14
N LEU B 43 18.33 2.36 -30.41
CA LEU B 43 17.68 1.12 -30.91
C LEU B 43 16.18 1.11 -30.58
N ASN B 44 15.65 2.19 -30.00
CA ASN B 44 14.21 2.27 -29.62
C ASN B 44 13.45 2.75 -30.85
N ARG B 45 13.36 1.87 -31.84
CA ARG B 45 12.85 2.05 -33.22
CA ARG B 45 12.70 2.13 -33.14
C ARG B 45 11.90 0.90 -33.53
N PRO B 46 10.81 1.09 -34.28
CA PRO B 46 9.84 0.03 -34.53
C PRO B 46 10.39 -1.25 -35.19
N GLU B 47 11.43 -1.15 -36.03
CA GLU B 47 11.96 -2.30 -36.79
C GLU B 47 12.92 -3.13 -35.92
N ILE B 48 13.25 -2.67 -34.71
CA ILE B 48 14.06 -3.46 -33.75
C ILE B 48 13.07 -4.04 -32.74
N ARG B 49 13.19 -5.35 -32.45
CA ARG B 49 12.18 -6.04 -31.61
C ARG B 49 12.76 -6.73 -30.40
N CYS B 50 14.05 -6.96 -30.34
CA CYS B 50 14.70 -7.69 -29.22
C CYS B 50 16.16 -7.28 -29.13
N ILE B 51 16.64 -7.03 -27.92
CA ILE B 51 18.04 -6.59 -27.67
C ILE B 51 18.78 -7.74 -26.98
N ILE B 52 20.05 -7.92 -27.34
CA ILE B 52 20.97 -8.84 -26.62
C ILE B 52 22.11 -7.98 -26.09
N LEU B 53 22.41 -8.07 -24.81
CA LEU B 53 23.62 -7.46 -24.20
C LEU B 53 24.66 -8.56 -24.04
N ARG B 54 25.92 -8.30 -24.40
CA ARG B 54 26.95 -9.34 -24.31
C ARG B 54 28.32 -8.67 -24.10
N ALA B 55 29.24 -9.45 -23.58
CA ALA B 55 30.68 -9.15 -23.62
C ALA B 55 31.24 -9.78 -24.88
N PRO B 56 32.43 -9.33 -25.34
CA PRO B 56 33.04 -9.91 -26.52
C PRO B 56 33.25 -11.41 -26.32
N SER B 57 33.18 -12.14 -27.42
CA SER B 57 33.49 -13.58 -27.48
C SER B 57 34.83 -13.86 -26.78
N GLY B 58 34.86 -14.84 -25.88
CA GLY B 58 36.07 -15.30 -25.18
C GLY B 58 36.37 -14.49 -23.90
N SER B 59 35.55 -13.50 -23.53
CA SER B 59 35.79 -12.68 -22.31
C SER B 59 35.88 -13.58 -21.07
N LYS B 60 36.92 -13.37 -20.27
CA LYS B 60 37.06 -14.07 -18.96
C LYS B 60 36.16 -13.36 -17.95
N VAL B 61 36.06 -12.04 -18.07
CA VAL B 61 35.27 -11.21 -17.13
C VAL B 61 34.15 -10.57 -17.95
N PHE B 62 32.90 -10.93 -17.68
CA PHE B 62 31.76 -10.27 -18.33
C PHE B 62 31.74 -8.78 -17.96
N SER B 63 31.69 -8.51 -16.66
CA SER B 63 31.84 -7.15 -16.09
C SER B 63 32.33 -7.23 -14.67
N ALA B 64 33.28 -6.35 -14.30
CA ALA B 64 33.86 -6.28 -12.94
C ALA B 64 32.98 -5.46 -11.98
N GLY B 65 31.83 -4.95 -12.42
CA GLY B 65 30.90 -4.22 -11.57
C GLY B 65 31.31 -2.76 -11.41
N HIS B 66 30.96 -2.15 -10.29
CA HIS B 66 31.25 -0.71 -10.02
C HIS B 66 32.71 -0.41 -10.23
N ASP B 67 32.96 0.73 -10.88
CA ASP B 67 34.32 1.32 -10.96
C ASP B 67 34.63 1.94 -9.58
N ILE B 68 35.52 1.31 -8.81
CA ILE B 68 35.82 1.75 -7.41
C ILE B 68 36.61 3.08 -7.50
N HIS B 69 37.32 3.35 -8.59
CA HIS B 69 38.00 4.65 -8.86
C HIS B 69 36.98 5.76 -9.20
N GLU B 70 35.67 5.50 -9.12
CA GLU B 70 34.62 6.52 -9.39
C GLU B 70 33.77 6.74 -8.15
N LEU B 71 34.23 6.29 -6.98
CA LEU B 71 33.57 6.67 -5.72
C LEU B 71 33.61 8.18 -5.60
N PRO B 72 32.48 8.84 -5.25
CA PRO B 72 32.45 10.29 -5.10
C PRO B 72 33.09 10.67 -3.76
N SER B 73 33.24 11.98 -3.49
CA SER B 73 33.69 12.54 -2.20
C SER B 73 33.04 11.78 -1.04
N GLY B 74 33.83 11.18 -0.15
CA GLY B 74 33.35 10.47 1.05
C GLY B 74 32.17 11.18 1.70
N GLY B 75 31.45 10.50 2.59
CA GLY B 75 30.21 10.98 3.22
C GLY B 75 29.06 11.12 2.22
N ARG B 76 29.13 10.42 1.06
CA ARG B 76 28.25 10.64 -0.13
C ARG B 76 27.86 9.32 -0.81
N ASP B 77 26.60 9.20 -1.23
CA ASP B 77 26.00 7.89 -1.63
C ASP B 77 26.37 7.61 -3.09
N PRO B 78 27.13 6.52 -3.39
CA PRO B 78 27.44 6.12 -4.76
C PRO B 78 26.29 5.37 -5.47
N LEU B 79 25.18 5.12 -4.75
CA LEU B 79 23.98 4.46 -5.33
C LEU B 79 22.76 5.37 -5.18
N SER B 80 22.97 6.67 -5.42
CA SER B 80 21.88 7.67 -5.41
C SER B 80 21.13 7.57 -6.75
N TYR B 81 19.97 8.19 -6.82
CA TYR B 81 19.02 7.94 -7.92
C TYR B 81 19.69 8.12 -9.28
N ASP B 82 20.55 9.12 -9.46
CA ASP B 82 21.03 9.47 -10.83
C ASP B 82 22.45 8.94 -11.07
N ASP B 83 22.94 8.07 -10.21
CA ASP B 83 24.18 7.31 -10.46
C ASP B 83 23.97 6.35 -11.66
N PRO B 84 25.00 6.14 -12.50
CA PRO B 84 24.81 5.43 -13.77
C PRO B 84 24.19 4.02 -13.67
N LEU B 85 24.64 3.18 -12.73
CA LEU B 85 24.02 1.86 -12.49
C LEU B 85 22.53 2.02 -12.21
N ARG B 86 22.11 3.01 -11.41
CA ARG B 86 20.69 3.22 -11.02
C ARG B 86 19.95 3.67 -12.28
N GLN B 87 20.59 4.45 -13.15
CA GLN B 87 19.96 4.95 -14.41
C GLN B 87 19.76 3.78 -15.40
N ILE B 88 20.77 2.99 -15.65
CA ILE B 88 20.65 1.93 -16.68
CA ILE B 88 20.72 1.89 -16.67
C ILE B 88 19.70 0.82 -16.24
N THR B 89 19.64 0.48 -14.96
CA THR B 89 18.68 -0.58 -14.56
C THR B 89 17.26 -0.05 -14.76
N ARG B 90 16.97 1.20 -14.40
CA ARG B 90 15.65 1.79 -14.75
C ARG B 90 15.40 1.73 -16.27
N MET B 91 16.39 2.12 -17.05
CA MET B 91 16.19 2.20 -18.51
C MET B 91 15.93 0.79 -19.08
N ILE B 92 16.68 -0.21 -18.63
CA ILE B 92 16.46 -1.61 -19.11
C ILE B 92 15.02 -2.03 -18.75
N GLN B 93 14.57 -1.71 -17.55
CA GLN B 93 13.28 -2.21 -17.05
C GLN B 93 12.14 -1.51 -17.77
N LYS B 94 12.32 -0.25 -18.14
CA LYS B 94 11.28 0.55 -18.83
C LYS B 94 11.34 0.42 -20.35
N PHE B 95 12.41 -0.16 -20.88
CA PHE B 95 12.62 -0.32 -22.33
C PHE B 95 11.50 -1.19 -22.93
N PRO B 96 10.77 -0.71 -23.98
CA PRO B 96 9.59 -1.41 -24.49
C PRO B 96 9.87 -2.62 -25.39
N LYS B 97 11.06 -3.20 -25.31
CA LYS B 97 11.44 -4.43 -26.04
C LYS B 97 12.15 -5.34 -25.05
N PRO B 98 12.10 -6.65 -25.24
CA PRO B 98 12.85 -7.55 -24.40
C PRO B 98 14.35 -7.27 -24.50
N ILE B 99 15.03 -7.34 -23.36
CA ILE B 99 16.51 -7.27 -23.29
C ILE B 99 17.00 -8.60 -22.70
N ILE B 100 17.80 -9.32 -23.46
CA ILE B 100 18.39 -10.62 -23.04
C ILE B 100 19.86 -10.36 -22.68
N SER B 101 20.26 -10.73 -21.48
CA SER B 101 21.69 -10.76 -21.09
C SER B 101 22.28 -12.10 -21.54
N MET B 102 23.27 -12.06 -22.44
CA MET B 102 24.00 -13.24 -22.92
C MET B 102 25.37 -13.25 -22.28
N VAL B 103 25.57 -14.14 -21.30
CA VAL B 103 26.73 -14.01 -20.38
C VAL B 103 27.79 -15.06 -20.69
N GLU B 104 28.98 -14.57 -21.02
CA GLU B 104 30.22 -15.35 -20.99
C GLU B 104 31.16 -14.65 -20.01
N GLY B 105 31.78 -15.40 -19.12
CA GLY B 105 32.78 -14.88 -18.18
C GLY B 105 32.17 -14.72 -16.80
N SER B 106 32.90 -14.09 -15.92
CA SER B 106 32.49 -13.83 -14.52
C SER B 106 31.74 -12.51 -14.41
N VAL B 107 30.70 -12.50 -13.60
CA VAL B 107 29.79 -11.34 -13.40
C VAL B 107 29.90 -10.95 -11.92
N TRP B 108 30.08 -9.66 -11.66
CA TRP B 108 30.40 -9.15 -10.29
C TRP B 108 29.50 -7.98 -9.90
N GLY B 109 28.93 -8.01 -8.70
CA GLY B 109 28.38 -6.81 -8.03
C GLY B 109 27.29 -6.10 -8.81
N GLY B 110 27.48 -4.83 -9.09
CA GLY B 110 26.52 -4.05 -9.88
C GLY B 110 26.26 -4.64 -11.24
N ALA B 111 27.20 -5.37 -11.83
CA ALA B 111 26.96 -6.03 -13.13
C ALA B 111 25.96 -7.19 -12.93
N PHE B 112 26.01 -7.87 -11.79
CA PHE B 112 24.99 -8.90 -11.44
C PHE B 112 23.61 -8.22 -11.33
N GLU B 113 23.53 -7.09 -10.66
CA GLU B 113 22.24 -6.37 -10.55
C GLU B 113 21.78 -6.01 -11.96
N MET B 114 22.70 -5.51 -12.80
CA MET B 114 22.32 -5.09 -14.18
C MET B 114 21.71 -6.26 -14.97
N ILE B 115 22.33 -7.44 -14.98
CA ILE B 115 21.74 -8.59 -15.73
C ILE B 115 20.47 -9.08 -15.04
N MET B 116 20.39 -9.00 -13.71
CA MET B 116 19.14 -9.37 -13.04
C MET B 116 18.00 -8.43 -13.47
N SER B 117 18.29 -7.18 -13.78
CA SER B 117 17.23 -6.21 -14.16
C SER B 117 16.71 -6.50 -15.58
N SER B 118 17.48 -7.20 -16.39
CA SER B 118 17.10 -7.54 -17.79
C SER B 118 16.01 -8.64 -17.76
N ASP B 119 15.49 -8.97 -18.90
CA ASP B 119 14.27 -9.80 -18.97
C ASP B 119 14.59 -11.29 -18.97
N LEU B 120 15.65 -11.73 -19.66
CA LEU B 120 16.08 -13.15 -19.68
C LEU B 120 17.62 -13.12 -19.55
N ILE B 121 18.14 -14.17 -18.96
CA ILE B 121 19.61 -14.42 -18.90
C ILE B 121 19.91 -15.80 -19.47
N ILE B 122 20.75 -15.83 -20.50
CA ILE B 122 21.26 -17.07 -21.12
C ILE B 122 22.77 -17.06 -20.92
N ALA B 123 23.34 -18.10 -20.35
CA ALA B 123 24.76 -18.10 -19.92
C ALA B 123 25.54 -19.31 -20.40
N ALA B 124 26.85 -19.11 -20.55
CA ALA B 124 27.84 -20.16 -20.82
C ALA B 124 27.92 -21.08 -19.59
N SER B 125 28.14 -22.35 -19.79
CA SER B 125 28.33 -23.33 -18.69
C SER B 125 29.52 -22.93 -17.79
N THR B 126 30.46 -22.12 -18.25
CA THR B 126 31.68 -21.72 -17.51
C THR B 126 31.47 -20.37 -16.82
N SER B 127 30.34 -19.70 -17.01
CA SER B 127 30.13 -18.36 -16.41
C SER B 127 29.89 -18.52 -14.90
N THR B 128 30.20 -17.48 -14.14
CA THR B 128 30.08 -17.43 -12.68
C THR B 128 29.51 -16.07 -12.25
N PHE B 129 28.90 -16.02 -11.07
CA PHE B 129 28.08 -14.89 -10.62
C PHE B 129 28.36 -14.60 -9.14
N SER B 130 28.66 -13.36 -8.79
CA SER B 130 28.95 -12.91 -7.40
C SER B 130 28.26 -11.59 -7.15
N MET B 131 27.72 -11.44 -5.97
CA MET B 131 27.22 -10.14 -5.47
C MET B 131 28.14 -9.72 -4.32
N THR B 132 28.84 -8.60 -4.48
CA THR B 132 30.07 -8.26 -3.71
C THR B 132 29.97 -7.07 -2.75
N PRO B 133 28.87 -6.32 -2.53
CA PRO B 133 28.97 -5.15 -1.63
C PRO B 133 29.48 -5.43 -0.20
N VAL B 134 29.27 -6.62 0.37
CA VAL B 134 29.73 -6.88 1.77
C VAL B 134 31.25 -7.04 1.78
N ASN B 135 31.89 -7.17 0.63
CA ASN B 135 33.38 -7.20 0.57
C ASN B 135 33.94 -5.81 0.89
N LEU B 136 33.19 -4.74 0.57
CA LEU B 136 33.69 -3.35 0.66
C LEU B 136 33.01 -2.61 1.80
N GLY B 137 31.88 -3.11 2.32
CA GLY B 137 31.15 -2.36 3.35
C GLY B 137 30.14 -1.37 2.78
N VAL B 138 29.69 -1.59 1.55
CA VAL B 138 28.70 -0.72 0.86
C VAL B 138 27.29 -1.04 1.35
N PRO B 139 26.52 -0.02 1.75
CA PRO B 139 25.09 -0.16 2.06
C PRO B 139 24.28 -0.11 0.76
N TYR B 140 24.18 -1.25 0.08
CA TYR B 140 23.44 -1.34 -1.20
C TYR B 140 22.03 -0.78 -0.97
N ASN B 141 21.52 -0.03 -1.95
CA ASN B 141 20.26 0.75 -1.78
C ASN B 141 19.03 -0.16 -1.94
N LEU B 142 17.87 0.25 -1.43
CA LEU B 142 16.63 -0.55 -1.48
C LEU B 142 16.29 -1.00 -2.90
N VAL B 143 16.23 -0.07 -3.85
CA VAL B 143 15.80 -0.39 -5.24
C VAL B 143 16.74 -1.47 -5.77
N GLY B 144 18.05 -1.30 -5.50
CA GLY B 144 19.09 -2.21 -5.99
C GLY B 144 18.90 -3.61 -5.42
N ILE B 145 18.62 -3.72 -4.13
CA ILE B 145 18.40 -5.04 -3.48
C ILE B 145 17.12 -5.62 -4.03
N HIS B 146 16.05 -4.82 -4.15
CA HIS B 146 14.76 -5.30 -4.67
C HIS B 146 14.97 -5.96 -6.04
N ASN B 147 15.85 -5.40 -6.87
CA ASN B 147 16.11 -5.91 -8.25
C ASN B 147 16.69 -7.34 -8.18
N LEU B 148 17.21 -7.79 -7.03
CA LEU B 148 17.81 -9.14 -6.85
C LEU B 148 16.85 -10.17 -6.30
N THR B 149 15.58 -9.80 -6.00
CA THR B 149 14.66 -10.64 -5.20
C THR B 149 13.53 -11.27 -6.03
N ARG B 150 13.50 -11.12 -7.34
CA ARG B 150 12.33 -11.54 -8.16
C ARG B 150 12.55 -12.89 -8.86
N ASP B 151 13.69 -13.56 -8.65
CA ASP B 151 14.04 -14.81 -9.39
C ASP B 151 14.27 -15.94 -8.38
N ALA B 152 15.34 -15.89 -7.62
CA ALA B 152 15.62 -16.88 -6.56
C ALA B 152 14.96 -16.46 -5.24
N GLY B 153 14.80 -17.40 -4.32
CA GLY B 153 14.17 -17.15 -3.03
C GLY B 153 15.05 -16.38 -2.07
N PHE B 154 14.46 -15.98 -0.93
CA PHE B 154 15.12 -15.10 0.07
C PHE B 154 16.38 -15.77 0.63
N HIS B 155 16.31 -17.05 0.98
CA HIS B 155 17.46 -17.76 1.62
CA HIS B 155 17.47 -17.76 1.62
C HIS B 155 18.63 -17.78 0.63
N ILE B 156 18.32 -18.03 -0.63
CA ILE B 156 19.37 -18.07 -1.71
C ILE B 156 19.98 -16.68 -1.87
N VAL B 157 19.16 -15.64 -2.00
CA VAL B 157 19.70 -14.28 -2.18
C VAL B 157 20.60 -13.91 -0.99
N LYS B 158 20.17 -14.20 0.23
CA LYS B 158 20.97 -13.83 1.40
C LYS B 158 22.29 -14.58 1.39
N GLU B 159 22.30 -15.87 1.03
CA GLU B 159 23.59 -16.60 0.88
C GLU B 159 24.49 -15.87 -0.12
N LEU B 160 23.96 -15.50 -1.28
CA LEU B 160 24.78 -14.80 -2.30
C LEU B 160 25.38 -13.53 -1.71
N ILE B 161 24.54 -12.72 -1.05
CA ILE B 161 24.94 -11.37 -0.61
C ILE B 161 25.84 -11.53 0.62
N PHE B 162 25.48 -12.35 1.58
CA PHE B 162 26.23 -12.35 2.85
C PHE B 162 27.56 -13.05 2.63
N THR B 163 27.67 -14.02 1.73
CA THR B 163 28.97 -14.74 1.50
C THR B 163 29.84 -13.99 0.49
N ALA B 164 29.24 -13.21 -0.41
CA ALA B 164 29.87 -12.67 -1.63
C ALA B 164 30.59 -13.77 -2.42
N SER B 165 30.21 -15.05 -2.27
CA SER B 165 30.89 -16.19 -2.96
C SER B 165 30.30 -16.36 -4.34
N PRO B 166 31.12 -16.71 -5.35
CA PRO B 166 30.61 -16.97 -6.69
C PRO B 166 29.81 -18.26 -6.72
N ILE B 167 28.79 -18.27 -7.56
CA ILE B 167 28.08 -19.54 -7.87
C ILE B 167 28.28 -19.86 -9.35
N THR B 168 28.19 -21.13 -9.65
CA THR B 168 28.29 -21.62 -11.05
C THR B 168 27.02 -21.26 -11.82
N ALA B 169 27.11 -21.35 -13.14
CA ALA B 169 25.97 -21.27 -14.08
C ALA B 169 24.96 -22.35 -13.73
N GLN B 170 25.41 -23.54 -13.38
CA GLN B 170 24.53 -24.69 -13.12
C GLN B 170 23.73 -24.40 -11.85
N ARG B 171 24.35 -23.84 -10.82
CA ARG B 171 23.60 -23.49 -9.58
C ARG B 171 22.68 -22.28 -9.87
N ALA B 172 23.11 -21.29 -10.65
CA ALA B 172 22.25 -20.15 -11.01
C ALA B 172 21.01 -20.62 -11.77
N LEU B 173 21.13 -21.63 -12.63
CA LEU B 173 19.96 -22.22 -13.31
C LEU B 173 19.09 -22.91 -12.27
N ALA B 174 19.66 -23.69 -11.36
CA ALA B 174 18.86 -24.50 -10.42
C ALA B 174 18.05 -23.59 -9.51
N VAL B 175 18.58 -22.46 -9.10
CA VAL B 175 17.86 -21.60 -8.10
C VAL B 175 16.92 -20.61 -8.80
N GLY B 176 16.92 -20.53 -10.13
CA GLY B 176 15.93 -19.72 -10.86
C GLY B 176 16.46 -18.37 -11.36
N ILE B 177 17.76 -18.08 -11.20
CA ILE B 177 18.37 -16.84 -11.72
C ILE B 177 18.42 -16.88 -13.26
N LEU B 178 18.87 -17.97 -13.84
CA LEU B 178 19.10 -18.05 -15.31
C LEU B 178 17.93 -18.70 -16.02
N ASN B 179 17.78 -18.41 -17.32
CA ASN B 179 16.78 -19.10 -18.17
C ASN B 179 17.38 -20.41 -18.73
N HIS B 180 18.63 -20.34 -19.22
CA HIS B 180 19.28 -21.45 -19.94
C HIS B 180 20.79 -21.35 -19.74
N VAL B 181 21.39 -22.51 -19.69
CA VAL B 181 22.84 -22.68 -19.67
C VAL B 181 23.20 -23.50 -20.91
N VAL B 182 24.18 -23.01 -21.64
CA VAL B 182 24.60 -23.55 -22.96
C VAL B 182 26.13 -23.71 -22.95
N GLU B 183 26.65 -24.66 -23.72
CA GLU B 183 28.11 -24.74 -23.97
C GLU B 183 28.55 -23.45 -24.68
N VAL B 184 29.73 -22.92 -24.37
CA VAL B 184 30.12 -21.57 -24.87
C VAL B 184 30.10 -21.51 -26.40
N GLU B 185 30.38 -22.61 -27.08
CA GLU B 185 30.44 -22.70 -28.57
CA GLU B 185 30.45 -22.65 -28.57
CA GLU B 185 30.46 -22.59 -28.57
C GLU B 185 29.04 -22.47 -29.16
N GLU B 186 27.99 -22.83 -28.39
CA GLU B 186 26.57 -22.76 -28.83
C GLU B 186 25.86 -21.49 -28.33
N LEU B 187 26.49 -20.73 -27.44
CA LEU B 187 25.82 -19.63 -26.68
C LEU B 187 25.24 -18.59 -27.64
N GLU B 188 26.06 -18.07 -28.56
N GLU B 188 26.08 -18.05 -28.53
CA GLU B 188 25.63 -17.01 -29.48
CA GLU B 188 25.69 -17.03 -29.53
C GLU B 188 24.46 -17.50 -30.33
C GLU B 188 24.47 -17.50 -30.32
N ASP B 189 24.56 -18.67 -30.96
CA ASP B 189 23.46 -19.14 -31.83
C ASP B 189 22.20 -19.43 -31.01
N PHE B 190 22.31 -20.05 -29.85
CA PHE B 190 21.11 -20.37 -29.03
C PHE B 190 20.37 -19.06 -28.73
N THR B 191 21.13 -18.05 -28.31
CA THR B 191 20.60 -16.72 -27.89
C THR B 191 19.99 -15.99 -29.07
N LEU B 192 20.67 -16.00 -30.22
CA LEU B 192 20.10 -15.35 -31.44
C LEU B 192 18.84 -16.05 -31.89
N GLN B 193 18.79 -17.38 -31.90
CA GLN B 193 17.53 -18.05 -32.36
C GLN B 193 16.38 -17.69 -31.41
N MET B 194 16.64 -17.59 -30.13
CA MET B 194 15.51 -17.21 -29.22
C MET B 194 15.07 -15.77 -29.52
N ALA B 195 16.02 -14.86 -29.74
CA ALA B 195 15.75 -13.42 -30.02
C ALA B 195 14.99 -13.33 -31.34
N HIS B 196 15.35 -14.10 -32.38
CA HIS B 196 14.62 -14.00 -33.67
CA HIS B 196 14.62 -14.02 -33.68
C HIS B 196 13.18 -14.50 -33.47
N HIS B 197 13.02 -15.49 -32.64
CA HIS B 197 11.69 -16.11 -32.39
C HIS B 197 10.84 -15.06 -31.71
N ILE B 198 11.36 -14.44 -30.66
CA ILE B 198 10.60 -13.42 -29.90
C ILE B 198 10.22 -12.27 -30.85
N SER B 199 11.07 -11.95 -31.81
CA SER B 199 10.87 -10.83 -32.76
CA SER B 199 10.84 -10.81 -32.72
C SER B 199 9.74 -11.12 -33.74
N GLU B 200 9.24 -12.35 -33.82
CA GLU B 200 8.08 -12.66 -34.70
C GLU B 200 6.78 -12.39 -33.94
N LYS B 201 6.85 -12.11 -32.64
CA LYS B 201 5.62 -11.97 -31.83
C LYS B 201 5.17 -10.51 -31.80
N ALA B 202 4.01 -10.23 -31.21
CA ALA B 202 3.36 -8.90 -31.24
C ALA B 202 4.09 -7.94 -30.30
N PRO B 203 4.77 -6.92 -30.83
CA PRO B 203 5.60 -6.03 -30.01
C PRO B 203 4.83 -5.16 -29.02
N LEU B 204 3.61 -4.75 -29.37
CA LEU B 204 2.85 -3.89 -28.47
C LEU B 204 2.35 -4.71 -27.29
N ALA B 205 2.01 -5.98 -27.52
CA ALA B 205 1.58 -6.93 -26.47
C ALA B 205 2.80 -7.21 -25.57
N ILE B 206 3.96 -7.49 -26.14
CA ILE B 206 5.19 -7.69 -25.34
C ILE B 206 5.43 -6.44 -24.48
N ALA B 207 5.34 -5.24 -25.04
CA ALA B 207 5.70 -4.02 -24.30
C ALA B 207 4.75 -3.84 -23.11
N VAL B 208 3.45 -3.97 -23.33
CA VAL B 208 2.51 -3.68 -22.23
C VAL B 208 2.62 -4.78 -21.18
N ILE B 209 2.85 -6.02 -21.53
CA ILE B 209 3.00 -7.09 -20.50
C ILE B 209 4.32 -6.88 -19.75
N LYS B 210 5.39 -6.50 -20.43
CA LYS B 210 6.67 -6.17 -19.73
C LYS B 210 6.43 -5.02 -18.74
N GLU B 211 5.68 -3.98 -19.14
CA GLU B 211 5.45 -2.82 -18.27
C GLU B 211 4.58 -3.29 -17.10
N GLU B 212 3.58 -4.14 -17.32
CA GLU B 212 2.69 -4.61 -16.23
C GLU B 212 3.51 -5.45 -15.25
N LEU B 213 4.42 -6.28 -15.74
CA LEU B 213 5.32 -6.99 -14.83
C LEU B 213 6.21 -6.00 -14.07
N ARG B 214 6.74 -4.97 -14.73
CA ARG B 214 7.62 -4.00 -14.04
C ARG B 214 6.83 -3.38 -12.86
N VAL B 215 5.62 -2.89 -13.09
CA VAL B 215 4.92 -2.14 -12.00
CA VAL B 215 4.78 -2.17 -12.07
C VAL B 215 4.45 -3.14 -10.92
N LEU B 216 4.05 -4.33 -11.26
CA LEU B 216 3.78 -5.36 -10.21
C LEU B 216 5.04 -5.65 -9.42
N GLY B 217 6.19 -5.78 -10.09
CA GLY B 217 7.46 -6.06 -9.37
C GLY B 217 7.89 -4.93 -8.46
N GLU B 218 7.51 -3.69 -8.78
CA GLU B 218 7.82 -2.50 -7.93
C GLU B 218 6.82 -2.34 -6.79
N ALA B 219 5.65 -2.96 -6.89
CA ALA B 219 4.45 -2.65 -6.05
C ALA B 219 4.59 -3.26 -4.65
N HIS B 220 5.77 -3.16 -4.05
CA HIS B 220 6.00 -3.44 -2.63
C HIS B 220 6.10 -2.06 -1.94
N THR B 221 5.10 -1.65 -1.19
CA THR B 221 4.95 -0.26 -0.73
C THR B 221 5.16 -0.19 0.78
N MET B 222 5.69 0.93 1.20
CA MET B 222 5.94 1.22 2.64
CA MET B 222 5.97 1.22 2.63
C MET B 222 5.67 2.70 2.90
N ASN B 223 5.57 3.06 4.16
CA ASN B 223 5.32 4.49 4.50
C ASN B 223 6.65 5.27 4.57
N SER B 224 6.54 6.60 4.63
CA SER B 224 7.67 7.54 4.58
C SER B 224 8.59 7.26 5.76
N ASP B 225 8.04 6.97 6.93
CA ASP B 225 8.85 6.77 8.15
C ASP B 225 9.78 5.59 7.90
N GLU B 226 9.27 4.52 7.34
CA GLU B 226 10.08 3.30 7.09
CA GLU B 226 10.09 3.31 7.11
C GLU B 226 11.22 3.65 6.12
N PHE B 227 10.91 4.38 5.05
CA PHE B 227 11.96 4.75 4.05
CA PHE B 227 11.99 4.68 4.07
C PHE B 227 13.04 5.60 4.73
N GLU B 228 12.61 6.59 5.52
CA GLU B 228 13.59 7.52 6.13
C GLU B 228 14.43 6.79 7.17
N ARG B 229 13.83 5.83 7.88
CA ARG B 229 14.58 4.99 8.86
C ARG B 229 15.66 4.17 8.14
N ILE B 230 15.33 3.52 7.02
CA ILE B 230 16.36 2.83 6.19
C ILE B 230 17.44 3.80 5.73
N GLN B 231 17.05 4.97 5.23
CA GLN B 231 18.08 5.94 4.76
C GLN B 231 19.00 6.33 5.90
N GLY B 232 18.48 6.50 7.12
CA GLY B 232 19.34 6.78 8.28
C GLY B 232 20.36 5.66 8.52
N MET B 233 19.94 4.40 8.39
CA MET B 233 20.85 3.25 8.61
C MET B 233 21.89 3.25 7.50
N ARG B 234 21.51 3.56 6.26
CA ARG B 234 22.47 3.50 5.13
C ARG B 234 23.54 4.57 5.35
N ARG B 235 23.09 5.74 5.79
CA ARG B 235 24.01 6.89 6.00
C ARG B 235 24.99 6.49 7.10
N ALA B 236 24.52 5.88 8.16
CA ALA B 236 25.42 5.43 9.26
C ALA B 236 26.47 4.48 8.67
N VAL B 237 26.11 3.64 7.69
CA VAL B 237 27.09 2.71 7.05
C VAL B 237 28.09 3.51 6.22
N TYR B 238 27.64 4.48 5.45
CA TYR B 238 28.51 5.36 4.61
CA TYR B 238 28.62 5.23 4.61
C TYR B 238 29.43 6.19 5.50
N ASP B 239 29.01 6.49 6.73
CA ASP B 239 29.82 7.31 7.67
C ASP B 239 30.79 6.45 8.49
N SER B 240 30.77 5.11 8.33
CA SER B 240 31.49 4.17 9.24
C SER B 240 33.00 4.12 8.90
N GLU B 241 33.79 3.75 9.88
CA GLU B 241 35.23 3.42 9.67
C GLU B 241 35.35 2.22 8.72
N ASP B 242 34.45 1.25 8.87
CA ASP B 242 34.47 0.03 8.03
C ASP B 242 34.35 0.42 6.55
N TYR B 243 33.50 1.39 6.21
CA TYR B 243 33.29 1.75 4.79
C TYR B 243 34.62 2.25 4.21
N GLN B 244 35.33 3.09 4.98
CA GLN B 244 36.67 3.64 4.56
C GLN B 244 37.63 2.45 4.38
N GLU B 245 37.68 1.56 5.37
CA GLU B 245 38.56 0.38 5.35
C GLU B 245 38.27 -0.48 4.11
N GLY B 246 36.98 -0.75 3.80
CA GLY B 246 36.65 -1.57 2.64
C GLY B 246 37.14 -0.95 1.33
N MET B 247 36.93 0.35 1.15
CA MET B 247 37.32 1.01 -0.15
C MET B 247 38.86 1.04 -0.24
N ASN B 248 39.52 1.47 0.84
CA ASN B 248 41.01 1.54 0.87
C ASN B 248 41.61 0.16 0.64
N ALA B 249 41.12 -0.88 1.32
CA ALA B 249 41.61 -2.26 1.14
C ALA B 249 41.53 -2.65 -0.34
N PHE B 250 40.41 -2.35 -1.02
CA PHE B 250 40.20 -2.79 -2.42
C PHE B 250 41.26 -2.07 -3.29
N LEU B 251 41.40 -0.75 -3.12
CA LEU B 251 42.40 0.10 -3.84
C LEU B 251 43.83 -0.43 -3.61
N GLU B 252 44.16 -0.83 -2.38
CA GLU B 252 45.54 -1.24 -1.98
C GLU B 252 45.75 -2.74 -2.18
N LYS B 253 44.75 -3.50 -2.63
CA LYS B 253 44.92 -4.94 -2.95
C LYS B 253 45.37 -5.71 -1.70
N ARG B 254 44.66 -5.48 -0.59
CA ARG B 254 44.87 -6.20 0.69
C ARG B 254 43.49 -6.57 1.25
N LYS B 255 43.49 -7.45 2.25
CA LYS B 255 42.30 -7.96 2.95
C LYS B 255 41.83 -6.90 3.91
N PRO B 256 40.54 -6.47 3.87
CA PRO B 256 40.08 -5.48 4.83
C PRO B 256 40.00 -6.08 6.24
N ASN B 257 40.10 -5.22 7.24
CA ASN B 257 39.92 -5.58 8.66
C ASN B 257 38.66 -4.88 9.19
N PHE B 258 37.48 -5.51 9.05
CA PHE B 258 36.21 -4.87 9.49
C PHE B 258 36.01 -5.06 11.01
N VAL B 259 35.54 -4.04 11.70
CA VAL B 259 35.45 -4.06 13.19
C VAL B 259 34.02 -3.71 13.63
N GLY B 260 33.13 -3.31 12.72
CA GLY B 260 31.71 -3.07 13.03
C GLY B 260 31.44 -1.71 13.62
N HIS B 261 32.22 -0.70 13.24
CA HIS B 261 31.86 0.73 13.43
C HIS B 261 32.50 1.53 12.30
N ALA C 2 -28.05 -32.30 -13.79
CA ALA C 2 -26.59 -32.39 -13.94
C ALA C 2 -26.15 -31.27 -14.90
N TYR C 3 -25.05 -31.49 -15.61
CA TYR C 3 -24.40 -30.41 -16.40
C TYR C 3 -24.16 -30.91 -17.82
N GLN C 4 -24.40 -30.02 -18.79
CA GLN C 4 -24.12 -30.35 -20.21
C GLN C 4 -22.61 -30.45 -20.42
N TYR C 5 -21.82 -29.54 -19.83
CA TYR C 5 -20.43 -29.32 -20.32
C TYR C 5 -19.38 -29.83 -19.33
N VAL C 6 -19.80 -30.35 -18.19
CA VAL C 6 -18.88 -31.05 -17.24
C VAL C 6 -19.55 -32.32 -16.70
N ASN C 7 -18.75 -33.25 -16.18
CA ASN C 7 -19.23 -34.47 -15.49
C ASN C 7 -18.62 -34.49 -14.09
N VAL C 8 -19.39 -34.79 -13.05
CA VAL C 8 -18.84 -34.71 -11.65
C VAL C 8 -18.93 -36.11 -11.02
N VAL C 9 -17.86 -36.57 -10.39
CA VAL C 9 -17.84 -37.88 -9.65
CA VAL C 9 -17.97 -37.84 -9.61
C VAL C 9 -17.44 -37.56 -8.21
N THR C 10 -18.17 -38.05 -7.21
CA THR C 10 -17.84 -37.82 -5.80
C THR C 10 -17.34 -39.14 -5.21
N ILE C 11 -16.10 -39.17 -4.72
CA ILE C 11 -15.47 -40.34 -4.04
C ILE C 11 -15.16 -39.92 -2.61
N ASN C 12 -15.95 -40.40 -1.66
CA ASN C 12 -15.87 -40.03 -0.23
C ASN C 12 -15.97 -38.50 -0.15
N LYS C 13 -14.91 -37.80 0.23
CA LYS C 13 -15.01 -36.32 0.39
C LYS C 13 -14.39 -35.58 -0.80
N VAL C 14 -13.98 -36.28 -1.84
CA VAL C 14 -13.33 -35.66 -3.02
C VAL C 14 -14.30 -35.62 -4.19
N ALA C 15 -14.40 -34.47 -4.87
CA ALA C 15 -15.21 -34.32 -6.09
C ALA C 15 -14.27 -34.09 -7.26
N VAL C 16 -14.44 -34.88 -8.31
CA VAL C 16 -13.66 -34.80 -9.57
C VAL C 16 -14.56 -34.16 -10.62
N ILE C 17 -14.17 -32.99 -11.12
CA ILE C 17 -14.92 -32.24 -12.15
C ILE C 17 -14.16 -32.48 -13.47
N GLU C 18 -14.79 -33.24 -14.37
CA GLU C 18 -14.20 -33.60 -15.67
CA GLU C 18 -14.23 -33.64 -15.69
C GLU C 18 -14.83 -32.75 -16.78
N PHE C 19 -14.00 -32.08 -17.57
CA PHE C 19 -14.48 -31.26 -18.72
C PHE C 19 -15.22 -32.18 -19.71
N ASN C 20 -16.31 -31.69 -20.31
CA ASN C 20 -17.08 -32.44 -21.34
C ASN C 20 -17.31 -31.49 -22.53
N TYR C 21 -16.26 -30.87 -23.05
CA TYR C 21 -16.39 -29.92 -24.18
C TYR C 21 -15.31 -30.27 -25.19
N GLY C 22 -14.98 -31.55 -25.32
CA GLY C 22 -13.87 -32.06 -26.15
C GLY C 22 -14.02 -31.73 -27.64
N ARG C 23 -15.24 -31.41 -28.05
CA ARG C 23 -15.62 -31.02 -29.43
C ARG C 23 -14.79 -29.81 -29.83
N LYS C 24 -14.62 -28.90 -28.86
CA LYS C 24 -13.90 -27.60 -29.03
C LYS C 24 -12.62 -27.62 -28.16
N LEU C 25 -12.09 -28.79 -27.88
CA LEU C 25 -10.80 -28.97 -27.14
C LEU C 25 -10.85 -28.20 -25.82
N ASN C 26 -12.01 -28.16 -25.19
CA ASN C 26 -12.24 -27.58 -23.85
C ASN C 26 -11.81 -26.12 -23.87
N ALA C 27 -11.96 -25.47 -25.01
CA ALA C 27 -11.80 -24.00 -25.12
C ALA C 27 -12.72 -23.32 -24.11
N LEU C 28 -12.30 -22.17 -23.58
CA LEU C 28 -12.97 -21.47 -22.45
C LEU C 28 -14.17 -20.64 -22.97
N SER C 29 -15.05 -21.26 -23.73
CA SER C 29 -16.35 -20.69 -24.14
C SER C 29 -17.17 -20.32 -22.90
N LYS C 30 -17.97 -19.26 -22.98
CA LYS C 30 -18.83 -18.88 -21.85
C LYS C 30 -19.69 -20.07 -21.37
N VAL C 31 -20.31 -20.85 -22.27
CA VAL C 31 -21.25 -21.93 -21.87
C VAL C 31 -20.52 -22.99 -21.05
N PHE C 32 -19.27 -23.30 -21.40
CA PHE C 32 -18.42 -24.27 -20.67
C PHE C 32 -18.05 -23.68 -19.30
N ILE C 33 -17.51 -22.48 -19.26
CA ILE C 33 -17.08 -21.86 -17.99
C ILE C 33 -18.28 -21.69 -17.09
N ASP C 34 -19.45 -21.32 -17.62
CA ASP C 34 -20.64 -21.13 -16.73
C ASP C 34 -20.98 -22.46 -16.05
N ASP C 35 -20.89 -23.58 -16.76
CA ASP C 35 -21.20 -24.93 -16.21
C ASP C 35 -20.12 -25.33 -15.19
N LEU C 36 -18.86 -25.05 -15.49
CA LEU C 36 -17.77 -25.31 -14.53
C LEU C 36 -18.02 -24.52 -13.23
N MET C 37 -18.40 -23.26 -13.33
CA MET C 37 -18.64 -22.44 -12.13
C MET C 37 -19.89 -22.96 -11.39
N GLN C 38 -20.94 -23.37 -12.10
CA GLN C 38 -22.16 -23.93 -11.44
C GLN C 38 -21.79 -25.21 -10.67
N ALA C 39 -21.03 -26.10 -11.26
CA ALA C 39 -20.63 -27.40 -10.65
C ALA C 39 -19.79 -27.14 -9.41
N LEU C 40 -18.87 -26.17 -9.53
CA LEU C 40 -18.03 -25.76 -8.37
CA LEU C 40 -18.04 -25.75 -8.36
C LEU C 40 -18.95 -25.21 -7.26
N SER C 41 -19.84 -24.27 -7.61
CA SER C 41 -20.76 -23.67 -6.59
C SER C 41 -21.57 -24.75 -5.86
N ASP C 42 -22.13 -25.70 -6.63
CA ASP C 42 -22.97 -26.81 -6.12
C ASP C 42 -22.15 -27.72 -5.22
N LEU C 43 -20.82 -27.74 -5.36
CA LEU C 43 -19.94 -28.56 -4.48
C LEU C 43 -19.49 -27.78 -3.25
N ASN C 44 -19.92 -26.54 -3.04
CA ASN C 44 -19.52 -25.77 -1.82
C ASN C 44 -20.41 -26.21 -0.64
N ARG C 45 -20.12 -27.40 -0.13
CA ARG C 45 -20.92 -28.04 0.94
CA ARG C 45 -20.93 -28.11 0.89
C ARG C 45 -19.96 -28.67 1.91
N PRO C 46 -20.33 -28.76 3.19
CA PRO C 46 -19.36 -29.16 4.21
C PRO C 46 -18.75 -30.55 4.00
N GLU C 47 -19.50 -31.47 3.38
CA GLU C 47 -19.07 -32.87 3.18
C GLU C 47 -18.14 -33.01 1.98
N ILE C 48 -17.94 -31.94 1.18
CA ILE C 48 -16.89 -31.94 0.10
C ILE C 48 -15.67 -31.21 0.64
N ARG C 49 -14.48 -31.81 0.50
CA ARG C 49 -13.27 -31.28 1.18
C ARG C 49 -12.18 -30.94 0.18
N CYS C 50 -12.23 -31.49 -1.02
CA CYS C 50 -11.20 -31.23 -2.04
C CYS C 50 -11.81 -31.43 -3.42
N ILE C 51 -11.37 -30.63 -4.38
CA ILE C 51 -11.81 -30.65 -5.78
C ILE C 51 -10.64 -31.02 -6.66
N ILE C 52 -10.89 -31.86 -7.67
CA ILE C 52 -9.90 -32.09 -8.76
C ILE C 52 -10.56 -31.60 -10.05
N LEU C 53 -9.85 -30.80 -10.84
CA LEU C 53 -10.27 -30.43 -12.22
C LEU C 53 -9.46 -31.27 -13.18
N ARG C 54 -10.09 -31.86 -14.19
CA ARG C 54 -9.37 -32.71 -15.17
C ARG C 54 -10.08 -32.66 -16.52
N ALA C 55 -9.30 -32.92 -17.56
CA ALA C 55 -9.80 -33.32 -18.88
C ALA C 55 -10.07 -34.82 -18.84
N PRO C 56 -10.94 -35.31 -19.74
CA PRO C 56 -11.12 -36.75 -19.86
C PRO C 56 -9.79 -37.50 -20.04
N SER C 57 -9.72 -38.66 -19.44
CA SER C 57 -8.64 -39.64 -19.62
C SER C 57 -8.33 -39.77 -21.12
N GLY C 58 -7.05 -39.65 -21.48
CA GLY C 58 -6.59 -39.82 -22.86
C GLY C 58 -6.56 -38.51 -23.63
N SER C 59 -7.00 -37.39 -23.06
CA SER C 59 -7.12 -36.13 -23.83
C SER C 59 -5.73 -35.73 -24.37
N LYS C 60 -5.68 -35.41 -25.66
CA LYS C 60 -4.48 -34.81 -26.25
C LYS C 60 -4.40 -33.35 -25.81
N VAL C 61 -5.53 -32.63 -25.82
CA VAL C 61 -5.55 -31.20 -25.43
C VAL C 61 -6.32 -31.10 -24.12
N PHE C 62 -5.68 -30.61 -23.06
CA PHE C 62 -6.37 -30.40 -21.76
C PHE C 62 -7.39 -29.27 -21.96
N SER C 63 -6.91 -28.11 -22.43
CA SER C 63 -7.73 -26.95 -22.83
C SER C 63 -6.97 -26.07 -23.83
N ALA C 64 -7.68 -25.68 -24.89
CA ALA C 64 -7.18 -24.80 -25.99
C ALA C 64 -7.21 -23.33 -25.60
N GLY C 65 -7.59 -22.99 -24.38
CA GLY C 65 -7.59 -21.58 -23.94
C GLY C 65 -8.75 -20.78 -24.50
N HIS C 66 -8.56 -19.47 -24.68
CA HIS C 66 -9.65 -18.54 -25.05
C HIS C 66 -10.33 -19.02 -26.33
N ASP C 67 -11.67 -18.91 -26.37
CA ASP C 67 -12.45 -19.16 -27.62
C ASP C 67 -12.31 -17.91 -28.51
N ILE C 68 -11.70 -17.98 -29.71
CA ILE C 68 -11.57 -16.77 -30.60
C ILE C 68 -12.95 -16.31 -31.04
N HIS C 69 -13.87 -17.24 -31.26
CA HIS C 69 -15.21 -16.97 -31.86
CA HIS C 69 -15.19 -16.94 -31.87
C HIS C 69 -16.05 -16.14 -30.88
N GLU C 70 -15.51 -15.84 -29.69
CA GLU C 70 -16.26 -15.11 -28.64
C GLU C 70 -15.58 -13.79 -28.29
N LEU C 71 -14.47 -13.41 -28.93
CA LEU C 71 -13.83 -12.10 -28.60
C LEU C 71 -14.57 -10.99 -29.35
N PRO C 72 -15.23 -10.03 -28.66
CA PRO C 72 -16.16 -9.10 -29.31
C PRO C 72 -15.44 -7.84 -29.83
N SER C 73 -15.05 -7.81 -31.11
CA SER C 73 -14.23 -6.74 -31.74
C SER C 73 -15.00 -5.42 -31.73
N GLY C 74 -14.46 -4.39 -32.37
CA GLY C 74 -14.73 -2.98 -32.01
C GLY C 74 -13.87 -2.60 -30.82
N GLY C 75 -12.80 -3.38 -30.56
CA GLY C 75 -11.76 -3.07 -29.57
C GLY C 75 -12.10 -3.52 -28.17
N ARG C 76 -13.39 -3.49 -27.78
CA ARG C 76 -13.94 -4.01 -26.50
C ARG C 76 -13.01 -5.05 -25.84
N ASP C 77 -12.57 -4.80 -24.61
CA ASP C 77 -11.58 -5.61 -23.83
C ASP C 77 -12.15 -6.99 -23.52
N PRO C 78 -11.63 -8.11 -24.09
CA PRO C 78 -12.13 -9.44 -23.78
C PRO C 78 -11.60 -9.97 -22.44
N LEU C 79 -10.75 -9.18 -21.77
CA LEU C 79 -10.21 -9.57 -20.44
C LEU C 79 -10.75 -8.58 -19.39
N SER C 80 -12.01 -8.19 -19.56
CA SER C 80 -12.74 -7.30 -18.63
C SER C 80 -13.19 -8.10 -17.39
N TYR C 81 -13.58 -7.39 -16.35
CA TYR C 81 -13.71 -7.96 -14.98
C TYR C 81 -14.67 -9.16 -15.00
N ASP C 82 -15.73 -9.10 -15.83
CA ASP C 82 -16.81 -10.14 -15.81
C ASP C 82 -16.73 -11.05 -17.04
N ASP C 83 -15.63 -11.05 -17.79
N ASP C 83 -15.62 -11.03 -17.79
CA ASP C 83 -15.47 -12.07 -18.84
CA ASP C 83 -15.25 -12.06 -18.79
C ASP C 83 -15.22 -13.41 -18.14
C ASP C 83 -15.25 -13.42 -18.09
N PRO C 84 -15.70 -14.53 -18.75
CA PRO C 84 -15.68 -15.85 -18.10
C PRO C 84 -14.35 -16.30 -17.47
N LEU C 85 -13.22 -16.11 -18.13
CA LEU C 85 -11.91 -16.54 -17.54
C LEU C 85 -11.60 -15.70 -16.28
N ARG C 86 -11.92 -14.41 -16.29
CA ARG C 86 -11.68 -13.53 -15.10
C ARG C 86 -12.59 -14.04 -13.96
N GLN C 87 -13.84 -14.43 -14.25
CA GLN C 87 -14.79 -14.91 -13.23
C GLN C 87 -14.30 -16.24 -12.62
N ILE C 88 -13.86 -17.18 -13.43
CA ILE C 88 -13.49 -18.53 -12.94
C ILE C 88 -12.17 -18.49 -12.15
N THR C 89 -11.21 -17.65 -12.52
CA THR C 89 -9.98 -17.54 -11.71
C THR C 89 -10.34 -16.94 -10.34
N ARG C 90 -11.18 -15.89 -10.26
CA ARG C 90 -11.60 -15.37 -8.93
C ARG C 90 -12.30 -16.47 -8.13
N MET C 91 -13.18 -17.24 -8.78
CA MET C 91 -14.01 -18.22 -8.06
C MET C 91 -13.09 -19.34 -7.53
N ILE C 92 -12.12 -19.77 -8.32
CA ILE C 92 -11.16 -20.84 -7.90
C ILE C 92 -10.35 -20.34 -6.72
N GLN C 93 -9.91 -19.08 -6.77
CA GLN C 93 -9.01 -18.52 -5.72
C GLN C 93 -9.80 -18.26 -4.44
N LYS C 94 -11.09 -17.97 -4.54
CA LYS C 94 -11.94 -17.65 -3.37
C LYS C 94 -12.62 -18.91 -2.78
N PHE C 95 -12.57 -20.02 -3.51
CA PHE C 95 -13.24 -21.29 -3.14
C PHE C 95 -12.60 -21.83 -1.87
N PRO C 96 -13.41 -22.07 -0.82
CA PRO C 96 -12.86 -22.42 0.49
C PRO C 96 -12.33 -23.86 0.63
N LYS C 97 -12.19 -24.58 -0.47
CA LYS C 97 -11.60 -25.94 -0.49
C LYS C 97 -10.44 -25.91 -1.46
N PRO C 98 -9.40 -26.73 -1.25
CA PRO C 98 -8.36 -26.86 -2.24
C PRO C 98 -8.91 -27.33 -3.58
N ILE C 99 -8.34 -26.79 -4.65
CA ILE C 99 -8.64 -27.17 -6.04
C ILE C 99 -7.34 -27.59 -6.67
N ILE C 100 -7.26 -28.85 -7.08
CA ILE C 100 -6.09 -29.45 -7.73
C ILE C 100 -6.39 -29.57 -9.20
N SER C 101 -5.49 -29.05 -10.01
CA SER C 101 -5.58 -29.26 -11.46
C SER C 101 -4.79 -30.51 -11.76
N MET C 102 -5.45 -31.52 -12.34
CA MET C 102 -4.84 -32.81 -12.67
C MET C 102 -4.73 -32.88 -14.18
N VAL C 103 -3.53 -32.65 -14.67
CA VAL C 103 -3.34 -32.28 -16.09
C VAL C 103 -2.84 -33.47 -16.91
N GLU C 104 -3.61 -33.81 -17.93
CA GLU C 104 -3.22 -34.69 -19.05
C GLU C 104 -3.42 -33.87 -20.34
N GLY C 105 -2.42 -33.82 -21.22
CA GLY C 105 -2.55 -33.14 -22.51
C GLY C 105 -1.90 -31.77 -22.50
N SER C 106 -2.13 -30.99 -23.54
CA SER C 106 -1.55 -29.65 -23.76
C SER C 106 -2.44 -28.56 -23.19
N VAL C 107 -1.82 -27.61 -22.52
CA VAL C 107 -2.48 -26.48 -21.81
C VAL C 107 -2.11 -25.18 -22.50
N TRP C 108 -3.08 -24.35 -22.90
CA TRP C 108 -2.80 -23.16 -23.75
C TRP C 108 -3.39 -21.91 -23.12
N GLY C 109 -2.58 -20.86 -23.06
CA GLY C 109 -3.05 -19.48 -22.85
C GLY C 109 -3.91 -19.32 -21.62
N GLY C 110 -5.16 -18.88 -21.79
CA GLY C 110 -6.07 -18.63 -20.66
C GLY C 110 -6.22 -19.87 -19.81
N ALA C 111 -6.09 -21.06 -20.37
CA ALA C 111 -6.21 -22.33 -19.59
C ALA C 111 -4.96 -22.52 -18.74
N PHE C 112 -3.85 -21.93 -19.15
CA PHE C 112 -2.62 -21.96 -18.33
C PHE C 112 -2.82 -21.04 -17.12
N GLU C 113 -3.32 -19.85 -17.37
CA GLU C 113 -3.69 -18.94 -16.26
C GLU C 113 -4.68 -19.66 -15.33
N MET C 114 -5.70 -20.33 -15.88
CA MET C 114 -6.71 -21.04 -15.06
C MET C 114 -6.03 -22.03 -14.12
N ILE C 115 -5.14 -22.92 -14.61
CA ILE C 115 -4.49 -23.94 -13.74
C ILE C 115 -3.52 -23.26 -12.79
N MET C 116 -2.92 -22.13 -13.17
CA MET C 116 -1.99 -21.42 -12.25
C MET C 116 -2.78 -20.85 -11.08
N SER C 117 -4.05 -20.46 -11.30
CA SER C 117 -4.93 -19.87 -10.27
CA SER C 117 -4.85 -19.87 -10.23
C SER C 117 -5.33 -20.94 -9.24
N SER C 118 -5.29 -22.21 -9.63
CA SER C 118 -5.64 -23.34 -8.74
C SER C 118 -4.52 -23.59 -7.72
N ASP C 119 -4.76 -24.42 -6.74
CA ASP C 119 -3.92 -24.55 -5.51
C ASP C 119 -2.71 -25.45 -5.74
N LEU C 120 -2.89 -26.55 -6.46
CA LEU C 120 -1.81 -27.53 -6.76
C LEU C 120 -2.01 -27.98 -8.21
N ILE C 121 -0.92 -28.31 -8.87
CA ILE C 121 -0.97 -28.84 -10.25
C ILE C 121 -0.17 -30.13 -10.23
N ILE C 122 -0.83 -31.21 -10.63
CA ILE C 122 -0.19 -32.53 -10.77
C ILE C 122 -0.38 -32.92 -12.22
N ALA C 123 0.71 -33.27 -12.91
CA ALA C 123 0.65 -33.41 -14.38
C ALA C 123 1.27 -34.73 -14.84
N ALA C 124 0.78 -35.20 -15.98
CA ALA C 124 1.37 -36.31 -16.75
C ALA C 124 2.71 -35.88 -17.33
N SER C 125 3.63 -36.85 -17.41
CA SER C 125 4.99 -36.64 -17.94
C SER C 125 4.93 -36.14 -19.39
N THR C 126 3.84 -36.33 -20.15
CA THR C 126 3.68 -35.93 -21.58
C THR C 126 2.93 -34.60 -21.73
N SER C 127 2.44 -34.02 -20.64
CA SER C 127 1.69 -32.74 -20.72
C SER C 127 2.65 -31.61 -21.10
N THR C 128 2.12 -30.57 -21.73
CA THR C 128 2.87 -29.38 -22.18
C THR C 128 2.10 -28.11 -21.90
N PHE C 129 2.80 -26.99 -21.78
CA PHE C 129 2.27 -25.73 -21.21
C PHE C 129 2.78 -24.56 -22.04
N SER C 130 1.87 -23.70 -22.50
CA SER C 130 2.24 -22.44 -23.21
CA SER C 130 2.20 -22.47 -23.27
C SER C 130 1.33 -21.30 -22.79
N MET C 131 1.91 -20.11 -22.76
CA MET C 131 1.16 -18.85 -22.53
C MET C 131 1.22 -18.05 -23.84
N THR C 132 0.07 -17.70 -24.42
CA THR C 132 0.01 -17.37 -25.87
C THR C 132 -0.43 -15.96 -26.24
N PRO C 133 -0.70 -14.96 -25.37
CA PRO C 133 -1.23 -13.68 -25.84
C PRO C 133 -0.35 -12.99 -26.89
N VAL C 134 0.98 -13.19 -26.89
CA VAL C 134 1.83 -12.45 -27.85
C VAL C 134 1.69 -13.07 -29.25
N ASN C 135 1.09 -14.24 -29.39
CA ASN C 135 0.78 -14.79 -30.75
C ASN C 135 -0.35 -13.98 -31.39
N LEU C 136 -1.23 -13.37 -30.60
CA LEU C 136 -2.46 -12.69 -31.11
C LEU C 136 -2.36 -11.15 -30.98
N GLY C 137 -1.43 -10.61 -30.22
CA GLY C 137 -1.33 -9.16 -29.96
C GLY C 137 -2.28 -8.72 -28.86
N VAL C 138 -2.62 -9.63 -27.94
CA VAL C 138 -3.54 -9.32 -26.83
C VAL C 138 -2.77 -8.61 -25.71
N PRO C 139 -3.27 -7.46 -25.21
CA PRO C 139 -2.74 -6.85 -24.00
C PRO C 139 -3.34 -7.52 -22.76
N TYR C 140 -2.70 -8.58 -22.28
CA TYR C 140 -3.23 -9.38 -21.14
C TYR C 140 -3.38 -8.45 -19.93
N ASN C 141 -4.39 -8.61 -19.12
CA ASN C 141 -4.69 -7.64 -18.03
C ASN C 141 -3.78 -7.86 -16.81
N LEU C 142 -3.70 -6.85 -15.97
CA LEU C 142 -2.81 -6.83 -14.77
C LEU C 142 -3.11 -8.06 -13.88
N VAL C 143 -4.38 -8.29 -13.54
CA VAL C 143 -4.72 -9.39 -12.59
C VAL C 143 -4.29 -10.73 -13.22
N GLY C 144 -4.57 -10.90 -14.50
CA GLY C 144 -4.23 -12.13 -15.23
C GLY C 144 -2.73 -12.35 -15.20
N ILE C 145 -1.94 -11.31 -15.45
CA ILE C 145 -0.44 -11.42 -15.42
C ILE C 145 0.02 -11.74 -14.01
N HIS C 146 -0.54 -11.07 -13.01
CA HIS C 146 -0.19 -11.28 -11.57
CA HIS C 146 -0.18 -11.29 -11.58
C HIS C 146 -0.40 -12.76 -11.22
N ASN C 147 -1.48 -13.37 -11.74
CA ASN C 147 -1.80 -14.79 -11.49
C ASN C 147 -0.66 -15.70 -11.98
N LEU C 148 0.19 -15.24 -12.89
CA LEU C 148 1.30 -16.06 -13.46
C LEU C 148 2.64 -15.89 -12.73
N THR C 149 2.74 -15.08 -11.69
CA THR C 149 4.03 -14.58 -11.12
C THR C 149 4.31 -15.18 -9.73
N ARG C 150 3.46 -16.09 -9.23
CA ARG C 150 3.59 -16.54 -7.83
C ARG C 150 4.34 -17.88 -7.70
N ASP C 151 4.81 -18.48 -8.80
CA ASP C 151 5.40 -19.85 -8.80
C ASP C 151 6.82 -19.79 -9.35
N ALA C 152 7.03 -19.54 -10.61
CA ALA C 152 8.37 -19.36 -11.22
C ALA C 152 8.80 -17.89 -11.11
N GLY C 153 10.10 -17.66 -11.25
CA GLY C 153 10.72 -16.33 -11.15
C GLY C 153 10.41 -15.45 -12.35
N PHE C 154 10.70 -14.16 -12.25
CA PHE C 154 10.40 -13.18 -13.31
C PHE C 154 11.07 -13.58 -14.63
N HIS C 155 12.36 -13.90 -14.65
CA HIS C 155 13.02 -14.18 -15.95
C HIS C 155 12.28 -15.34 -16.63
N ILE C 156 11.92 -16.36 -15.87
CA ILE C 156 11.26 -17.57 -16.46
C ILE C 156 9.90 -17.16 -17.03
N VAL C 157 9.11 -16.43 -16.26
CA VAL C 157 7.76 -15.97 -16.69
C VAL C 157 7.89 -15.14 -17.98
N LYS C 158 8.86 -14.25 -18.05
CA LYS C 158 9.08 -13.43 -19.26
C LYS C 158 9.46 -14.31 -20.44
N GLU C 159 10.28 -15.33 -20.24
CA GLU C 159 10.60 -16.27 -21.34
C GLU C 159 9.29 -16.93 -21.82
N LEU C 160 8.47 -17.44 -20.92
CA LEU C 160 7.23 -18.17 -21.28
CA LEU C 160 7.23 -18.16 -21.27
C LEU C 160 6.31 -17.22 -22.08
N ILE C 161 6.15 -16.00 -21.63
CA ILE C 161 5.20 -15.06 -22.24
C ILE C 161 5.77 -14.47 -23.54
N PHE C 162 7.04 -14.10 -23.57
CA PHE C 162 7.60 -13.40 -24.76
C PHE C 162 7.83 -14.42 -25.88
N THR C 163 8.15 -15.66 -25.58
CA THR C 163 8.33 -16.70 -26.64
C THR C 163 7.02 -17.33 -27.03
N ALA C 164 6.02 -17.38 -26.16
CA ALA C 164 4.83 -18.23 -26.33
C ALA C 164 5.23 -19.67 -26.72
N SER C 165 6.40 -20.15 -26.36
CA SER C 165 6.82 -21.53 -26.69
C SER C 165 6.35 -22.48 -25.59
N PRO C 166 5.98 -23.71 -25.99
CA PRO C 166 5.57 -24.72 -25.05
C PRO C 166 6.75 -25.22 -24.23
N ILE C 167 6.48 -25.49 -22.95
CA ILE C 167 7.49 -26.15 -22.09
C ILE C 167 6.97 -27.51 -21.66
N THR C 168 7.93 -28.39 -21.42
CA THR C 168 7.64 -29.77 -21.00
C THR C 168 7.16 -29.75 -19.54
N ALA C 169 6.51 -30.82 -19.13
CA ALA C 169 6.17 -31.06 -17.71
C ALA C 169 7.44 -31.05 -16.88
N GLN C 170 8.53 -31.60 -17.39
CA GLN C 170 9.77 -31.72 -16.61
C GLN C 170 10.32 -30.33 -16.32
N ARG C 171 10.25 -29.44 -17.29
CA ARG C 171 10.78 -28.08 -17.10
C ARG C 171 9.81 -27.34 -16.20
N ALA C 172 8.51 -27.50 -16.41
CA ALA C 172 7.53 -26.82 -15.53
C ALA C 172 7.75 -27.22 -14.07
N LEU C 173 8.10 -28.48 -13.79
CA LEU C 173 8.41 -28.94 -12.41
C LEU C 173 9.67 -28.22 -11.93
N ALA C 174 10.70 -28.18 -12.77
CA ALA C 174 12.02 -27.66 -12.38
C ALA C 174 11.91 -26.18 -11.99
N VAL C 175 11.07 -25.40 -12.66
CA VAL C 175 11.02 -23.93 -12.46
C VAL C 175 9.98 -23.59 -11.38
N GLY C 176 9.23 -24.55 -10.86
CA GLY C 176 8.32 -24.37 -9.71
C GLY C 176 6.87 -24.13 -10.10
N ILE C 177 6.47 -24.32 -11.35
CA ILE C 177 5.05 -24.21 -11.78
C ILE C 177 4.24 -25.43 -11.29
N LEU C 178 4.79 -26.64 -11.35
CA LEU C 178 4.06 -27.91 -11.02
C LEU C 178 4.47 -28.41 -9.65
N ASN C 179 3.56 -29.11 -8.97
CA ASN C 179 3.90 -29.80 -7.71
C ASN C 179 4.61 -31.14 -8.03
N HIS C 180 4.01 -31.95 -8.93
CA HIS C 180 4.45 -33.34 -9.24
C HIS C 180 4.22 -33.63 -10.71
N VAL C 181 5.15 -34.40 -11.28
CA VAL C 181 5.00 -35.00 -12.63
C VAL C 181 5.01 -36.53 -12.44
N VAL C 182 4.01 -37.22 -12.97
CA VAL C 182 3.94 -38.69 -12.85
C VAL C 182 3.67 -39.28 -14.24
N GLU C 183 3.99 -40.55 -14.43
CA GLU C 183 3.55 -41.30 -15.65
C GLU C 183 2.03 -41.25 -15.78
N VAL C 184 1.49 -41.18 -16.99
CA VAL C 184 0.03 -40.92 -17.17
C VAL C 184 -0.76 -42.03 -16.48
N GLU C 185 -0.24 -43.25 -16.45
CA GLU C 185 -0.99 -44.42 -15.88
CA GLU C 185 -1.05 -44.39 -15.89
C GLU C 185 -1.16 -44.23 -14.36
N GLU C 186 -0.33 -43.41 -13.72
CA GLU C 186 -0.33 -43.19 -12.24
C GLU C 186 -1.07 -41.88 -11.88
N LEU C 187 -1.49 -41.10 -12.86
CA LEU C 187 -1.96 -39.71 -12.61
C LEU C 187 -3.19 -39.74 -11.70
N GLU C 188 -4.22 -40.57 -11.97
CA GLU C 188 -5.42 -40.61 -11.11
C GLU C 188 -5.07 -41.11 -9.71
N ASP C 189 -4.27 -42.17 -9.58
CA ASP C 189 -3.95 -42.78 -8.27
C ASP C 189 -3.23 -41.73 -7.43
N PHE C 190 -2.18 -41.12 -7.98
CA PHE C 190 -1.31 -40.15 -7.25
C PHE C 190 -2.19 -39.00 -6.77
N THR C 191 -3.01 -38.45 -7.68
CA THR C 191 -3.82 -37.24 -7.42
C THR C 191 -4.87 -37.55 -6.36
N LEU C 192 -5.60 -38.66 -6.51
CA LEU C 192 -6.69 -39.01 -5.57
C LEU C 192 -6.09 -39.36 -4.23
N GLN C 193 -4.93 -40.04 -4.17
CA GLN C 193 -4.36 -40.35 -2.85
C GLN C 193 -4.10 -39.02 -2.09
N MET C 194 -3.55 -38.01 -2.74
CA MET C 194 -3.27 -36.70 -2.10
C MET C 194 -4.59 -36.04 -1.74
N ALA C 195 -5.57 -36.05 -2.64
CA ALA C 195 -6.86 -35.37 -2.37
C ALA C 195 -7.54 -36.00 -1.18
N HIS C 196 -7.53 -37.34 -1.10
CA HIS C 196 -8.13 -38.05 0.06
CA HIS C 196 -8.11 -38.06 0.06
C HIS C 196 -7.38 -37.66 1.34
N HIS C 197 -6.07 -37.57 1.28
CA HIS C 197 -5.26 -37.23 2.47
C HIS C 197 -5.63 -35.82 2.96
N ILE C 198 -5.69 -34.87 2.04
CA ILE C 198 -6.10 -33.47 2.33
C ILE C 198 -7.49 -33.46 2.97
N SER C 199 -8.35 -34.36 2.54
CA SER C 199 -9.75 -34.40 3.00
C SER C 199 -9.86 -34.90 4.45
N GLU C 200 -8.80 -35.47 5.02
CA GLU C 200 -8.86 -35.83 6.46
CA GLU C 200 -8.73 -35.87 6.45
C GLU C 200 -8.37 -34.67 7.33
N LYS C 201 -7.93 -33.55 6.73
CA LYS C 201 -7.40 -32.40 7.52
C LYS C 201 -8.52 -31.43 7.87
N ALA C 202 -8.20 -30.43 8.70
CA ALA C 202 -9.19 -29.50 9.26
C ALA C 202 -9.64 -28.51 8.19
N PRO C 203 -10.87 -28.62 7.66
CA PRO C 203 -11.28 -27.81 6.50
C PRO C 203 -11.33 -26.31 6.81
N LEU C 204 -11.72 -25.90 8.02
CA LEU C 204 -11.83 -24.45 8.35
C LEU C 204 -10.41 -23.84 8.43
N ALA C 205 -9.42 -24.59 8.89
CA ALA C 205 -8.01 -24.14 8.89
C ALA C 205 -7.50 -24.02 7.46
N ILE C 206 -7.80 -25.02 6.64
CA ILE C 206 -7.39 -25.01 5.21
C ILE C 206 -8.02 -23.77 4.57
N ALA C 207 -9.32 -23.51 4.78
CA ALA C 207 -10.02 -22.40 4.11
C ALA C 207 -9.37 -21.06 4.48
N VAL C 208 -9.14 -20.82 5.76
CA VAL C 208 -8.67 -19.48 6.18
C VAL C 208 -7.22 -19.29 5.72
N ILE C 209 -6.40 -20.34 5.76
CA ILE C 209 -5.00 -20.23 5.28
C ILE C 209 -5.01 -19.96 3.76
N LYS C 210 -5.86 -20.65 2.99
CA LYS C 210 -5.98 -20.40 1.54
C LYS C 210 -6.32 -18.91 1.30
N GLU C 211 -7.25 -18.37 2.08
CA GLU C 211 -7.73 -16.97 1.92
C GLU C 211 -6.62 -16.01 2.35
N GLU C 212 -5.79 -16.37 3.34
CA GLU C 212 -4.63 -15.56 3.80
C GLU C 212 -3.63 -15.50 2.66
N LEU C 213 -3.37 -16.63 2.02
CA LEU C 213 -2.45 -16.67 0.88
C LEU C 213 -3.02 -15.84 -0.28
N ARG C 214 -4.31 -15.95 -0.52
CA ARG C 214 -4.94 -15.21 -1.64
C ARG C 214 -4.71 -13.71 -1.41
N VAL C 215 -5.04 -13.20 -0.22
CA VAL C 215 -4.92 -11.75 0.05
C VAL C 215 -3.44 -11.33 0.03
N LEU C 216 -2.53 -12.12 0.56
CA LEU C 216 -1.07 -11.79 0.51
C LEU C 216 -0.62 -11.78 -0.94
N GLY C 217 -1.11 -12.73 -1.74
CA GLY C 217 -0.70 -12.78 -3.15
C GLY C 217 -1.21 -11.56 -3.92
N GLU C 218 -2.34 -11.01 -3.53
CA GLU C 218 -2.92 -9.83 -4.23
C GLU C 218 -2.35 -8.52 -3.70
N ALA C 219 -1.61 -8.56 -2.59
CA ALA C 219 -1.24 -7.35 -1.80
C ALA C 219 -0.01 -6.65 -2.42
N HIS C 220 -0.02 -6.47 -3.73
CA HIS C 220 0.92 -5.62 -4.50
C HIS C 220 0.11 -4.39 -4.88
N THR C 221 0.32 -3.26 -4.22
CA THR C 221 -0.61 -2.11 -4.32
C THR C 221 0.07 -0.98 -5.09
N MET C 222 -0.75 -0.21 -5.81
CA MET C 222 -0.31 0.92 -6.65
CA MET C 222 -0.29 0.94 -6.62
C MET C 222 -1.32 2.05 -6.53
N ASN C 223 -0.94 3.27 -6.93
CA ASN C 223 -1.89 4.40 -6.88
C ASN C 223 -2.79 4.39 -8.13
N SER C 224 -3.86 5.19 -8.09
CA SER C 224 -4.86 5.28 -9.18
C SER C 224 -4.16 5.75 -10.46
N ASP C 225 -3.19 6.65 -10.37
CA ASP C 225 -2.57 7.20 -11.59
C ASP C 225 -1.87 6.06 -12.34
N GLU C 226 -1.17 5.18 -11.63
CA GLU C 226 -0.39 4.10 -12.27
C GLU C 226 -1.37 3.13 -12.96
N PHE C 227 -2.47 2.76 -12.32
CA PHE C 227 -3.52 1.89 -12.90
CA PHE C 227 -3.48 1.87 -12.92
C PHE C 227 -4.07 2.53 -14.18
N GLU C 228 -4.42 3.82 -14.10
CA GLU C 228 -5.04 4.52 -15.26
C GLU C 228 -4.02 4.56 -16.40
N ARG C 229 -2.74 4.81 -16.08
CA ARG C 229 -1.66 4.81 -17.11
C ARG C 229 -1.63 3.45 -17.84
N ILE C 230 -1.52 2.37 -17.10
CA ILE C 230 -1.50 0.99 -17.67
C ILE C 230 -2.77 0.77 -18.50
N GLN C 231 -3.92 1.20 -18.03
CA GLN C 231 -5.21 1.02 -18.78
CA GLN C 231 -5.16 0.96 -18.82
C GLN C 231 -5.11 1.74 -20.13
N GLY C 232 -4.51 2.93 -20.13
CA GLY C 232 -4.29 3.68 -21.37
C GLY C 232 -3.42 2.89 -22.33
N MET C 233 -2.36 2.29 -21.84
CA MET C 233 -1.45 1.48 -22.70
C MET C 233 -2.21 0.26 -23.25
N ARG C 234 -2.96 -0.44 -22.42
CA ARG C 234 -3.81 -1.58 -22.85
C ARG C 234 -4.77 -1.15 -23.95
N ARG C 235 -5.45 -0.02 -23.80
CA ARG C 235 -6.43 0.47 -24.78
CA ARG C 235 -6.45 0.41 -24.80
C ARG C 235 -5.72 0.69 -26.13
N ALA C 236 -4.54 1.30 -26.09
CA ALA C 236 -3.69 1.54 -27.30
C ALA C 236 -3.37 0.23 -28.00
N VAL C 237 -3.10 -0.86 -27.26
CA VAL C 237 -2.85 -2.17 -27.92
C VAL C 237 -4.15 -2.67 -28.54
N TYR C 238 -5.26 -2.63 -27.83
CA TYR C 238 -6.58 -3.06 -28.38
C TYR C 238 -6.99 -2.24 -29.62
N ASP C 239 -6.59 -0.98 -29.71
CA ASP C 239 -6.92 -0.12 -30.87
C ASP C 239 -5.93 -0.35 -32.02
N SER C 240 -4.91 -1.23 -31.88
CA SER C 240 -3.77 -1.29 -32.82
C SER C 240 -4.15 -2.06 -34.09
N GLU C 241 -3.47 -1.81 -35.19
CA GLU C 241 -3.57 -2.69 -36.39
C GLU C 241 -3.06 -4.09 -36.05
N ASP C 242 -1.98 -4.20 -35.27
CA ASP C 242 -1.44 -5.54 -34.89
C ASP C 242 -2.49 -6.41 -34.22
N TYR C 243 -3.33 -5.84 -33.34
CA TYR C 243 -4.33 -6.66 -32.64
C TYR C 243 -5.29 -7.26 -33.68
N GLN C 244 -5.72 -6.47 -34.67
CA GLN C 244 -6.66 -6.98 -35.73
C GLN C 244 -5.98 -8.10 -36.50
N GLU C 245 -4.71 -7.89 -36.85
CA GLU C 245 -3.87 -8.84 -37.62
C GLU C 245 -3.75 -10.14 -36.81
N GLY C 246 -3.48 -10.02 -35.51
CA GLY C 246 -3.33 -11.21 -34.67
C GLY C 246 -4.59 -12.04 -34.66
N MET C 247 -5.76 -11.41 -34.53
CA MET C 247 -7.04 -12.17 -34.46
C MET C 247 -7.37 -12.74 -35.84
N ASN C 248 -7.23 -11.94 -36.90
CA ASN C 248 -7.54 -12.38 -38.29
C ASN C 248 -6.63 -13.55 -38.65
N ALA C 249 -5.33 -13.46 -38.39
CA ALA C 249 -4.38 -14.58 -38.66
C ALA C 249 -4.79 -15.86 -37.92
N PHE C 250 -5.23 -15.78 -36.66
CA PHE C 250 -5.66 -16.97 -35.91
C PHE C 250 -6.88 -17.60 -36.65
N LEU C 251 -7.88 -16.78 -36.95
CA LEU C 251 -9.12 -17.24 -37.68
C LEU C 251 -8.79 -17.81 -39.08
N GLU C 252 -7.82 -17.24 -39.80
CA GLU C 252 -7.45 -17.66 -41.18
C GLU C 252 -6.38 -18.74 -41.13
N LYS C 253 -6.00 -19.24 -39.96
CA LYS C 253 -4.96 -20.28 -39.79
C LYS C 253 -3.69 -19.92 -40.58
N ARG C 254 -3.17 -18.70 -40.39
CA ARG C 254 -1.96 -18.21 -41.09
C ARG C 254 -1.07 -17.52 -40.07
N LYS C 255 0.21 -17.35 -40.40
CA LYS C 255 1.19 -16.67 -39.54
C LYS C 255 0.91 -15.17 -39.56
N PRO C 256 0.73 -14.51 -38.37
CA PRO C 256 0.58 -13.05 -38.36
C PRO C 256 1.89 -12.36 -38.74
N ASN C 257 1.77 -11.21 -39.40
CA ASN C 257 2.86 -10.25 -39.68
C ASN C 257 2.62 -9.01 -38.84
N PHE C 258 3.28 -8.88 -37.70
CA PHE C 258 3.13 -7.72 -36.79
C PHE C 258 4.10 -6.61 -37.21
N VAL C 259 3.67 -5.36 -37.11
CA VAL C 259 4.44 -4.18 -37.59
C VAL C 259 4.63 -3.13 -36.50
N GLY C 260 4.07 -3.28 -35.28
CA GLY C 260 4.39 -2.33 -34.17
C GLY C 260 3.50 -1.10 -34.13
N HIS C 261 2.31 -1.17 -34.72
CA HIS C 261 1.23 -0.17 -34.60
C HIS C 261 -0.11 -0.86 -34.83
N ALA D 2 2.99 33.72 -28.81
CA ALA D 2 1.60 34.02 -29.16
C ALA D 2 0.79 32.71 -29.15
N TYR D 3 -0.44 32.77 -28.67
CA TYR D 3 -1.32 31.59 -28.57
C TYR D 3 -2.67 32.05 -29.09
N GLN D 4 -3.42 31.18 -29.74
CA GLN D 4 -4.79 31.53 -30.21
C GLN D 4 -5.77 31.63 -29.04
N TYR D 5 -5.66 30.76 -28.03
CA TYR D 5 -6.73 30.60 -27.00
C TYR D 5 -6.31 31.08 -25.61
N VAL D 6 -5.09 31.56 -25.43
CA VAL D 6 -4.70 32.21 -24.15
C VAL D 6 -3.85 33.43 -24.46
N ASN D 7 -3.74 34.31 -23.46
CA ASN D 7 -2.85 35.49 -23.47
C ASN D 7 -1.94 35.43 -22.25
N VAL D 8 -0.64 35.61 -22.44
CA VAL D 8 0.31 35.52 -21.30
C VAL D 8 0.95 36.88 -21.08
N VAL D 9 0.92 37.38 -19.84
CA VAL D 9 1.73 38.56 -19.42
C VAL D 9 2.65 38.15 -18.30
N THR D 10 3.94 38.44 -18.40
CA THR D 10 4.91 38.20 -17.30
C THR D 10 5.40 39.55 -16.80
N ILE D 11 5.37 39.78 -15.49
CA ILE D 11 6.10 40.96 -14.94
C ILE D 11 7.04 40.43 -13.89
N ASN D 12 8.34 40.60 -14.13
CA ASN D 12 9.36 40.15 -13.16
C ASN D 12 9.27 38.63 -13.15
N LYS D 13 8.90 38.05 -12.03
CA LYS D 13 8.98 36.58 -11.85
C LYS D 13 7.58 35.96 -11.87
N VAL D 14 6.53 36.75 -12.17
CA VAL D 14 5.14 36.22 -12.11
C VAL D 14 4.59 36.21 -13.53
N ALA D 15 3.96 35.10 -13.94
CA ALA D 15 3.28 35.00 -15.24
C ALA D 15 1.79 34.81 -15.03
N VAL D 16 0.98 35.57 -15.74
CA VAL D 16 -0.49 35.46 -15.72
C VAL D 16 -0.92 34.85 -17.06
N ILE D 17 -1.56 33.69 -17.00
CA ILE D 17 -2.15 33.05 -18.18
C ILE D 17 -3.64 33.33 -18.16
N GLU D 18 -4.11 34.14 -19.10
CA GLU D 18 -5.52 34.54 -19.18
C GLU D 18 -6.21 33.75 -20.29
N PHE D 19 -7.37 33.20 -20.00
CA PHE D 19 -8.13 32.42 -21.02
C PHE D 19 -8.55 33.42 -22.13
N ASN D 20 -8.54 32.97 -23.37
CA ASN D 20 -9.07 33.76 -24.50
C ASN D 20 -9.97 32.83 -25.32
N TYR D 21 -11.01 32.30 -24.70
CA TYR D 21 -11.95 31.33 -25.34
C TYR D 21 -13.34 31.64 -24.89
N GLY D 22 -13.61 32.93 -24.61
CA GLY D 22 -14.92 33.36 -24.08
C GLY D 22 -16.09 33.04 -24.99
N ARG D 23 -15.88 32.96 -26.29
CA ARG D 23 -16.99 32.70 -27.24
C ARG D 23 -17.54 31.30 -27.00
N LYS D 24 -16.80 30.42 -26.31
CA LYS D 24 -17.31 29.10 -25.85
C LYS D 24 -17.24 28.97 -24.32
N LEU D 25 -17.30 30.09 -23.60
CA LEU D 25 -17.28 30.13 -22.11
C LEU D 25 -16.09 29.35 -21.56
N ASN D 26 -14.97 29.37 -22.24
CA ASN D 26 -13.68 28.74 -21.83
C ASN D 26 -13.93 27.26 -21.53
N ALA D 27 -14.82 26.62 -22.30
CA ALA D 27 -15.05 25.17 -22.28
C ALA D 27 -13.70 24.51 -22.53
N LEU D 28 -13.48 23.37 -21.90
CA LEU D 28 -12.19 22.66 -21.95
C LEU D 28 -12.09 21.84 -23.23
N SER D 29 -12.24 22.48 -24.39
CA SER D 29 -11.98 21.89 -25.74
CA SER D 29 -12.00 21.83 -25.71
C SER D 29 -10.50 21.51 -25.83
N LYS D 30 -10.17 20.45 -26.57
CA LYS D 30 -8.76 20.07 -26.80
C LYS D 30 -7.90 21.27 -27.26
N VAL D 31 -8.39 22.11 -28.19
CA VAL D 31 -7.56 23.20 -28.75
C VAL D 31 -7.18 24.19 -27.62
N PHE D 32 -8.08 24.44 -26.68
CA PHE D 32 -7.87 25.39 -25.56
C PHE D 32 -6.89 24.77 -24.58
N ILE D 33 -7.10 23.51 -24.18
CA ILE D 33 -6.19 22.84 -23.21
C ILE D 33 -4.80 22.69 -23.82
N ASP D 34 -4.68 22.37 -25.12
CA ASP D 34 -3.34 22.21 -25.71
C ASP D 34 -2.64 23.58 -25.65
N ASP D 35 -3.35 24.70 -25.80
CA ASP D 35 -2.70 26.03 -25.74
C ASP D 35 -2.28 26.38 -24.32
N LEU D 36 -3.12 26.09 -23.34
CA LEU D 36 -2.82 26.27 -21.89
C LEU D 36 -1.57 25.46 -21.55
N MET D 37 -1.48 24.21 -22.02
CA MET D 37 -0.31 23.36 -21.69
C MET D 37 0.94 23.89 -22.42
N GLN D 38 0.82 24.36 -23.64
CA GLN D 38 2.01 24.90 -24.34
C GLN D 38 2.53 26.16 -23.61
N ALA D 39 1.62 27.02 -23.18
CA ALA D 39 1.92 28.27 -22.45
C ALA D 39 2.58 27.93 -21.11
N LEU D 40 2.08 26.94 -20.35
CA LEU D 40 2.75 26.50 -19.09
C LEU D 40 4.14 25.99 -19.41
N SER D 41 4.27 25.09 -20.39
CA SER D 41 5.59 24.54 -20.74
C SER D 41 6.55 25.67 -21.13
N ASP D 42 6.11 26.64 -21.93
CA ASP D 42 6.96 27.80 -22.34
C ASP D 42 7.41 28.59 -21.09
N LEU D 43 6.65 28.56 -19.99
CA LEU D 43 6.95 29.34 -18.74
C LEU D 43 7.80 28.53 -17.76
N ASN D 44 8.15 27.29 -18.10
CA ASN D 44 9.00 26.44 -17.21
C ASN D 44 10.47 26.84 -17.38
N ARG D 45 10.80 28.00 -16.84
CA ARG D 45 12.12 28.66 -16.97
C ARG D 45 12.52 29.22 -15.61
N PRO D 46 13.83 29.30 -15.33
CA PRO D 46 14.29 29.66 -13.99
C PRO D 46 13.82 31.03 -13.47
N GLU D 47 13.67 31.99 -14.38
CA GLU D 47 13.31 33.38 -14.01
C GLU D 47 11.80 33.50 -13.75
N ILE D 48 10.98 32.48 -14.08
CA ILE D 48 9.53 32.48 -13.75
C ILE D 48 9.36 31.70 -12.46
N ARG D 49 8.66 32.26 -11.48
CA ARG D 49 8.61 31.66 -10.12
C ARG D 49 7.18 31.35 -9.66
N CYS D 50 6.17 31.93 -10.30
CA CYS D 50 4.75 31.72 -9.88
C CYS D 50 3.84 32.00 -11.06
N ILE D 51 2.81 31.16 -11.22
CA ILE D 51 1.83 31.26 -12.32
C ILE D 51 0.49 31.60 -11.73
N ILE D 52 -0.27 32.45 -12.42
CA ILE D 52 -1.70 32.69 -12.14
C ILE D 52 -2.50 32.25 -13.34
N LEU D 53 -3.58 31.52 -13.13
CA LEU D 53 -4.55 31.18 -14.19
C LEU D 53 -5.77 32.04 -13.95
N ARG D 54 -6.28 32.70 -14.98
CA ARG D 54 -7.50 33.54 -14.81
C ARG D 54 -8.32 33.58 -16.10
N ALA D 55 -9.59 33.91 -15.95
CA ALA D 55 -10.48 34.34 -17.04
C ALA D 55 -10.37 35.86 -17.17
N PRO D 56 -10.73 36.41 -18.35
CA PRO D 56 -10.77 37.86 -18.50
C PRO D 56 -11.61 38.55 -17.43
N SER D 57 -11.18 39.78 -17.05
CA SER D 57 -11.93 40.71 -16.16
CA SER D 57 -11.94 40.63 -16.11
C SER D 57 -13.37 40.82 -16.65
N GLY D 58 -14.35 40.68 -15.78
CA GLY D 58 -15.79 40.82 -16.09
C GLY D 58 -16.45 39.52 -16.51
N SER D 59 -15.70 38.40 -16.60
CA SER D 59 -16.27 37.09 -17.04
C SER D 59 -17.42 36.68 -16.13
N LYS D 60 -18.54 36.31 -16.72
CA LYS D 60 -19.67 35.71 -15.97
C LYS D 60 -19.34 34.25 -15.69
N VAL D 61 -18.68 33.58 -16.62
CA VAL D 61 -18.35 32.14 -16.57
C VAL D 61 -16.82 32.06 -16.62
N PHE D 62 -16.23 31.54 -15.56
CA PHE D 62 -14.78 31.28 -15.53
C PHE D 62 -14.45 30.18 -16.56
N SER D 63 -15.11 29.01 -16.46
CA SER D 63 -15.04 27.91 -17.44
C SER D 63 -16.30 27.06 -17.32
N ALA D 64 -16.87 26.75 -18.47
CA ALA D 64 -18.04 25.88 -18.64
C ALA D 64 -17.68 24.39 -18.46
N GLY D 65 -16.42 24.06 -18.24
CA GLY D 65 -16.00 22.67 -18.02
C GLY D 65 -15.90 21.92 -19.33
N HIS D 66 -16.13 20.62 -19.30
CA HIS D 66 -15.98 19.74 -20.49
C HIS D 66 -16.79 20.26 -21.65
N ASP D 67 -16.14 20.26 -22.82
CA ASP D 67 -16.82 20.53 -24.10
C ASP D 67 -17.69 19.31 -24.40
N ILE D 68 -19.00 19.41 -24.29
CA ILE D 68 -19.90 18.23 -24.49
C ILE D 68 -19.84 17.81 -25.96
N HIS D 69 -19.53 18.69 -26.91
CA HIS D 69 -19.34 18.34 -28.36
C HIS D 69 -18.10 17.48 -28.63
N GLU D 70 -17.22 17.24 -27.64
CA GLU D 70 -15.97 16.46 -27.80
C GLU D 70 -15.97 15.20 -26.93
N LEU D 71 -16.84 15.09 -25.89
CA LEU D 71 -16.98 13.88 -25.03
C LEU D 71 -17.33 12.67 -25.90
N PRO D 72 -16.47 11.60 -25.95
CA PRO D 72 -16.76 10.39 -26.70
C PRO D 72 -18.12 9.75 -26.34
N SER D 73 -18.86 9.32 -27.37
CA SER D 73 -20.26 8.81 -27.31
C SER D 73 -20.27 7.28 -27.45
N GLY D 74 -19.69 6.76 -28.55
CA GLY D 74 -19.83 5.36 -29.00
C GLY D 74 -18.93 4.39 -28.24
N GLY D 75 -19.13 4.26 -26.92
CA GLY D 75 -18.54 3.20 -26.07
C GLY D 75 -17.09 3.46 -25.70
N ARG D 76 -16.66 4.73 -25.64
CA ARG D 76 -15.25 5.13 -25.39
C ARG D 76 -15.19 5.94 -24.09
N ASP D 77 -14.20 5.68 -23.23
CA ASP D 77 -14.04 6.40 -21.95
C ASP D 77 -13.68 7.86 -22.25
N PRO D 78 -14.55 8.82 -21.85
CA PRO D 78 -14.29 10.24 -22.06
C PRO D 78 -13.31 10.85 -21.05
N LEU D 79 -12.86 10.06 -20.07
CA LEU D 79 -11.86 10.55 -19.08
C LEU D 79 -10.72 9.55 -19.01
N SER D 80 -10.21 9.15 -20.18
CA SER D 80 -9.07 8.23 -20.25
C SER D 80 -7.82 9.03 -19.94
N TYR D 81 -6.72 8.32 -19.71
CA TYR D 81 -5.48 8.93 -19.16
C TYR D 81 -4.98 10.09 -20.05
N ASP D 82 -5.18 9.99 -21.36
CA ASP D 82 -4.59 10.98 -22.28
C ASP D 82 -5.65 11.95 -22.79
N ASP D 83 -6.84 11.96 -22.22
CA ASP D 83 -7.85 13.01 -22.49
C ASP D 83 -7.33 14.35 -21.94
N PRO D 84 -7.62 15.47 -22.63
CA PRO D 84 -6.97 16.74 -22.28
C PRO D 84 -7.15 17.21 -20.83
N LEU D 85 -8.33 17.11 -20.21
CA LEU D 85 -8.46 17.46 -18.76
C LEU D 85 -7.51 16.62 -17.90
N ARG D 86 -7.38 15.31 -18.20
CA ARG D 86 -6.54 14.38 -17.42
C ARG D 86 -5.09 14.82 -17.63
N GLN D 87 -4.71 15.25 -18.84
CA GLN D 87 -3.32 15.69 -19.11
C GLN D 87 -3.02 16.99 -18.33
N ILE D 88 -3.90 17.99 -18.35
CA ILE D 88 -3.64 19.35 -17.76
CA ILE D 88 -3.56 19.31 -17.76
C ILE D 88 -3.56 19.24 -16.22
N THR D 89 -4.40 18.41 -15.61
CA THR D 89 -4.36 18.25 -14.13
C THR D 89 -3.04 17.59 -13.76
N ARG D 90 -2.56 16.58 -14.52
CA ARG D 90 -1.22 16.02 -14.23
C ARG D 90 -0.16 17.12 -14.41
N MET D 91 -0.24 17.89 -15.50
CA MET D 91 0.79 18.89 -15.79
C MET D 91 0.81 19.94 -14.67
N ILE D 92 -0.32 20.44 -14.23
CA ILE D 92 -0.39 21.45 -13.15
C ILE D 92 0.26 20.88 -11.88
N GLN D 93 -0.08 19.63 -11.53
CA GLN D 93 0.37 19.01 -10.24
C GLN D 93 1.89 18.73 -10.23
N LYS D 94 2.45 18.48 -11.40
CA LYS D 94 3.88 18.16 -11.59
C LYS D 94 4.70 19.41 -11.83
N PHE D 95 4.04 20.55 -12.06
CA PHE D 95 4.73 21.78 -12.52
C PHE D 95 5.54 22.32 -11.36
N PRO D 96 6.85 22.57 -11.54
CA PRO D 96 7.73 22.88 -10.41
C PRO D 96 7.64 24.30 -9.85
N LYS D 97 6.55 25.02 -10.12
CA LYS D 97 6.27 26.38 -9.65
C LYS D 97 4.86 26.36 -9.13
N PRO D 98 4.53 27.16 -8.10
CA PRO D 98 3.14 27.28 -7.67
C PRO D 98 2.27 27.79 -8.81
N ILE D 99 1.06 27.24 -8.90
CA ILE D 99 0.02 27.70 -9.84
C ILE D 99 -1.18 28.12 -9.01
N ILE D 100 -1.55 29.38 -9.16
CA ILE D 100 -2.69 29.98 -8.42
C ILE D 100 -3.85 30.11 -9.39
N SER D 101 -5.02 29.57 -9.06
CA SER D 101 -6.28 29.84 -9.76
C SER D 101 -6.89 31.11 -9.19
N MET D 102 -7.04 32.12 -10.04
CA MET D 102 -7.67 33.41 -9.68
C MET D 102 -9.04 33.49 -10.33
N VAL D 103 -10.09 33.32 -9.55
CA VAL D 103 -11.43 32.95 -10.10
C VAL D 103 -12.36 34.14 -10.00
N GLU D 104 -12.84 34.53 -11.18
CA GLU D 104 -14.01 35.42 -11.33
C GLU D 104 -15.04 34.64 -12.16
N GLY D 105 -16.29 34.63 -11.73
CA GLY D 105 -17.37 33.96 -12.46
C GLY D 105 -17.63 32.56 -11.97
N SER D 106 -18.48 31.83 -12.71
CA SER D 106 -19.01 30.49 -12.35
C SER D 106 -18.03 29.43 -12.85
N VAL D 107 -17.80 28.40 -12.05
CA VAL D 107 -16.84 27.30 -12.35
C VAL D 107 -17.67 26.02 -12.40
N TRP D 108 -17.55 25.24 -13.48
CA TRP D 108 -18.42 24.04 -13.72
C TRP D 108 -17.57 22.79 -14.01
N GLY D 109 -17.85 21.68 -13.32
CA GLY D 109 -17.45 20.31 -13.72
C GLY D 109 -15.94 20.14 -13.85
N GLY D 110 -15.44 19.76 -15.02
CA GLY D 110 -14.01 19.56 -15.24
C GLY D 110 -13.19 20.78 -14.82
N ALA D 111 -13.74 21.97 -14.98
CA ALA D 111 -13.03 23.22 -14.64
C ALA D 111 -12.88 23.33 -13.13
N PHE D 112 -13.84 22.81 -12.37
CA PHE D 112 -13.76 22.76 -10.90
C PHE D 112 -12.62 21.78 -10.53
N GLU D 113 -12.58 20.63 -11.19
CA GLU D 113 -11.44 19.70 -10.95
C GLU D 113 -10.13 20.41 -11.29
N MET D 114 -10.06 21.14 -12.40
CA MET D 114 -8.81 21.79 -12.85
C MET D 114 -8.33 22.78 -11.78
N ILE D 115 -9.21 23.64 -11.23
CA ILE D 115 -8.77 24.61 -10.20
C ILE D 115 -8.42 23.85 -8.90
N MET D 116 -9.09 22.76 -8.60
CA MET D 116 -8.79 21.98 -7.36
C MET D 116 -7.40 21.38 -7.50
N SER D 117 -6.95 21.06 -8.73
CA SER D 117 -5.62 20.45 -8.94
C SER D 117 -4.51 21.50 -8.72
N SER D 118 -4.83 22.78 -8.87
CA SER D 118 -3.84 23.87 -8.66
C SER D 118 -3.55 24.05 -7.17
N ASP D 119 -2.58 24.89 -6.86
CA ASP D 119 -1.95 24.96 -5.51
C ASP D 119 -2.73 25.86 -4.56
N LEU D 120 -3.23 27.00 -5.07
CA LEU D 120 -4.04 27.94 -4.28
C LEU D 120 -5.18 28.40 -5.15
N ILE D 121 -6.29 28.73 -4.52
CA ILE D 121 -7.48 29.32 -5.19
C ILE D 121 -7.83 30.61 -4.47
N ILE D 122 -7.88 31.71 -5.23
CA ILE D 122 -8.34 33.01 -4.70
C ILE D 122 -9.50 33.43 -5.58
N ALA D 123 -10.62 33.75 -4.99
CA ALA D 123 -11.89 33.92 -5.72
C ALA D 123 -12.57 35.24 -5.35
N ALA D 124 -13.23 35.82 -6.35
CA ALA D 124 -14.21 36.90 -6.12
C ALA D 124 -15.36 36.43 -5.25
N SER D 125 -15.91 37.35 -4.46
CA SER D 125 -17.05 37.09 -3.56
C SER D 125 -18.30 36.63 -4.36
N THR D 126 -18.37 36.91 -5.64
CA THR D 126 -19.55 36.63 -6.49
C THR D 126 -19.34 35.32 -7.28
N SER D 127 -18.18 34.68 -7.17
CA SER D 127 -17.90 33.41 -7.90
C SER D 127 -18.71 32.27 -7.32
N THR D 128 -19.01 31.30 -8.18
CA THR D 128 -19.77 30.09 -7.76
C THR D 128 -19.09 28.84 -8.33
N PHE D 129 -19.35 27.70 -7.69
CA PHE D 129 -18.64 26.42 -7.96
C PHE D 129 -19.64 25.28 -7.97
N SER D 130 -19.60 24.50 -9.05
CA SER D 130 -20.51 23.34 -9.26
CA SER D 130 -20.50 23.33 -9.24
C SER D 130 -19.69 22.15 -9.78
N MET D 131 -19.98 20.95 -9.27
CA MET D 131 -19.41 19.70 -9.84
C MET D 131 -20.57 18.95 -10.49
N THR D 132 -20.54 18.70 -11.80
CA THR D 132 -21.75 18.36 -12.61
C THR D 132 -21.80 16.98 -13.26
N PRO D 133 -20.91 15.97 -13.05
CA PRO D 133 -21.07 14.70 -13.78
C PRO D 133 -22.45 14.01 -13.60
N VAL D 134 -23.12 14.17 -12.46
CA VAL D 134 -24.39 13.43 -12.23
C VAL D 134 -25.52 14.10 -13.04
N ASN D 135 -25.26 15.26 -13.63
CA ASN D 135 -26.20 15.97 -14.53
C ASN D 135 -26.22 15.29 -15.90
N LEU D 136 -25.10 14.64 -16.26
CA LEU D 136 -24.92 14.03 -17.60
C LEU D 136 -24.87 12.52 -17.55
N GLY D 137 -24.70 11.92 -16.39
CA GLY D 137 -24.56 10.45 -16.26
C GLY D 137 -23.14 9.95 -16.51
N VAL D 138 -22.14 10.80 -16.29
CA VAL D 138 -20.71 10.50 -16.58
C VAL D 138 -20.11 9.75 -15.39
N PRO D 139 -19.41 8.62 -15.61
CA PRO D 139 -18.69 7.95 -14.52
C PRO D 139 -17.31 8.58 -14.36
N TYR D 140 -17.23 9.59 -13.51
CA TYR D 140 -15.97 10.31 -13.24
C TYR D 140 -14.91 9.28 -12.82
N ASN D 141 -13.68 9.47 -13.29
CA ASN D 141 -12.59 8.48 -13.08
C ASN D 141 -11.99 8.65 -11.69
N LEU D 142 -11.30 7.61 -11.23
CA LEU D 142 -10.74 7.55 -9.87
C LEU D 142 -9.80 8.73 -9.64
N VAL D 143 -8.83 8.99 -10.54
CA VAL D 143 -7.85 10.09 -10.38
C VAL D 143 -8.61 11.42 -10.23
N GLY D 144 -9.61 11.63 -11.06
CA GLY D 144 -10.36 12.89 -11.09
C GLY D 144 -11.10 13.09 -9.78
N ILE D 145 -11.72 12.05 -9.26
CA ILE D 145 -12.47 12.12 -7.97
C ILE D 145 -11.46 12.36 -6.85
N HIS D 146 -10.34 11.68 -6.87
CA HIS D 146 -9.27 11.82 -5.84
CA HIS D 146 -9.28 11.83 -5.83
C HIS D 146 -8.85 13.29 -5.75
N ASN D 147 -8.73 13.97 -6.92
CA ASN D 147 -8.33 15.40 -7.00
C ASN D 147 -9.30 16.29 -6.23
N LEU D 148 -10.53 15.83 -5.99
CA LEU D 148 -11.58 16.63 -5.34
C LEU D 148 -11.63 16.40 -3.84
N THR D 149 -10.76 15.55 -3.28
CA THR D 149 -10.92 15.05 -1.89
C THR D 149 -9.85 15.59 -0.93
N ARG D 150 -8.97 16.48 -1.35
CA ARG D 150 -7.82 16.90 -0.52
C ARG D 150 -8.07 18.21 0.26
N ASP D 151 -9.28 18.79 0.18
CA ASP D 151 -9.54 20.15 0.74
C ASP D 151 -10.73 20.10 1.71
N ALA D 152 -11.91 19.84 1.21
CA ALA D 152 -13.14 19.65 2.01
C ALA D 152 -13.30 18.16 2.37
N GLY D 153 -14.09 17.90 3.41
CA GLY D 153 -14.34 16.55 3.91
C GLY D 153 -15.25 15.75 3.01
N PHE D 154 -15.36 14.44 3.27
CA PHE D 154 -16.14 13.50 2.44
C PHE D 154 -17.62 13.90 2.37
N HIS D 155 -18.26 14.24 3.49
CA HIS D 155 -19.71 14.57 3.46
C HIS D 155 -19.92 15.76 2.54
N ILE D 156 -19.05 16.76 2.60
CA ILE D 156 -19.19 18.01 1.78
CA ILE D 156 -19.23 17.98 1.78
C ILE D 156 -19.01 17.64 0.31
N VAL D 157 -17.99 16.85 0.01
CA VAL D 157 -17.67 16.46 -1.38
C VAL D 157 -18.86 15.68 -1.95
N LYS D 158 -19.48 14.84 -1.14
CA LYS D 158 -20.61 14.02 -1.60
C LYS D 158 -21.84 14.90 -1.85
N GLU D 159 -22.08 15.90 -1.01
CA GLU D 159 -23.15 16.89 -1.29
C GLU D 159 -22.91 17.56 -2.65
N LEU D 160 -21.70 18.09 -2.87
CA LEU D 160 -21.37 18.83 -4.10
CA LEU D 160 -21.35 18.83 -4.10
C LEU D 160 -21.65 17.93 -5.31
N ILE D 161 -21.20 16.69 -5.26
CA ILE D 161 -21.26 15.77 -6.43
C ILE D 161 -22.70 15.25 -6.59
N PHE D 162 -23.35 14.80 -5.52
CA PHE D 162 -24.66 14.11 -5.62
C PHE D 162 -25.74 15.15 -5.95
N THR D 163 -25.61 16.39 -5.52
CA THR D 163 -26.62 17.45 -5.83
C THR D 163 -26.28 18.18 -7.14
N ALA D 164 -25.02 18.28 -7.53
CA ALA D 164 -24.56 19.11 -8.66
C ALA D 164 -24.97 20.59 -8.42
N SER D 165 -25.29 20.97 -7.20
CA SER D 165 -25.81 22.32 -6.88
C SER D 165 -24.62 23.26 -6.71
N PRO D 166 -24.74 24.50 -7.20
CA PRO D 166 -23.68 25.48 -7.03
C PRO D 166 -23.53 25.88 -5.56
N ILE D 167 -22.30 26.16 -5.17
CA ILE D 167 -22.05 26.75 -3.82
C ILE D 167 -21.39 28.10 -4.03
N THR D 168 -21.61 28.98 -3.08
CA THR D 168 -21.04 30.34 -3.09
C THR D 168 -19.54 30.27 -2.77
N ALA D 169 -18.83 31.32 -3.08
CA ALA D 169 -17.44 31.52 -2.64
C ALA D 169 -17.37 31.53 -1.12
N GLN D 170 -18.34 32.11 -0.43
CA GLN D 170 -18.32 32.13 1.05
C GLN D 170 -18.37 30.69 1.61
N ARG D 171 -19.24 29.85 1.08
CA ARG D 171 -19.31 28.46 1.55
C ARG D 171 -18.04 27.71 1.12
N ALA D 172 -17.55 27.92 -0.09
CA ALA D 172 -16.33 27.25 -0.60
C ALA D 172 -15.15 27.61 0.31
N LEU D 173 -15.11 28.85 0.81
CA LEU D 173 -14.07 29.25 1.78
C LEU D 173 -14.29 28.51 3.12
N ALA D 174 -15.51 28.48 3.65
CA ALA D 174 -15.84 27.89 4.96
C ALA D 174 -15.44 26.40 4.99
N VAL D 175 -15.64 25.67 3.89
CA VAL D 175 -15.47 24.19 3.88
C VAL D 175 -14.04 23.82 3.51
N GLY D 176 -13.19 24.77 3.15
CA GLY D 176 -11.75 24.54 2.93
C GLY D 176 -11.33 24.42 1.49
N ILE D 177 -12.23 24.67 0.55
CA ILE D 177 -11.90 24.61 -0.90
C ILE D 177 -11.03 25.83 -1.30
N LEU D 178 -11.37 27.03 -0.87
CA LEU D 178 -10.67 28.29 -1.28
C LEU D 178 -9.67 28.73 -0.20
N ASN D 179 -8.65 29.44 -0.63
CA ASN D 179 -7.68 30.11 0.26
C ASN D 179 -8.24 31.45 0.74
N HIS D 180 -8.70 32.26 -0.20
CA HIS D 180 -9.16 33.65 0.06
C HIS D 180 -10.38 33.99 -0.80
N VAL D 181 -11.31 34.73 -0.22
CA VAL D 181 -12.40 35.39 -0.98
C VAL D 181 -12.25 36.90 -0.83
N VAL D 182 -12.23 37.61 -1.96
CA VAL D 182 -12.13 39.10 -1.94
C VAL D 182 -13.18 39.71 -2.87
N GLU D 183 -13.49 40.98 -2.63
CA GLU D 183 -14.37 41.76 -3.54
C GLU D 183 -13.72 41.73 -4.91
N VAL D 184 -14.54 41.59 -5.94
CA VAL D 184 -13.99 41.39 -7.32
C VAL D 184 -13.01 42.53 -7.67
N GLU D 185 -13.25 43.77 -7.22
CA GLU D 185 -12.37 44.92 -7.58
C GLU D 185 -10.99 44.79 -6.95
N GLU D 186 -10.83 43.93 -5.94
CA GLU D 186 -9.53 43.67 -5.25
C GLU D 186 -8.84 42.39 -5.75
N LEU D 187 -9.51 41.62 -6.59
CA LEU D 187 -9.07 40.26 -6.94
C LEU D 187 -7.69 40.27 -7.59
N GLU D 188 -7.47 41.07 -8.63
CA GLU D 188 -6.16 41.05 -9.30
CA GLU D 188 -6.17 41.09 -9.33
C GLU D 188 -5.08 41.57 -8.35
N ASP D 189 -5.30 42.68 -7.66
CA ASP D 189 -4.26 43.27 -6.77
C ASP D 189 -3.89 42.27 -5.64
N PHE D 190 -4.90 41.65 -5.00
CA PHE D 190 -4.68 40.69 -3.91
C PHE D 190 -3.83 39.51 -4.43
N THR D 191 -4.22 38.93 -5.57
CA THR D 191 -3.54 37.77 -6.15
C THR D 191 -2.12 38.14 -6.60
N LEU D 192 -1.93 39.30 -7.23
CA LEU D 192 -0.58 39.69 -7.68
C LEU D 192 0.36 39.88 -6.50
N GLN D 193 -0.14 40.47 -5.41
CA GLN D 193 0.69 40.72 -4.22
C GLN D 193 1.16 39.37 -3.65
N MET D 194 0.28 38.40 -3.62
CA MET D 194 0.61 37.07 -3.02
C MET D 194 1.57 36.33 -3.95
N ALA D 195 1.34 36.40 -5.26
CA ALA D 195 2.19 35.73 -6.29
C ALA D 195 3.59 36.35 -6.26
N HIS D 196 3.70 37.67 -6.19
CA HIS D 196 5.03 38.34 -6.17
CA HIS D 196 5.02 38.35 -6.15
C HIS D 196 5.72 38.00 -4.82
N HIS D 197 4.99 37.93 -3.72
CA HIS D 197 5.55 37.54 -2.41
C HIS D 197 6.16 36.12 -2.51
N ILE D 198 5.44 35.16 -3.08
CA ILE D 198 5.91 33.75 -3.20
C ILE D 198 7.17 33.74 -4.08
N SER D 199 7.27 34.62 -5.07
CA SER D 199 8.39 34.59 -6.04
CA SER D 199 8.38 34.63 -6.05
C SER D 199 9.72 35.05 -5.41
N GLU D 200 9.68 35.64 -4.20
CA GLU D 200 10.90 36.05 -3.44
C GLU D 200 11.41 34.88 -2.59
N LYS D 201 10.65 33.78 -2.51
CA LYS D 201 11.04 32.59 -1.70
C LYS D 201 11.87 31.63 -2.53
N ALA D 202 12.44 30.61 -1.90
CA ALA D 202 13.42 29.71 -2.51
C ALA D 202 12.74 28.73 -3.45
N PRO D 203 12.97 28.82 -4.77
CA PRO D 203 12.16 28.08 -5.74
C PRO D 203 12.42 26.56 -5.67
N LEU D 204 13.65 26.17 -5.35
CA LEU D 204 13.98 24.72 -5.30
C LEU D 204 13.34 24.07 -4.08
N ALA D 205 13.26 24.78 -2.96
CA ALA D 205 12.53 24.29 -1.79
C ALA D 205 11.04 24.20 -2.14
N ILE D 206 10.46 25.24 -2.77
CA ILE D 206 9.01 25.20 -3.13
C ILE D 206 8.77 23.99 -4.05
N ALA D 207 9.62 23.75 -5.05
CA ALA D 207 9.41 22.70 -6.06
C ALA D 207 9.43 21.33 -5.35
N VAL D 208 10.42 21.05 -4.52
CA VAL D 208 10.51 19.71 -3.88
C VAL D 208 9.37 19.54 -2.87
N ILE D 209 8.98 20.59 -2.16
CA ILE D 209 7.85 20.45 -1.19
C ILE D 209 6.54 20.22 -1.95
N LYS D 210 6.32 20.91 -3.06
CA LYS D 210 5.12 20.68 -3.88
C LYS D 210 5.11 19.20 -4.34
N GLU D 211 6.25 18.68 -4.77
CA GLU D 211 6.33 17.32 -5.33
C GLU D 211 6.08 16.30 -4.19
N GLU D 212 6.63 16.55 -3.01
CA GLU D 212 6.37 15.73 -1.80
C GLU D 212 4.89 15.74 -1.50
N LEU D 213 4.25 16.89 -1.54
CA LEU D 213 2.77 16.92 -1.32
C LEU D 213 2.06 16.11 -2.41
N ARG D 214 2.47 16.23 -3.67
CA ARG D 214 1.81 15.54 -4.79
C ARG D 214 1.87 14.03 -4.54
N VAL D 215 3.05 13.50 -4.23
CA VAL D 215 3.28 12.05 -4.01
CA VAL D 215 3.17 12.02 -4.09
C VAL D 215 2.45 11.57 -2.82
N LEU D 216 2.48 12.33 -1.71
CA LEU D 216 1.70 11.93 -0.52
C LEU D 216 0.20 11.94 -0.84
N GLY D 217 -0.25 12.93 -1.61
CA GLY D 217 -1.67 13.00 -1.97
C GLY D 217 -2.09 11.85 -2.85
N GLU D 218 -1.22 11.34 -3.70
CA GLU D 218 -1.54 10.22 -4.58
C GLU D 218 -1.38 8.88 -3.87
N ALA D 219 -0.80 8.85 -2.67
CA ALA D 219 -0.30 7.61 -2.01
C ALA D 219 -1.46 6.90 -1.29
N HIS D 220 -2.61 6.81 -1.94
CA HIS D 220 -3.76 5.97 -1.53
C HIS D 220 -3.75 4.77 -2.47
N THR D 221 -3.24 3.61 -2.02
CA THR D 221 -2.91 2.51 -2.94
C THR D 221 -3.95 1.39 -2.80
N MET D 222 -4.15 0.63 -3.89
CA MET D 222 -5.11 -0.50 -3.94
CA MET D 222 -5.12 -0.49 -3.96
C MET D 222 -4.54 -1.60 -4.83
N ASN D 223 -5.07 -2.79 -4.70
CA ASN D 223 -4.59 -3.94 -5.52
C ASN D 223 -5.25 -3.89 -6.90
N SER D 224 -4.69 -4.65 -7.86
CA SER D 224 -5.13 -4.69 -9.26
C SER D 224 -6.61 -5.12 -9.35
N ASP D 225 -7.02 -6.07 -8.51
CA ASP D 225 -8.41 -6.56 -8.59
C ASP D 225 -9.35 -5.39 -8.31
N GLU D 226 -9.07 -4.58 -7.28
CA GLU D 226 -10.00 -3.49 -6.88
C GLU D 226 -10.07 -2.49 -8.05
N PHE D 227 -8.95 -2.15 -8.67
CA PHE D 227 -8.98 -1.20 -9.80
CA PHE D 227 -8.95 -1.22 -9.82
C PHE D 227 -9.76 -1.79 -10.98
N GLU D 228 -9.53 -3.06 -11.33
CA GLU D 228 -10.26 -3.69 -12.45
C GLU D 228 -11.77 -3.75 -12.14
N ARG D 229 -12.15 -3.99 -10.87
CA ARG D 229 -13.58 -4.02 -10.45
C ARG D 229 -14.18 -2.64 -10.72
N ILE D 230 -13.51 -1.57 -10.28
CA ILE D 230 -13.98 -0.20 -10.51
C ILE D 230 -14.07 0.07 -12.01
N GLN D 231 -13.09 -0.31 -12.80
CA GLN D 231 -13.08 -0.11 -14.28
CA GLN D 231 -13.13 -0.01 -14.25
C GLN D 231 -14.33 -0.73 -14.88
N GLY D 232 -14.67 -1.93 -14.42
CA GLY D 232 -15.87 -2.63 -14.92
C GLY D 232 -17.15 -1.87 -14.59
N MET D 233 -17.20 -1.26 -13.41
CA MET D 233 -18.36 -0.46 -13.00
C MET D 233 -18.45 0.77 -13.90
N ARG D 234 -17.34 1.45 -14.15
CA ARG D 234 -17.30 2.68 -14.99
C ARG D 234 -17.73 2.31 -16.41
N ARG D 235 -17.22 1.21 -16.95
CA ARG D 235 -17.61 0.75 -18.31
C ARG D 235 -19.12 0.53 -18.42
N ALA D 236 -19.78 -0.02 -17.42
CA ALA D 236 -21.24 -0.28 -17.43
C ALA D 236 -21.98 1.05 -17.39
N VAL D 237 -21.40 2.07 -16.74
CA VAL D 237 -22.01 3.43 -16.81
C VAL D 237 -21.82 3.99 -18.22
N TYR D 238 -20.64 3.89 -18.83
CA TYR D 238 -20.50 4.54 -20.16
CA TYR D 238 -20.37 4.39 -20.20
C TYR D 238 -21.25 3.69 -21.22
N ASP D 239 -21.71 2.49 -20.91
CA ASP D 239 -22.50 1.68 -21.88
C ASP D 239 -23.98 1.92 -21.63
N SER D 240 -24.28 2.87 -20.73
CA SER D 240 -25.65 2.98 -20.17
CA SER D 240 -25.61 3.07 -20.12
C SER D 240 -26.53 3.80 -21.10
N GLU D 241 -27.83 3.45 -21.10
CA GLU D 241 -28.94 4.25 -21.71
C GLU D 241 -28.84 5.66 -21.11
N ASP D 242 -28.74 5.73 -19.79
CA ASP D 242 -28.67 7.03 -19.06
C ASP D 242 -27.54 7.92 -19.55
N TYR D 243 -26.36 7.36 -19.85
CA TYR D 243 -25.21 8.14 -20.35
C TYR D 243 -25.61 8.76 -21.69
N GLN D 244 -26.22 7.99 -22.59
CA GLN D 244 -26.69 8.50 -23.91
C GLN D 244 -27.74 9.60 -23.65
N GLU D 245 -28.73 9.32 -22.81
CA GLU D 245 -29.82 10.30 -22.46
C GLU D 245 -29.19 11.58 -21.92
N GLY D 246 -28.18 11.48 -21.06
CA GLY D 246 -27.53 12.65 -20.45
C GLY D 246 -26.88 13.56 -21.48
N MET D 247 -26.10 12.97 -22.40
CA MET D 247 -25.48 13.70 -23.53
C MET D 247 -26.55 14.30 -24.43
N ASN D 248 -27.57 13.51 -24.79
CA ASN D 248 -28.67 13.90 -25.73
C ASN D 248 -29.42 15.09 -25.11
N ALA D 249 -29.79 15.01 -23.85
CA ALA D 249 -30.51 16.10 -23.15
C ALA D 249 -29.67 17.36 -23.23
N PHE D 250 -28.36 17.27 -22.97
CA PHE D 250 -27.52 18.49 -22.96
C PHE D 250 -27.48 19.09 -24.37
N LEU D 251 -27.35 18.27 -25.41
CA LEU D 251 -27.33 18.72 -26.82
C LEU D 251 -28.69 19.36 -27.20
N GLU D 252 -29.81 18.73 -26.82
CA GLU D 252 -31.19 19.17 -27.15
C GLU D 252 -31.69 20.27 -26.21
N LYS D 253 -30.87 20.73 -25.26
CA LYS D 253 -31.20 21.83 -24.29
C LYS D 253 -32.50 21.51 -23.54
N ARG D 254 -32.58 20.31 -23.00
CA ARG D 254 -33.72 19.85 -22.19
C ARG D 254 -33.20 19.12 -20.96
N LYS D 255 -34.11 18.81 -20.06
CA LYS D 255 -33.81 18.09 -18.82
C LYS D 255 -33.74 16.59 -19.10
N PRO D 256 -32.66 15.89 -18.68
CA PRO D 256 -32.62 14.45 -18.87
C PRO D 256 -33.64 13.70 -18.03
N ASN D 257 -34.11 12.58 -18.55
CA ASN D 257 -34.92 11.65 -17.74
C ASN D 257 -34.10 10.38 -17.47
N PHE D 258 -33.47 10.30 -16.30
CA PHE D 258 -32.61 9.15 -15.95
C PHE D 258 -33.47 8.04 -15.36
N VAL D 259 -33.13 6.79 -15.68
CA VAL D 259 -33.98 5.61 -15.34
C VAL D 259 -33.17 4.50 -14.66
N GLY D 260 -31.86 4.60 -14.61
CA GLY D 260 -31.09 3.62 -13.82
C GLY D 260 -30.68 2.42 -14.65
N HIS D 261 -30.48 2.57 -15.97
CA HIS D 261 -29.74 1.62 -16.85
C HIS D 261 -29.20 2.33 -18.09
N ALA E 2 15.69 16.86 38.03
CA ALA E 2 15.36 18.10 37.33
C ALA E 2 16.11 18.16 35.99
N TYR E 3 15.87 19.22 35.23
CA TYR E 3 16.37 19.35 33.84
C TYR E 3 16.89 20.77 33.68
N GLN E 4 17.90 20.94 32.85
CA GLN E 4 18.48 22.27 32.66
C GLN E 4 17.51 23.09 31.80
N TYR E 5 16.77 22.52 30.84
CA TYR E 5 16.11 23.37 29.82
C TYR E 5 14.58 23.18 29.82
N VAL E 6 14.03 22.39 30.75
CA VAL E 6 12.56 22.35 30.96
C VAL E 6 12.28 22.34 32.45
N ASN E 7 11.09 22.70 32.83
CA ASN E 7 10.57 22.66 34.21
C ASN E 7 9.30 21.80 34.19
N VAL E 8 9.15 20.83 35.09
CA VAL E 8 7.98 19.91 35.07
C VAL E 8 7.20 20.14 36.35
N VAL E 9 5.89 20.28 36.23
CA VAL E 9 4.94 20.32 37.38
C VAL E 9 3.94 19.19 37.17
N THR E 10 3.58 18.47 38.22
CA THR E 10 2.56 17.41 38.17
CA THR E 10 2.54 17.42 38.15
C THR E 10 1.37 17.84 39.04
N ILE E 11 0.17 17.80 38.49
CA ILE E 11 -1.06 18.18 39.23
C ILE E 11 -2.00 16.97 39.10
N ASN E 12 -2.02 16.10 40.10
CA ASN E 12 -2.77 14.82 40.05
C ASN E 12 -2.25 14.01 38.86
N LYS E 13 -3.09 13.77 37.87
CA LYS E 13 -2.73 12.91 36.71
C LYS E 13 -2.20 13.76 35.54
N VAL E 14 -2.10 15.08 35.67
CA VAL E 14 -1.67 15.96 34.53
C VAL E 14 -0.25 16.43 34.77
N ALA E 15 0.63 16.26 33.79
CA ALA E 15 1.98 16.84 33.84
C ALA E 15 2.09 18.02 32.87
N VAL E 16 2.76 19.10 33.30
CA VAL E 16 3.01 20.31 32.49
C VAL E 16 4.51 20.40 32.30
N ILE E 17 4.97 20.35 31.05
CA ILE E 17 6.39 20.53 30.69
C ILE E 17 6.51 21.96 30.15
N GLU E 18 7.20 22.83 30.90
CA GLU E 18 7.39 24.23 30.50
C GLU E 18 8.79 24.40 29.95
N PHE E 19 8.93 25.04 28.78
CA PHE E 19 10.22 25.29 28.14
C PHE E 19 11.02 26.25 29.02
N ASN E 20 12.31 26.03 29.13
CA ASN E 20 13.23 26.91 29.94
C ASN E 20 14.49 27.15 29.11
N TYR E 21 14.30 27.65 27.89
CA TYR E 21 15.38 27.93 26.93
C TYR E 21 15.17 29.29 26.31
N GLY E 22 14.78 30.24 27.15
CA GLY E 22 14.55 31.66 26.80
C GLY E 22 15.76 32.32 26.17
N ARG E 23 16.98 31.92 26.52
CA ARG E 23 18.21 32.55 25.97
C ARG E 23 18.24 32.40 24.45
N LYS E 24 17.55 31.41 23.87
CA LYS E 24 17.49 31.22 22.41
C LYS E 24 16.01 31.16 21.99
N LEU E 25 15.14 31.74 22.79
CA LEU E 25 13.68 31.81 22.54
C LEU E 25 13.17 30.42 22.15
N ASN E 26 13.64 29.39 22.87
CA ASN E 26 13.13 28.01 22.78
C ASN E 26 13.36 27.48 21.36
N ALA E 27 14.38 27.96 20.65
CA ALA E 27 14.86 27.32 19.41
C ALA E 27 15.12 25.83 19.71
N LEU E 28 14.91 24.95 18.74
CA LEU E 28 14.93 23.48 18.91
C LEU E 28 16.36 22.97 18.88
N SER E 29 17.29 23.61 19.60
CA SER E 29 18.67 23.11 19.83
C SER E 29 18.65 21.66 20.36
N LYS E 30 19.67 20.86 20.04
CA LYS E 30 19.75 19.46 20.54
C LYS E 30 19.66 19.42 22.08
N VAL E 31 20.33 20.32 22.81
CA VAL E 31 20.37 20.17 24.29
C VAL E 31 18.97 20.42 24.86
N PHE E 32 18.18 21.27 24.22
CA PHE E 32 16.79 21.58 24.64
C PHE E 32 15.88 20.41 24.31
N ILE E 33 15.90 19.91 23.09
CA ILE E 33 15.07 18.74 22.69
C ILE E 33 15.44 17.51 23.51
N ASP E 34 16.72 17.30 23.83
CA ASP E 34 17.10 16.09 24.60
C ASP E 34 16.47 16.16 25.99
N ASP E 35 16.41 17.33 26.62
CA ASP E 35 15.75 17.49 27.94
C ASP E 35 14.22 17.30 27.82
N LEU E 36 13.62 17.84 26.79
CA LEU E 36 12.18 17.64 26.57
CA LEU E 36 12.18 17.64 26.53
C LEU E 36 11.88 16.13 26.45
N MET E 37 12.68 15.41 25.68
CA MET E 37 12.48 13.96 25.46
C MET E 37 12.74 13.20 26.76
N GLN E 38 13.74 13.57 27.54
CA GLN E 38 13.99 12.90 28.83
C GLN E 38 12.81 13.18 29.76
N ALA E 39 12.36 14.42 29.84
CA ALA E 39 11.19 14.75 30.70
C ALA E 39 9.97 13.91 30.27
N LEU E 40 9.69 13.80 28.97
CA LEU E 40 8.51 13.00 28.53
C LEU E 40 8.68 11.54 28.96
N SER E 41 9.86 10.97 28.74
CA SER E 41 10.19 9.55 29.04
C SER E 41 9.97 9.31 30.53
N ASP E 42 10.46 10.23 31.36
CA ASP E 42 10.33 10.17 32.83
C ASP E 42 8.84 10.17 33.23
N LEU E 43 7.97 10.81 32.42
CA LEU E 43 6.51 10.90 32.72
C LEU E 43 5.71 9.71 32.16
N ASN E 44 6.35 8.75 31.48
CA ASN E 44 5.66 7.54 30.95
C ASN E 44 5.43 6.56 32.09
N ARG E 45 4.47 6.86 32.97
CA ARG E 45 4.16 6.08 34.19
C ARG E 45 2.65 6.00 34.28
N PRO E 46 2.10 4.94 34.87
CA PRO E 46 0.66 4.69 34.89
C PRO E 46 -0.20 5.80 35.51
N GLU E 47 0.35 6.52 36.48
CA GLU E 47 -0.39 7.54 37.27
C GLU E 47 -0.40 8.90 36.53
N ILE E 48 0.38 9.03 35.44
CA ILE E 48 0.28 10.24 34.57
C ILE E 48 -0.64 9.91 33.40
N ARG E 49 -1.60 10.78 33.14
CA ARG E 49 -2.64 10.46 32.11
C ARG E 49 -2.67 11.46 30.96
N CYS E 50 -2.05 12.62 31.10
CA CYS E 50 -2.18 13.70 30.09
C CYS E 50 -1.00 14.64 30.27
N ILE E 51 -0.38 15.07 29.16
CA ILE E 51 0.77 15.99 29.17
C ILE E 51 0.35 17.31 28.54
N ILE E 52 0.84 18.44 29.07
CA ILE E 52 0.72 19.78 28.42
C ILE E 52 2.14 20.27 28.14
N LEU E 53 2.41 20.79 26.93
CA LEU E 53 3.68 21.46 26.56
C LEU E 53 3.39 22.94 26.47
N ARG E 54 4.20 23.78 27.11
CA ARG E 54 3.94 25.23 27.12
C ARG E 54 5.29 25.95 27.17
N ALA E 55 5.24 27.18 26.72
CA ALA E 55 6.29 28.18 26.99
C ALA E 55 5.89 28.84 28.30
N PRO E 56 6.83 29.52 28.98
CA PRO E 56 6.49 30.24 30.20
C PRO E 56 5.39 31.29 29.98
N SER E 57 4.60 31.50 31.02
CA SER E 57 3.50 32.47 31.04
C SER E 57 4.02 33.83 30.62
N GLY E 58 3.34 34.48 29.69
CA GLY E 58 3.71 35.82 29.20
C GLY E 58 4.66 35.79 28.04
N SER E 59 5.16 34.65 27.57
CA SER E 59 6.20 34.65 26.50
C SER E 59 5.66 35.29 25.21
N LYS E 60 6.45 36.16 24.57
CA LYS E 60 6.13 36.70 23.22
C LYS E 60 6.44 35.65 22.15
N VAL E 61 7.41 34.76 22.40
CA VAL E 61 7.81 33.66 21.50
C VAL E 61 7.56 32.32 22.20
N PHE E 62 6.75 31.47 21.58
CA PHE E 62 6.56 30.08 22.03
C PHE E 62 7.85 29.32 21.72
N SER E 63 8.21 29.30 20.44
CA SER E 63 9.47 28.70 19.96
C SER E 63 9.88 29.33 18.65
N ALA E 64 11.16 29.70 18.53
CA ALA E 64 11.76 30.32 17.34
C ALA E 64 12.05 29.25 16.29
N GLY E 65 11.73 27.98 16.55
CA GLY E 65 11.89 26.92 15.53
C GLY E 65 13.30 26.36 15.45
N HIS E 66 13.65 25.83 14.30
CA HIS E 66 14.96 25.14 14.10
C HIS E 66 16.10 26.06 14.54
N ASP E 67 17.08 25.51 15.24
CA ASP E 67 18.31 26.27 15.59
C ASP E 67 19.18 26.32 14.35
N ILE E 68 19.25 27.47 13.68
CA ILE E 68 19.89 27.55 12.34
C ILE E 68 21.41 27.46 12.52
N HIS E 69 21.93 27.72 13.72
CA HIS E 69 23.38 27.58 14.00
C HIS E 69 23.76 26.09 14.01
N GLU E 70 22.81 25.18 14.27
CA GLU E 70 23.05 23.70 14.32
C GLU E 70 22.56 23.03 13.03
N LEU E 71 21.56 23.61 12.36
CA LEU E 71 21.01 23.08 11.08
C LEU E 71 22.18 23.03 10.11
N PRO E 72 22.74 21.82 9.82
CA PRO E 72 24.00 21.71 9.09
C PRO E 72 23.91 22.13 7.62
N SER E 73 24.97 22.78 7.12
CA SER E 73 25.29 22.95 5.68
C SER E 73 26.52 22.10 5.34
N GLY E 74 27.02 22.19 4.11
CA GLY E 74 28.14 21.36 3.64
C GLY E 74 27.65 20.00 3.16
N GLY E 75 26.42 19.94 2.66
CA GLY E 75 25.87 18.82 1.86
C GLY E 75 25.19 17.75 2.70
N ARG E 76 25.07 17.95 4.02
CA ARG E 76 24.47 16.92 4.91
C ARG E 76 22.98 17.22 5.07
N ASP E 77 22.16 16.20 5.19
CA ASP E 77 20.70 16.41 5.36
C ASP E 77 20.45 16.87 6.80
N PRO E 78 19.92 18.08 7.03
CA PRO E 78 19.62 18.55 8.38
C PRO E 78 18.25 18.08 8.91
N LEU E 79 17.48 17.29 8.14
CA LEU E 79 16.22 16.68 8.64
C LEU E 79 16.30 15.17 8.46
N SER E 80 17.44 14.60 8.86
CA SER E 80 17.71 13.13 8.83
CA SER E 80 17.67 13.13 8.81
C SER E 80 16.94 12.49 10.00
N TYR E 81 16.79 11.17 9.94
CA TYR E 81 15.90 10.41 10.85
C TYR E 81 16.22 10.68 12.33
N ASP E 82 17.50 10.85 12.68
CA ASP E 82 17.80 11.01 14.14
CA ASP E 82 18.06 10.99 14.06
C ASP E 82 18.17 12.46 14.47
N ASP E 83 17.93 13.40 13.58
CA ASP E 83 17.93 14.83 13.96
C ASP E 83 16.89 15.04 15.05
N PRO E 84 17.17 15.93 16.03
CA PRO E 84 16.29 16.10 17.17
C PRO E 84 14.80 16.38 16.88
N LEU E 85 14.45 17.31 16.01
CA LEU E 85 13.03 17.59 15.68
C LEU E 85 12.39 16.26 15.20
N ARG E 86 13.10 15.48 14.37
CA ARG E 86 12.58 14.19 13.82
C ARG E 86 12.34 13.22 15.00
N GLN E 87 13.27 13.20 15.95
CA GLN E 87 13.14 12.32 17.13
C GLN E 87 11.96 12.76 17.99
N ILE E 88 11.81 14.05 18.26
CA ILE E 88 10.74 14.46 19.22
C ILE E 88 9.33 14.33 18.61
N THR E 89 9.16 14.52 17.30
CA THR E 89 7.81 14.36 16.67
C THR E 89 7.43 12.88 16.76
N ARG E 90 8.38 11.98 16.51
CA ARG E 90 8.13 10.51 16.63
C ARG E 90 7.73 10.19 18.07
N MET E 91 8.45 10.73 19.03
CA MET E 91 8.21 10.43 20.45
C MET E 91 6.83 10.95 20.87
N ILE E 92 6.46 12.16 20.45
CA ILE E 92 5.15 12.74 20.78
C ILE E 92 4.07 11.84 20.19
N GLN E 93 4.23 11.43 18.93
CA GLN E 93 3.20 10.64 18.21
C GLN E 93 3.06 9.22 18.79
N LYS E 94 4.13 8.61 19.28
CA LYS E 94 4.15 7.24 19.87
C LYS E 94 3.81 7.22 21.36
N PHE E 95 3.71 8.38 21.99
CA PHE E 95 3.55 8.49 23.47
C PHE E 95 2.15 8.03 23.80
N PRO E 96 2.01 7.08 24.75
CA PRO E 96 0.70 6.47 25.02
C PRO E 96 -0.31 7.30 25.84
N LYS E 97 0.00 8.58 25.98
CA LYS E 97 -0.91 9.53 26.64
C LYS E 97 -1.11 10.69 25.71
N PRO E 98 -2.26 11.37 25.79
CA PRO E 98 -2.46 12.60 25.03
C PRO E 98 -1.45 13.68 25.42
N ILE E 99 -0.96 14.39 24.40
CA ILE E 99 -0.03 15.54 24.54
C ILE E 99 -0.75 16.75 23.95
N ILE E 100 -1.04 17.74 24.81
CA ILE E 100 -1.69 19.02 24.40
C ILE E 100 -0.62 20.09 24.29
N SER E 101 -0.55 20.76 23.14
CA SER E 101 0.30 21.96 23.00
C SER E 101 -0.54 23.15 23.46
N MET E 102 -0.09 23.85 24.51
CA MET E 102 -0.78 25.06 25.03
C MET E 102 0.05 26.28 24.67
N VAL E 103 -0.41 27.03 23.66
CA VAL E 103 0.44 27.98 22.91
C VAL E 103 0.12 29.43 23.30
N GLU E 104 1.14 30.10 23.78
CA GLU E 104 1.23 31.56 24.00
C GLU E 104 2.46 32.02 23.22
N GLY E 105 2.31 33.05 22.39
CA GLY E 105 3.40 33.59 21.58
C GLY E 105 3.44 33.08 20.16
N SER E 106 4.49 33.48 19.48
CA SER E 106 4.75 33.17 18.06
C SER E 106 5.38 31.78 17.91
N VAL E 107 4.89 31.01 16.94
CA VAL E 107 5.36 29.62 16.66
C VAL E 107 5.96 29.62 15.27
N TRP E 108 7.20 29.15 15.12
CA TRP E 108 7.94 29.24 13.86
C TRP E 108 8.42 27.87 13.37
N GLY E 109 8.26 27.61 12.06
CA GLY E 109 8.90 26.49 11.34
C GLY E 109 8.82 25.15 12.03
N GLY E 110 9.96 24.63 12.48
CA GLY E 110 10.05 23.31 13.12
C GLY E 110 9.11 23.22 14.28
N ALA E 111 8.96 24.30 15.04
CA ALA E 111 8.13 24.33 16.25
C ALA E 111 6.67 24.20 15.81
N PHE E 112 6.34 24.70 14.63
CA PHE E 112 4.98 24.51 14.08
C PHE E 112 4.73 23.03 13.78
N GLU E 113 5.69 22.38 13.12
CA GLU E 113 5.58 20.92 12.91
C GLU E 113 5.51 20.21 14.27
N MET E 114 6.26 20.63 15.30
CA MET E 114 6.23 19.94 16.59
C MET E 114 4.81 20.04 17.20
N ILE E 115 4.18 21.21 17.23
CA ILE E 115 2.82 21.31 17.84
C ILE E 115 1.82 20.57 16.93
N MET E 116 2.02 20.57 15.61
CA MET E 116 1.11 19.85 14.68
C MET E 116 1.16 18.34 14.97
N SER E 117 2.31 17.81 15.40
CA SER E 117 2.47 16.37 15.71
C SER E 117 1.77 16.00 17.01
N SER E 118 1.49 16.96 17.87
CA SER E 118 0.82 16.72 19.17
C SER E 118 -0.66 16.47 18.90
N ASP E 119 -1.40 16.08 19.94
CA ASP E 119 -2.77 15.53 19.81
C ASP E 119 -3.80 16.66 19.74
N LEU E 120 -3.64 17.73 20.52
CA LEU E 120 -4.59 18.87 20.55
C LEU E 120 -3.75 20.12 20.68
N ILE E 121 -4.22 21.22 20.10
CA ILE E 121 -3.58 22.53 20.23
C ILE E 121 -4.62 23.53 20.77
N ILE E 122 -4.33 24.17 21.90
CA ILE E 122 -5.19 25.22 22.50
C ILE E 122 -4.29 26.45 22.59
N ALA E 123 -4.73 27.57 22.00
CA ALA E 123 -3.86 28.74 21.80
C ALA E 123 -4.48 30.01 22.35
N ALA E 124 -3.61 30.94 22.75
CA ALA E 124 -4.01 32.32 23.08
C ALA E 124 -4.51 33.02 21.82
N SER E 125 -5.48 33.90 21.97
CA SER E 125 -6.01 34.74 20.86
C SER E 125 -4.90 35.54 20.17
N THR E 126 -3.76 35.85 20.81
CA THR E 126 -2.68 36.67 20.22
C THR E 126 -1.56 35.82 19.61
N SER E 127 -1.63 34.48 19.70
CA SER E 127 -0.60 33.56 19.14
CA SER E 127 -0.60 33.56 19.14
C SER E 127 -0.62 33.64 17.61
N THR E 128 0.51 33.42 17.01
CA THR E 128 0.71 33.45 15.53
C THR E 128 1.51 32.20 15.14
N PHE E 129 1.41 31.80 13.87
CA PHE E 129 1.89 30.50 13.36
C PHE E 129 2.44 30.69 11.96
N SER E 130 3.63 30.17 11.73
CA SER E 130 4.25 30.19 10.38
CA SER E 130 4.38 30.26 10.45
C SER E 130 5.08 28.94 10.12
N MET E 131 5.20 28.58 8.84
CA MET E 131 6.03 27.45 8.41
C MET E 131 7.08 27.99 7.44
N THR E 132 8.39 27.95 7.77
CA THR E 132 9.41 28.85 7.16
C THR E 132 10.48 28.20 6.29
N PRO E 133 10.45 26.90 5.89
CA PRO E 133 11.59 26.37 5.13
C PRO E 133 11.87 27.14 3.83
N VAL E 134 10.84 27.71 3.18
CA VAL E 134 11.10 28.34 1.86
C VAL E 134 11.84 29.68 2.07
N ASN E 135 11.89 30.18 3.30
CA ASN E 135 12.70 31.40 3.62
C ASN E 135 14.21 31.10 3.51
N LEU E 136 14.63 29.86 3.79
CA LEU E 136 16.04 29.42 3.93
C LEU E 136 16.48 28.56 2.74
N GLY E 137 15.52 28.03 1.96
CA GLY E 137 15.81 27.12 0.85
C GLY E 137 15.99 25.68 1.32
N VAL E 138 15.35 25.30 2.43
CA VAL E 138 15.50 23.98 3.10
C VAL E 138 14.56 23.03 2.37
N PRO E 139 15.05 21.87 1.88
CA PRO E 139 14.14 20.81 1.39
C PRO E 139 13.57 20.00 2.57
N TYR E 140 12.41 20.41 3.04
CA TYR E 140 11.76 19.72 4.17
C TYR E 140 11.50 18.26 3.79
N ASN E 141 11.63 17.35 4.75
CA ASN E 141 11.54 15.89 4.49
C ASN E 141 10.10 15.41 4.40
N LEU E 142 9.88 14.26 3.75
CA LEU E 142 8.53 13.70 3.50
C LEU E 142 7.78 13.58 4.83
N VAL E 143 8.37 12.92 5.83
CA VAL E 143 7.64 12.67 7.12
C VAL E 143 7.22 14.04 7.68
N GLY E 144 8.11 15.04 7.64
CA GLY E 144 7.89 16.38 8.22
C GLY E 144 6.71 17.06 7.55
N ILE E 145 6.67 16.96 6.22
CA ILE E 145 5.57 17.56 5.41
C ILE E 145 4.28 16.80 5.68
N HIS E 146 4.35 15.47 5.80
CA HIS E 146 3.17 14.63 6.08
C HIS E 146 2.55 15.07 7.41
N ASN E 147 3.36 15.39 8.39
CA ASN E 147 2.89 15.85 9.73
C ASN E 147 2.08 17.15 9.64
N LEU E 148 2.17 17.88 8.54
CA LEU E 148 1.44 19.15 8.38
C LEU E 148 0.14 19.00 7.57
N THR E 149 -0.23 17.79 7.13
CA THR E 149 -1.35 17.60 6.19
C THR E 149 -2.57 16.95 6.81
N ARG E 150 -2.61 16.78 8.15
CA ARG E 150 -3.71 16.00 8.76
C ARG E 150 -4.79 16.87 9.38
N ASP E 151 -4.74 18.20 9.22
CA ASP E 151 -5.72 19.07 9.90
C ASP E 151 -6.35 20.03 8.88
N ALA E 152 -5.58 20.86 8.20
CA ALA E 152 -6.05 21.78 7.14
C ALA E 152 -5.87 21.13 5.77
N GLY E 153 -6.65 21.57 4.81
CA GLY E 153 -6.59 21.04 3.44
C GLY E 153 -5.31 21.38 2.71
N PHE E 154 -5.13 20.75 1.55
CA PHE E 154 -3.92 20.93 0.71
C PHE E 154 -3.74 22.39 0.30
N HIS E 155 -4.79 23.07 -0.18
CA HIS E 155 -4.61 24.45 -0.68
C HIS E 155 -4.12 25.32 0.50
N ILE E 156 -4.69 25.13 1.69
CA ILE E 156 -4.29 25.96 2.89
C ILE E 156 -2.85 25.62 3.24
N VAL E 157 -2.51 24.34 3.31
CA VAL E 157 -1.11 23.97 3.65
C VAL E 157 -0.16 24.57 2.62
N LYS E 158 -0.50 24.53 1.35
CA LYS E 158 0.44 25.05 0.31
C LYS E 158 0.61 26.58 0.45
N GLU E 159 -0.44 27.28 0.82
CA GLU E 159 -0.36 28.73 1.09
C GLU E 159 0.62 28.94 2.26
N LEU E 160 0.46 28.19 3.36
CA LEU E 160 1.30 28.40 4.57
C LEU E 160 2.77 28.20 4.19
N ILE E 161 3.07 27.15 3.44
CA ILE E 161 4.48 26.76 3.16
CA ILE E 161 4.49 26.77 3.16
C ILE E 161 5.03 27.68 2.05
N PHE E 162 4.28 27.92 1.00
CA PHE E 162 4.81 28.69 -0.14
C PHE E 162 5.01 30.18 0.23
N THR E 163 4.19 30.73 1.12
CA THR E 163 4.28 32.18 1.52
C THR E 163 5.22 32.33 2.73
N ALA E 164 5.26 31.34 3.62
CA ALA E 164 5.94 31.40 4.94
C ALA E 164 5.36 32.54 5.79
N SER E 165 4.16 33.00 5.49
CA SER E 165 3.55 34.16 6.16
C SER E 165 2.87 33.69 7.42
N PRO E 166 2.87 34.49 8.49
CA PRO E 166 2.20 34.14 9.72
C PRO E 166 0.68 34.18 9.57
N ILE E 167 0.02 33.26 10.24
CA ILE E 167 -1.46 33.34 10.37
C ILE E 167 -1.80 33.58 11.83
N THR E 168 -2.94 34.21 12.03
CA THR E 168 -3.52 34.44 13.36
C THR E 168 -4.06 33.15 13.94
N ALA E 169 -4.32 33.18 15.23
CA ALA E 169 -4.96 32.08 15.95
C ALA E 169 -6.38 31.89 15.43
N GLN E 170 -7.05 32.99 15.07
CA GLN E 170 -8.43 32.95 14.55
C GLN E 170 -8.46 32.21 13.20
N ARG E 171 -7.52 32.47 12.33
CA ARG E 171 -7.46 31.76 11.05
C ARG E 171 -7.03 30.31 11.27
N ALA E 172 -6.02 30.07 12.10
CA ALA E 172 -5.60 28.69 12.44
C ALA E 172 -6.79 27.88 12.96
N LEU E 173 -7.67 28.47 13.77
CA LEU E 173 -8.91 27.80 14.23
C LEU E 173 -9.83 27.53 13.03
N ALA E 174 -10.06 28.54 12.19
CA ALA E 174 -11.05 28.42 11.12
C ALA E 174 -10.62 27.34 10.12
N VAL E 175 -9.33 27.13 9.89
CA VAL E 175 -8.89 26.14 8.86
C VAL E 175 -8.66 24.76 9.46
N GLY E 176 -8.80 24.58 10.78
CA GLY E 176 -8.79 23.29 11.48
C GLY E 176 -7.48 22.91 12.13
N ILE E 177 -6.48 23.80 12.18
CA ILE E 177 -5.18 23.54 12.84
C ILE E 177 -5.40 23.50 14.36
N LEU E 178 -6.17 24.42 14.89
CA LEU E 178 -6.35 24.56 16.36
C LEU E 178 -7.65 23.91 16.84
N ASN E 179 -7.66 23.47 18.09
CA ASN E 179 -8.88 22.98 18.77
C ASN E 179 -9.67 24.15 19.32
N HIS E 180 -8.97 25.01 20.07
CA HIS E 180 -9.58 26.14 20.82
C HIS E 180 -8.66 27.35 20.81
N VAL E 181 -9.30 28.50 20.76
CA VAL E 181 -8.64 29.81 20.93
C VAL E 181 -9.26 30.45 22.18
N VAL E 182 -8.44 30.90 23.11
CA VAL E 182 -9.03 31.55 24.31
CA VAL E 182 -8.82 31.39 24.47
C VAL E 182 -8.18 32.76 24.69
N GLU E 183 -8.80 33.65 25.46
CA GLU E 183 -8.06 34.85 25.95
C GLU E 183 -6.87 34.36 26.79
N VAL E 184 -5.72 35.00 26.66
CA VAL E 184 -4.45 34.53 27.29
C VAL E 184 -4.63 34.38 28.81
N GLU E 185 -5.47 35.20 29.45
CA GLU E 185 -5.70 35.12 30.92
CA GLU E 185 -5.67 35.10 30.93
C GLU E 185 -6.47 33.83 31.28
N GLU E 186 -7.18 33.22 30.31
CA GLU E 186 -7.96 31.98 30.55
C GLU E 186 -7.20 30.73 30.06
N LEU E 187 -6.06 30.89 29.39
CA LEU E 187 -5.41 29.80 28.63
C LEU E 187 -5.10 28.64 29.56
N GLU E 188 -4.36 28.89 30.64
CA GLU E 188 -3.92 27.85 31.57
CA GLU E 188 -3.91 27.83 31.57
C GLU E 188 -5.14 27.19 32.19
N ASP E 189 -6.08 27.98 32.72
CA ASP E 189 -7.23 27.38 33.43
C ASP E 189 -7.96 26.43 32.47
N PHE E 190 -8.22 26.91 31.26
CA PHE E 190 -9.04 26.21 30.24
C PHE E 190 -8.37 24.89 29.87
N THR E 191 -7.04 24.91 29.70
CA THR E 191 -6.23 23.75 29.23
C THR E 191 -6.17 22.73 30.36
N LEU E 192 -5.91 23.19 31.59
CA LEU E 192 -5.85 22.26 32.74
C LEU E 192 -7.21 21.62 32.93
N GLN E 193 -8.30 22.35 32.79
CA GLN E 193 -9.64 21.74 33.01
C GLN E 193 -9.84 20.59 32.01
N MET E 194 -9.50 20.81 30.77
CA MET E 194 -9.64 19.75 29.73
C MET E 194 -8.70 18.56 30.02
N ALA E 195 -7.46 18.80 30.43
CA ALA E 195 -6.47 17.74 30.75
C ALA E 195 -6.95 16.92 31.96
N HIS E 196 -7.49 17.55 33.00
CA HIS E 196 -8.02 16.82 34.17
CA HIS E 196 -8.01 16.81 34.18
C HIS E 196 -9.19 15.95 33.72
N HIS E 197 -10.05 16.47 32.84
CA HIS E 197 -11.26 15.75 32.32
CA HIS E 197 -11.26 15.73 32.34
C HIS E 197 -10.83 14.49 31.55
N ILE E 198 -9.90 14.64 30.63
CA ILE E 198 -9.32 13.50 29.85
C ILE E 198 -8.75 12.47 30.83
N SER E 199 -8.09 12.90 31.91
CA SER E 199 -7.36 12.00 32.84
CA SER E 199 -7.37 12.01 32.84
C SER E 199 -8.35 11.14 33.65
N GLU E 200 -9.67 11.42 33.59
CA GLU E 200 -10.69 10.60 34.27
C GLU E 200 -11.15 9.44 33.37
N LYS E 201 -10.74 9.44 32.11
CA LYS E 201 -11.18 8.44 31.10
C LYS E 201 -10.22 7.26 31.10
N ALA E 202 -10.52 6.23 30.33
CA ALA E 202 -9.81 4.94 30.35
C ALA E 202 -8.49 5.07 29.61
N PRO E 203 -7.35 5.04 30.34
CA PRO E 203 -6.06 5.31 29.68
C PRO E 203 -5.65 4.28 28.61
N LEU E 204 -5.99 3.01 28.81
CA LEU E 204 -5.61 1.95 27.82
C LEU E 204 -6.42 2.13 26.54
N ALA E 205 -7.67 2.56 26.62
CA ALA E 205 -8.49 2.86 25.43
C ALA E 205 -7.93 4.10 24.73
N ILE E 206 -7.60 5.15 25.49
CA ILE E 206 -6.97 6.36 24.90
C ILE E 206 -5.69 5.95 24.15
N ALA E 207 -4.82 5.14 24.77
CA ALA E 207 -3.50 4.79 24.17
C ALA E 207 -3.72 4.02 22.87
N VAL E 208 -4.61 3.01 22.85
CA VAL E 208 -4.75 2.18 21.61
C VAL E 208 -5.43 3.02 20.51
N ILE E 209 -6.38 3.88 20.83
CA ILE E 209 -7.03 4.71 19.78
C ILE E 209 -6.04 5.73 19.26
N LYS E 210 -5.18 6.27 20.14
CA LYS E 210 -4.13 7.20 19.69
C LYS E 210 -3.23 6.45 18.71
N GLU E 211 -2.78 5.23 19.05
CA GLU E 211 -1.86 4.48 18.18
C GLU E 211 -2.55 4.11 16.86
N GLU E 212 -3.84 3.78 16.88
CA GLU E 212 -4.62 3.42 15.65
C GLU E 212 -4.66 4.65 14.73
N LEU E 213 -4.92 5.84 15.30
CA LEU E 213 -4.87 7.10 14.52
C LEU E 213 -3.45 7.38 14.00
N ARG E 214 -2.42 7.09 14.78
CA ARG E 214 -1.02 7.32 14.31
C ARG E 214 -0.76 6.44 13.08
N VAL E 215 -1.10 5.16 13.15
CA VAL E 215 -0.75 4.28 11.99
CA VAL E 215 -0.85 4.19 12.04
C VAL E 215 -1.65 4.60 10.79
N LEU E 216 -2.91 4.95 10.96
CA LEU E 216 -3.77 5.37 9.82
C LEU E 216 -3.20 6.65 9.24
N GLY E 217 -2.74 7.58 10.07
CA GLY E 217 -2.13 8.82 9.57
C GLY E 217 -0.91 8.56 8.71
N GLU E 218 -0.15 7.55 9.05
CA GLU E 218 1.13 7.20 8.38
C GLU E 218 0.87 6.32 7.14
N ALA E 219 -0.34 5.78 6.94
CA ALA E 219 -0.61 4.68 5.99
C ALA E 219 -0.82 5.24 4.57
N HIS E 220 0.06 6.11 4.13
CA HIS E 220 0.17 6.61 2.74
C HIS E 220 1.46 5.98 2.21
N THR E 221 1.36 4.96 1.37
CA THR E 221 2.49 4.06 1.07
C THR E 221 2.89 4.31 -0.39
N MET E 222 4.18 4.15 -0.66
CA MET E 222 4.77 4.34 -2.01
CA MET E 222 4.77 4.35 -2.01
C MET E 222 5.87 3.30 -2.22
N ASN E 223 6.29 3.12 -3.47
CA ASN E 223 7.35 2.16 -3.77
C ASN E 223 8.74 2.77 -3.54
N SER E 224 9.75 1.89 -3.49
CA SER E 224 11.14 2.30 -3.21
C SER E 224 11.62 3.31 -4.24
N ASP E 225 11.32 3.11 -5.51
CA ASP E 225 11.76 4.01 -6.59
C ASP E 225 11.24 5.44 -6.33
N GLU E 226 9.99 5.61 -5.94
CA GLU E 226 9.44 6.96 -5.69
C GLU E 226 10.19 7.61 -4.54
N PHE E 227 10.42 6.88 -3.45
CA PHE E 227 11.14 7.45 -2.30
CA PHE E 227 11.15 7.45 -2.29
C PHE E 227 12.57 7.85 -2.72
N GLU E 228 13.24 6.99 -3.48
CA GLU E 228 14.64 7.28 -3.89
C GLU E 228 14.66 8.49 -4.86
N ARG E 229 13.63 8.63 -5.68
CA ARG E 229 13.48 9.79 -6.61
C ARG E 229 13.33 11.08 -5.82
N ILE E 230 12.46 11.09 -4.80
CA ILE E 230 12.27 12.26 -3.89
C ILE E 230 13.60 12.53 -3.17
N GLN E 231 14.29 11.53 -2.67
CA GLN E 231 15.56 11.79 -1.92
CA GLN E 231 15.59 11.72 -1.95
C GLN E 231 16.58 12.41 -2.88
N GLY E 232 16.61 12.00 -4.16
CA GLY E 232 17.50 12.62 -5.15
C GLY E 232 17.18 14.09 -5.35
N MET E 233 15.88 14.40 -5.43
CA MET E 233 15.45 15.81 -5.55
C MET E 233 15.89 16.58 -4.29
N ARG E 234 15.73 16.02 -3.08
CA ARG E 234 16.04 16.74 -1.83
C ARG E 234 17.56 16.99 -1.82
N ARG E 235 18.35 15.99 -2.21
CA ARG E 235 19.83 16.14 -2.19
C ARG E 235 20.22 17.27 -3.13
N ALA E 236 19.65 17.34 -4.32
CA ALA E 236 19.94 18.46 -5.23
C ALA E 236 19.66 19.80 -4.54
N VAL E 237 18.59 19.91 -3.75
CA VAL E 237 18.30 21.17 -3.02
C VAL E 237 19.40 21.44 -1.98
N TYR E 238 19.78 20.47 -1.16
CA TYR E 238 20.87 20.60 -0.15
CA TYR E 238 20.81 20.77 -0.13
C TYR E 238 22.19 20.94 -0.81
N ASP E 239 22.36 20.57 -2.07
CA ASP E 239 23.62 20.86 -2.81
C ASP E 239 23.54 22.21 -3.54
N SER E 240 22.42 22.95 -3.46
CA SER E 240 22.21 24.12 -4.37
C SER E 240 22.97 25.33 -3.80
N GLU E 241 23.24 26.30 -4.65
CA GLU E 241 23.75 27.63 -4.22
C GLU E 241 22.69 28.31 -3.36
N ASP E 242 21.41 28.09 -3.69
CA ASP E 242 20.29 28.75 -2.98
C ASP E 242 20.26 28.35 -1.52
N TYR E 243 20.57 27.09 -1.21
CA TYR E 243 20.56 26.61 0.19
C TYR E 243 21.65 27.34 0.96
N GLN E 244 22.86 27.48 0.38
CA GLN E 244 23.99 28.19 1.05
C GLN E 244 23.57 29.66 1.28
N GLU E 245 23.01 30.29 0.24
CA GLU E 245 22.50 31.68 0.31
C GLU E 245 21.43 31.80 1.39
N GLY E 246 20.46 30.90 1.44
CA GLY E 246 19.40 31.03 2.47
C GLY E 246 19.96 30.97 3.88
N MET E 247 20.84 30.02 4.16
CA MET E 247 21.43 29.85 5.53
C MET E 247 22.28 31.07 5.89
N ASN E 248 23.16 31.49 4.99
CA ASN E 248 24.06 32.67 5.18
C ASN E 248 23.24 33.94 5.41
N ALA E 249 22.14 34.14 4.65
CA ALA E 249 21.30 35.36 4.71
C ALA E 249 20.61 35.37 6.06
N PHE E 250 20.21 34.20 6.56
CA PHE E 250 19.58 34.13 7.89
C PHE E 250 20.60 34.52 8.97
N LEU E 251 21.77 33.87 8.98
CA LEU E 251 22.85 34.13 9.97
C LEU E 251 23.31 35.60 9.88
N GLU E 252 23.34 36.21 8.68
CA GLU E 252 23.82 37.61 8.46
C GLU E 252 22.65 38.61 8.60
N LYS E 253 21.43 38.16 8.88
CA LYS E 253 20.21 39.01 9.03
C LYS E 253 20.06 39.97 7.84
N ARG E 254 20.17 39.45 6.61
CA ARG E 254 19.89 40.20 5.36
C ARG E 254 18.86 39.40 4.55
N LYS E 255 18.30 40.00 3.51
CA LYS E 255 17.29 39.32 2.65
C LYS E 255 18.05 38.42 1.68
N PRO E 256 17.69 37.11 1.54
CA PRO E 256 18.39 36.23 0.60
C PRO E 256 18.11 36.61 -0.86
N ASN E 257 19.03 36.27 -1.77
CA ASN E 257 18.91 36.41 -3.22
C ASN E 257 18.86 35.01 -3.83
N PHE E 258 17.65 34.47 -4.03
CA PHE E 258 17.49 33.10 -4.60
C PHE E 258 17.54 33.17 -6.13
N VAL E 259 18.23 32.25 -6.80
CA VAL E 259 18.42 32.28 -8.28
C VAL E 259 17.96 30.96 -8.95
N GLY E 260 17.53 29.94 -8.19
CA GLY E 260 16.95 28.72 -8.79
C GLY E 260 18.01 27.72 -9.25
N HIS E 261 19.21 27.78 -8.66
CA HIS E 261 20.22 26.69 -8.69
C HIS E 261 21.07 26.73 -7.42
N ALA F 2 -43.51 -5.60 6.76
CA ALA F 2 -43.19 -4.47 7.67
C ALA F 2 -42.09 -4.90 8.64
N TYR F 3 -41.74 -4.03 9.57
CA TYR F 3 -40.57 -4.23 10.45
C TYR F 3 -40.99 -3.93 11.88
N GLN F 4 -40.48 -4.67 12.83
CA GLN F 4 -40.80 -4.37 14.25
C GLN F 4 -40.14 -3.04 14.68
N TYR F 5 -38.90 -2.77 14.27
CA TYR F 5 -38.07 -1.73 14.91
C TYR F 5 -37.73 -0.57 13.97
N VAL F 6 -38.28 -0.54 12.76
CA VAL F 6 -38.27 0.71 11.94
C VAL F 6 -39.62 0.89 11.24
N ASN F 7 -39.89 2.11 10.79
CA ASN F 7 -41.04 2.43 9.92
C ASN F 7 -40.48 3.05 8.63
N VAL F 8 -40.97 2.62 7.47
CA VAL F 8 -40.50 3.10 6.16
C VAL F 8 -41.67 3.80 5.45
N VAL F 9 -41.40 4.96 4.90
CA VAL F 9 -42.33 5.73 4.02
C VAL F 9 -41.59 6.03 2.72
N THR F 10 -42.24 5.84 1.58
CA THR F 10 -41.71 6.25 0.25
C THR F 10 -42.47 7.49 -0.22
N ILE F 11 -41.78 8.52 -0.70
CA ILE F 11 -42.38 9.76 -1.27
C ILE F 11 -41.74 9.93 -2.65
N ASN F 12 -42.46 9.56 -3.71
CA ASN F 12 -41.91 9.53 -5.10
C ASN F 12 -40.68 8.60 -5.08
N LYS F 13 -39.47 9.10 -5.32
CA LYS F 13 -38.25 8.23 -5.38
C LYS F 13 -37.43 8.29 -4.09
N VAL F 14 -37.94 8.89 -3.02
CA VAL F 14 -37.20 9.04 -1.74
C VAL F 14 -37.79 8.09 -0.72
N ALA F 15 -36.96 7.33 -0.01
CA ALA F 15 -37.41 6.47 1.11
C ALA F 15 -36.85 7.03 2.42
N VAL F 16 -37.72 7.15 3.41
CA VAL F 16 -37.38 7.60 4.77
C VAL F 16 -37.48 6.38 5.67
N ILE F 17 -36.37 5.96 6.25
CA ILE F 17 -36.34 4.86 7.25
C ILE F 17 -36.33 5.57 8.61
N GLU F 18 -37.38 5.41 9.39
CA GLU F 18 -37.51 6.05 10.71
C GLU F 18 -37.34 5.01 11.82
N PHE F 19 -36.53 5.30 12.83
CA PHE F 19 -36.25 4.33 13.92
C PHE F 19 -37.55 4.14 14.74
N ASN F 20 -37.78 2.93 15.21
CA ASN F 20 -38.94 2.64 16.10
C ASN F 20 -38.47 1.74 17.24
N TYR F 21 -37.46 2.22 17.98
CA TYR F 21 -36.84 1.49 19.11
C TYR F 21 -36.68 2.47 20.27
N GLY F 22 -37.63 3.38 20.42
CA GLY F 22 -37.55 4.52 21.36
C GLY F 22 -37.51 4.11 22.84
N ARG F 23 -37.99 2.92 23.15
CA ARG F 23 -38.01 2.39 24.53
C ARG F 23 -36.59 2.06 24.97
N LYS F 24 -35.65 1.90 24.03
CA LYS F 24 -34.21 1.72 24.33
C LYS F 24 -33.42 2.89 23.74
N LEU F 25 -34.09 4.01 23.49
CA LEU F 25 -33.50 5.24 22.90
C LEU F 25 -32.69 4.89 21.63
N ASN F 26 -33.18 3.94 20.85
CA ASN F 26 -32.62 3.57 19.53
C ASN F 26 -31.15 3.15 19.70
N ALA F 27 -30.82 2.55 20.84
CA ALA F 27 -29.54 1.85 21.04
C ALA F 27 -29.36 0.80 19.96
N LEU F 28 -28.12 0.47 19.61
CA LEU F 28 -27.85 -0.36 18.41
C LEU F 28 -27.89 -1.85 18.77
N SER F 29 -28.96 -2.31 19.39
CA SER F 29 -29.23 -3.74 19.65
C SER F 29 -29.22 -4.49 18.32
N LYS F 30 -28.76 -5.73 18.34
CA LYS F 30 -28.76 -6.60 17.13
C LYS F 30 -30.15 -6.59 16.48
N VAL F 31 -31.24 -6.65 17.24
CA VAL F 31 -32.59 -6.81 16.62
C VAL F 31 -32.92 -5.55 15.82
N PHE F 32 -32.49 -4.38 16.29
CA PHE F 32 -32.77 -3.06 15.67
C PHE F 32 -31.96 -2.95 14.39
N ILE F 33 -30.67 -3.24 14.48
CA ILE F 33 -29.75 -3.16 13.32
C ILE F 33 -30.15 -4.17 12.25
N ASP F 34 -30.56 -5.38 12.61
CA ASP F 34 -31.02 -6.40 11.61
C ASP F 34 -32.23 -5.86 10.84
N ASP F 35 -33.14 -5.17 11.51
CA ASP F 35 -34.31 -4.55 10.87
C ASP F 35 -33.92 -3.39 9.97
N LEU F 36 -33.01 -2.53 10.44
N LEU F 36 -33.02 -2.49 10.42
CA LEU F 36 -32.49 -1.40 9.63
CA LEU F 36 -32.47 -1.38 9.59
C LEU F 36 -31.82 -1.96 8.36
C LEU F 36 -31.83 -1.98 8.33
N MET F 37 -31.02 -3.02 8.48
CA MET F 37 -30.34 -3.65 7.31
C MET F 37 -31.38 -4.34 6.41
N GLN F 38 -32.38 -4.98 6.96
CA GLN F 38 -33.42 -5.59 6.09
C GLN F 38 -34.17 -4.48 5.34
N ALA F 39 -34.56 -3.39 6.00
CA ALA F 39 -35.27 -2.25 5.36
C ALA F 39 -34.41 -1.67 4.24
N LEU F 40 -33.11 -1.46 4.47
CA LEU F 40 -32.21 -0.92 3.44
CA LEU F 40 -32.21 -0.92 3.43
C LEU F 40 -32.15 -1.87 2.24
N SER F 41 -31.92 -3.15 2.49
CA SER F 41 -31.85 -4.15 1.41
C SER F 41 -33.15 -4.15 0.58
N ASP F 42 -34.30 -4.08 1.23
CA ASP F 42 -35.65 -4.09 0.58
C ASP F 42 -35.79 -2.86 -0.32
N LEU F 43 -35.08 -1.74 -0.02
CA LEU F 43 -35.18 -0.45 -0.75
C LEU F 43 -34.14 -0.36 -1.88
N ASN F 44 -33.35 -1.41 -2.10
CA ASN F 44 -32.33 -1.46 -3.19
C ASN F 44 -33.03 -1.79 -4.51
N ARG F 45 -33.83 -0.85 -5.00
CA ARG F 45 -34.74 -1.00 -6.16
C ARG F 45 -34.54 0.18 -7.10
N PRO F 46 -34.75 0.02 -8.42
CA PRO F 46 -34.49 1.08 -9.39
CA PRO F 46 -34.42 1.11 -9.34
C PRO F 46 -35.34 2.33 -9.16
N GLU F 47 -36.57 2.16 -8.67
CA GLU F 47 -37.53 3.26 -8.41
C GLU F 47 -37.18 4.02 -7.10
N ILE F 48 -36.18 3.57 -6.33
CA ILE F 48 -35.74 4.33 -5.12
C ILE F 48 -34.40 4.97 -5.43
N ARG F 49 -34.20 6.25 -5.14
CA ARG F 49 -33.04 7.03 -5.64
CA ARG F 49 -32.96 6.89 -5.61
C ARG F 49 -32.23 7.60 -4.47
N CYS F 50 -32.86 7.76 -3.31
CA CYS F 50 -32.23 8.43 -2.16
C CYS F 50 -32.88 7.90 -0.87
N ILE F 51 -32.05 7.68 0.15
CA ILE F 51 -32.51 7.21 1.48
C ILE F 51 -32.27 8.32 2.49
N ILE F 52 -33.22 8.49 3.40
CA ILE F 52 -33.06 9.30 4.63
C ILE F 52 -33.20 8.36 5.85
N LEU F 53 -32.26 8.44 6.79
CA LEU F 53 -32.35 7.79 8.11
C LEU F 53 -32.72 8.85 9.13
N ARG F 54 -33.74 8.62 9.94
CA ARG F 54 -34.13 9.58 10.99
C ARG F 54 -34.62 8.86 12.23
N ALA F 55 -34.63 9.57 13.34
CA ALA F 55 -35.41 9.22 14.54
C ALA F 55 -36.77 9.90 14.42
N PRO F 56 -37.76 9.43 15.20
CA PRO F 56 -39.07 10.05 15.19
C PRO F 56 -38.99 11.56 15.50
N SER F 57 -39.88 12.32 14.88
CA SER F 57 -40.06 13.76 15.19
C SER F 57 -40.12 13.97 16.71
N GLY F 58 -39.38 14.94 17.20
CA GLY F 58 -39.38 15.30 18.64
C GLY F 58 -38.45 14.45 19.49
N SER F 59 -37.68 13.51 18.93
CA SER F 59 -36.80 12.63 19.75
C SER F 59 -35.77 13.49 20.50
N LYS F 60 -35.60 13.25 21.79
CA LYS F 60 -34.52 13.85 22.60
C LYS F 60 -33.18 13.12 22.30
N VAL F 61 -33.26 11.79 22.08
CA VAL F 61 -32.08 10.94 21.79
C VAL F 61 -32.24 10.35 20.41
N PHE F 62 -31.38 10.74 19.48
CA PHE F 62 -31.36 10.15 18.13
C PHE F 62 -31.02 8.66 18.29
N SER F 63 -29.92 8.36 18.97
CA SER F 63 -29.49 6.98 19.27
C SER F 63 -28.49 7.00 20.41
N ALA F 64 -28.72 6.16 21.45
CA ALA F 64 -27.87 6.05 22.65
C ALA F 64 -26.62 5.22 22.32
N GLY F 65 -26.45 4.81 21.07
CA GLY F 65 -25.21 4.14 20.63
C GLY F 65 -25.22 2.66 20.98
N HIS F 66 -24.05 2.11 21.27
CA HIS F 66 -23.89 0.64 21.47
C HIS F 66 -24.78 0.15 22.58
N ASP F 67 -25.45 -0.99 22.35
CA ASP F 67 -26.18 -1.68 23.43
C ASP F 67 -25.15 -2.33 24.36
N ILE F 68 -24.90 -1.74 25.53
CA ILE F 68 -23.77 -2.15 26.42
C ILE F 68 -24.09 -3.52 27.02
N HIS F 69 -25.38 -3.87 27.18
CA HIS F 69 -25.82 -5.24 27.55
C HIS F 69 -25.29 -6.27 26.56
N GLU F 70 -25.15 -5.92 25.28
CA GLU F 70 -24.86 -6.92 24.23
C GLU F 70 -23.34 -7.06 24.04
N LEU F 71 -22.50 -6.23 24.66
CA LEU F 71 -21.02 -6.36 24.53
C LEU F 71 -20.62 -7.63 25.27
N PRO F 72 -19.69 -8.44 24.70
CA PRO F 72 -19.12 -9.58 25.44
C PRO F 72 -18.23 -9.07 26.58
N SER F 73 -18.34 -9.73 27.75
CA SER F 73 -17.93 -9.23 29.09
C SER F 73 -16.41 -9.10 29.26
N GLY F 74 -15.61 -9.76 28.42
CA GLY F 74 -14.15 -9.69 28.55
C GLY F 74 -13.47 -10.95 28.06
N GLY F 75 -12.31 -10.77 27.45
CA GLY F 75 -11.58 -11.82 26.74
C GLY F 75 -11.99 -11.89 25.30
N ARG F 76 -13.08 -11.17 24.94
CA ARG F 76 -13.71 -11.23 23.58
C ARG F 76 -13.64 -9.84 22.96
N ASP F 77 -13.20 -9.78 21.70
CA ASP F 77 -13.21 -8.53 20.89
C ASP F 77 -14.67 -8.05 20.84
N PRO F 78 -14.98 -6.84 21.30
CA PRO F 78 -16.36 -6.32 21.20
C PRO F 78 -16.76 -5.73 19.83
N LEU F 79 -15.80 -5.57 18.93
CA LEU F 79 -16.06 -4.90 17.62
C LEU F 79 -15.46 -5.74 16.49
N SER F 80 -15.84 -7.01 16.48
CA SER F 80 -15.45 -8.00 15.45
C SER F 80 -16.17 -7.67 14.14
N TYR F 81 -15.67 -8.23 13.05
CA TYR F 81 -16.11 -7.89 11.69
C TYR F 81 -17.62 -8.12 11.54
N ASP F 82 -18.22 -9.13 12.17
CA ASP F 82 -19.65 -9.45 11.91
C ASP F 82 -20.52 -8.96 13.08
N ASP F 83 -20.03 -8.06 13.92
CA ASP F 83 -20.88 -7.37 14.93
C ASP F 83 -21.77 -6.39 14.19
N PRO F 84 -23.01 -6.19 14.69
CA PRO F 84 -24.00 -5.41 13.97
C PRO F 84 -23.57 -4.00 13.51
N LEU F 85 -22.96 -3.19 14.36
CA LEU F 85 -22.48 -1.85 13.92
C LEU F 85 -21.48 -1.97 12.77
N ARG F 86 -20.58 -2.95 12.82
CA ARG F 86 -19.58 -3.15 11.75
C ARG F 86 -20.32 -3.56 10.47
N GLN F 87 -21.36 -4.40 10.57
CA GLN F 87 -22.12 -4.81 9.37
C GLN F 87 -22.86 -3.60 8.79
N ILE F 88 -23.53 -2.79 9.60
CA ILE F 88 -24.41 -1.70 9.06
CA ILE F 88 -24.40 -1.72 9.03
C ILE F 88 -23.54 -0.61 8.43
N THR F 89 -22.37 -0.30 9.01
CA THR F 89 -21.52 0.75 8.43
C THR F 89 -21.05 0.26 7.05
N ARG F 90 -20.64 -1.00 6.90
CA ARG F 90 -20.25 -1.51 5.56
C ARG F 90 -21.45 -1.41 4.60
N MET F 91 -22.61 -1.81 5.07
CA MET F 91 -23.82 -1.82 4.21
C MET F 91 -24.13 -0.39 3.77
N ILE F 92 -24.14 0.58 4.70
CA ILE F 92 -24.38 2.02 4.34
C ILE F 92 -23.37 2.44 3.25
N GLN F 93 -22.08 2.09 3.43
CA GLN F 93 -21.00 2.61 2.60
C GLN F 93 -21.05 2.00 1.21
N LYS F 94 -21.54 0.76 1.10
CA LYS F 94 -21.55 -0.01 -0.18
C LYS F 94 -22.90 0.18 -0.89
N PHE F 95 -23.85 0.82 -0.23
CA PHE F 95 -25.22 0.98 -0.78
C PHE F 95 -25.18 1.91 -1.99
N PRO F 96 -25.71 1.48 -3.15
CA PRO F 96 -25.50 2.22 -4.40
C PRO F 96 -26.40 3.46 -4.52
N LYS F 97 -27.07 3.87 -3.46
CA LYS F 97 -27.85 5.12 -3.44
C LYS F 97 -27.28 6.00 -2.32
N PRO F 98 -27.49 7.32 -2.41
CA PRO F 98 -27.10 8.18 -1.30
C PRO F 98 -27.96 7.87 -0.08
N ILE F 99 -27.30 7.94 1.07
CA ILE F 99 -27.95 7.81 2.40
C ILE F 99 -27.68 9.08 3.18
N ILE F 100 -28.74 9.81 3.54
CA ILE F 100 -28.64 11.09 4.30
C ILE F 100 -29.09 10.80 5.73
N SER F 101 -28.27 11.09 6.74
CA SER F 101 -28.66 11.03 8.14
C SER F 101 -29.32 12.37 8.48
N MET F 102 -30.59 12.33 8.88
CA MET F 102 -31.37 13.50 9.28
C MET F 102 -31.52 13.43 10.80
N VAL F 103 -30.76 14.28 11.51
CA VAL F 103 -30.53 14.11 12.96
C VAL F 103 -31.31 15.16 13.74
N GLU F 104 -32.18 14.68 14.59
CA GLU F 104 -32.80 15.41 15.72
C GLU F 104 -32.43 14.67 16.99
N GLY F 105 -31.95 15.38 18.00
CA GLY F 105 -31.63 14.78 19.31
C GLY F 105 -30.13 14.52 19.48
N SER F 106 -29.76 13.83 20.55
CA SER F 106 -28.36 13.54 20.89
C SER F 106 -27.93 12.24 20.22
N VAL F 107 -26.66 12.20 19.78
CA VAL F 107 -26.01 11.10 19.04
C VAL F 107 -24.81 10.66 19.85
N TRP F 108 -24.74 9.37 20.20
CA TRP F 108 -23.71 8.80 21.10
C TRP F 108 -22.97 7.65 20.44
N GLY F 109 -21.63 7.71 20.48
CA GLY F 109 -20.75 6.55 20.37
C GLY F 109 -20.92 5.85 19.04
N GLY F 110 -21.30 4.58 19.05
CA GLY F 110 -21.50 3.82 17.81
C GLY F 110 -22.48 4.53 16.87
N ALA F 111 -23.48 5.24 17.38
CA ALA F 111 -24.46 5.92 16.50
C ALA F 111 -23.79 7.10 15.79
N PHE F 112 -22.77 7.72 16.41
CA PHE F 112 -21.98 8.81 15.81
C PHE F 112 -21.18 8.17 14.68
N GLU F 113 -20.55 7.02 14.92
CA GLU F 113 -19.86 6.32 13.79
C GLU F 113 -20.85 6.00 12.66
N MET F 114 -22.03 5.51 12.98
CA MET F 114 -23.06 5.14 11.98
C MET F 114 -23.41 6.34 11.09
N ILE F 115 -23.74 7.49 11.66
CA ILE F 115 -24.06 8.68 10.81
C ILE F 115 -22.79 9.13 10.06
N MET F 116 -21.59 9.06 10.66
CA MET F 116 -20.38 9.48 9.94
C MET F 116 -20.23 8.59 8.70
N SER F 117 -20.62 7.33 8.75
CA SER F 117 -20.49 6.40 7.60
C SER F 117 -21.47 6.71 6.47
N SER F 118 -22.56 7.41 6.74
CA SER F 118 -23.52 7.86 5.71
C SER F 118 -22.94 8.98 4.85
N ASP F 119 -23.65 9.38 3.81
CA ASP F 119 -23.10 10.25 2.74
C ASP F 119 -23.20 11.73 3.09
N LEU F 120 -24.29 12.12 3.75
CA LEU F 120 -24.55 13.54 4.13
C LEU F 120 -25.21 13.51 5.49
N ILE F 121 -24.95 14.51 6.32
CA ILE F 121 -25.62 14.67 7.63
C ILE F 121 -26.27 16.06 7.69
N ILE F 122 -27.59 16.11 7.87
CA ILE F 122 -28.38 17.35 8.06
CA ILE F 122 -28.33 17.37 8.08
C ILE F 122 -28.93 17.29 9.47
N ALA F 123 -28.69 18.30 10.30
CA ALA F 123 -29.05 18.17 11.73
C ALA F 123 -29.82 19.39 12.22
N ALA F 124 -30.63 19.15 13.23
CA ALA F 124 -31.32 20.20 14.00
C ALA F 124 -30.30 21.04 14.78
N SER F 125 -30.57 22.33 14.93
CA SER F 125 -29.70 23.27 15.68
C SER F 125 -29.49 22.82 17.14
N THR F 126 -30.36 21.99 17.69
CA THR F 126 -30.33 21.52 19.10
C THR F 126 -29.68 20.14 19.24
N SER F 127 -29.27 19.50 18.11
CA SER F 127 -28.65 18.15 18.17
CA SER F 127 -28.64 18.16 18.16
C SER F 127 -27.25 18.24 18.78
N THR F 128 -26.79 17.16 19.41
CA THR F 128 -25.44 17.08 20.03
C THR F 128 -24.80 15.76 19.62
N PHE F 129 -23.47 15.71 19.62
CA PHE F 129 -22.67 14.58 19.08
C PHE F 129 -21.56 14.26 20.07
N SER F 130 -21.38 12.99 20.42
CA SER F 130 -20.29 12.51 21.31
CA SER F 130 -20.24 12.55 21.26
C SER F 130 -19.74 11.18 20.79
N MET F 131 -18.45 10.96 20.96
CA MET F 131 -17.83 9.64 20.68
C MET F 131 -17.31 9.12 22.03
N THR F 132 -17.86 8.03 22.55
CA THR F 132 -17.79 7.66 23.99
C THR F 132 -16.94 6.43 24.34
N PRO F 133 -16.13 5.75 23.49
CA PRO F 133 -15.46 4.54 23.97
C PRO F 133 -14.52 4.70 25.17
N VAL F 134 -13.90 5.86 25.34
CA VAL F 134 -12.96 6.03 26.49
C VAL F 134 -13.76 6.15 27.82
N ASN F 135 -15.07 6.32 27.78
CA ASN F 135 -15.90 6.30 29.01
C ASN F 135 -15.95 4.89 29.59
N LEU F 136 -15.82 3.86 28.74
CA LEU F 136 -16.03 2.45 29.11
C LEU F 136 -14.73 1.66 29.04
N GLY F 137 -13.70 2.21 28.43
CA GLY F 137 -12.45 1.47 28.27
C GLY F 137 -12.48 0.57 27.05
N VAL F 138 -13.27 0.92 26.06
CA VAL F 138 -13.41 0.07 24.83
C VAL F 138 -12.26 0.34 23.87
N PRO F 139 -11.57 -0.71 23.38
CA PRO F 139 -10.60 -0.55 22.30
C PRO F 139 -11.31 -0.51 20.95
N TYR F 140 -11.73 0.66 20.53
CA TYR F 140 -12.41 0.86 19.24
C TYR F 140 -11.51 0.28 18.13
N ASN F 141 -12.10 -0.34 17.14
CA ASN F 141 -11.34 -1.05 16.09
C ASN F 141 -10.85 -0.08 15.00
N LEU F 142 -9.84 -0.50 14.25
CA LEU F 142 -9.23 0.35 13.21
C LEU F 142 -10.28 0.86 12.23
N VAL F 143 -11.06 -0.02 11.59
CA VAL F 143 -12.04 0.39 10.56
C VAL F 143 -12.98 1.44 11.17
N GLY F 144 -13.40 1.20 12.42
CA GLY F 144 -14.30 2.09 13.16
C GLY F 144 -13.70 3.47 13.32
N ILE F 145 -12.46 3.53 13.75
CA ILE F 145 -11.79 4.84 13.94
C ILE F 145 -11.59 5.50 12.56
N HIS F 146 -11.20 4.72 11.52
CA HIS F 146 -10.97 5.25 10.15
CA HIS F 146 -10.95 5.29 10.18
C HIS F 146 -12.22 6.00 9.70
N ASN F 147 -13.40 5.43 9.96
CA ASN F 147 -14.71 6.00 9.58
C ASN F 147 -14.96 7.40 10.20
N LEU F 148 -14.25 7.77 11.27
CA LEU F 148 -14.36 9.09 11.95
C LEU F 148 -13.36 10.13 11.43
N THR F 149 -12.49 9.80 10.45
CA THR F 149 -11.33 10.63 10.08
C THR F 149 -11.44 11.31 8.72
N ARG F 150 -12.60 11.26 8.04
CA ARG F 150 -12.66 11.70 6.62
C ARG F 150 -13.34 13.07 6.51
N ASP F 151 -13.70 13.72 7.64
CA ASP F 151 -14.50 14.95 7.63
C ASP F 151 -13.77 16.06 8.41
N ALA F 152 -13.55 15.89 9.70
CA ALA F 152 -12.81 16.83 10.56
C ALA F 152 -11.34 16.42 10.63
N GLY F 153 -10.46 17.34 10.99
CA GLY F 153 -9.02 17.03 11.08
C GLY F 153 -8.66 16.18 12.29
N PHE F 154 -7.41 15.73 12.35
CA PHE F 154 -6.93 14.81 13.38
C PHE F 154 -7.05 15.46 14.76
N HIS F 155 -6.58 16.70 14.94
CA HIS F 155 -6.66 17.32 16.30
CA HIS F 155 -6.65 17.33 16.29
C HIS F 155 -8.12 17.34 16.78
N ILE F 156 -9.06 17.65 15.92
CA ILE F 156 -10.50 17.71 16.30
CA ILE F 156 -10.49 17.73 16.31
C ILE F 156 -10.98 16.31 16.67
N VAL F 157 -10.67 15.31 15.86
CA VAL F 157 -11.14 13.94 16.14
C VAL F 157 -10.55 13.49 17.49
N LYS F 158 -9.28 13.78 17.71
CA LYS F 158 -8.66 13.38 18.99
C LYS F 158 -9.35 14.07 20.18
N GLU F 159 -9.65 15.36 20.10
CA GLU F 159 -10.42 16.04 21.18
C GLU F 159 -11.74 15.28 21.39
N LEU F 160 -12.50 15.01 20.33
CA LEU F 160 -13.80 14.31 20.49
C LEU F 160 -13.61 12.97 21.24
N ILE F 161 -12.64 12.17 20.82
CA ILE F 161 -12.48 10.79 21.33
C ILE F 161 -11.85 10.85 22.71
N PHE F 162 -10.82 11.67 22.93
CA PHE F 162 -10.12 11.68 24.24
C PHE F 162 -10.98 12.32 25.35
N THR F 163 -11.81 13.30 25.03
CA THR F 163 -12.70 13.94 26.05
C THR F 163 -14.03 13.21 26.16
N ALA F 164 -14.52 12.54 25.11
CA ALA F 164 -15.90 12.00 25.02
C ALA F 164 -16.95 13.10 25.30
N SER F 165 -16.61 14.37 25.20
CA SER F 165 -17.55 15.48 25.50
C SER F 165 -18.41 15.75 24.27
N PRO F 166 -19.69 16.11 24.47
CA PRO F 166 -20.60 16.46 23.40
C PRO F 166 -20.18 17.75 22.73
N ILE F 167 -20.35 17.80 21.43
CA ILE F 167 -20.26 19.08 20.69
C ILE F 167 -21.63 19.47 20.16
N THR F 168 -21.82 20.77 19.97
CA THR F 168 -23.07 21.32 19.39
C THR F 168 -23.11 21.02 17.89
N ALA F 169 -24.30 21.14 17.32
CA ALA F 169 -24.51 21.15 15.86
C ALA F 169 -23.70 22.27 15.21
N GLN F 170 -23.58 23.44 15.84
CA GLN F 170 -22.87 24.59 15.25
C GLN F 170 -21.39 24.24 15.15
N ARG F 171 -20.85 23.64 16.19
CA ARG F 171 -19.41 23.28 16.15
C ARG F 171 -19.19 22.10 15.17
N ALA F 172 -20.06 21.10 15.19
CA ALA F 172 -19.97 20.01 14.18
C ALA F 172 -19.96 20.57 12.76
N LEU F 173 -20.78 21.59 12.48
CA LEU F 173 -20.80 22.25 11.16
C LEU F 173 -19.45 22.93 10.89
N ALA F 174 -18.95 23.71 11.85
CA ALA F 174 -17.70 24.49 11.72
C ALA F 174 -16.51 23.56 11.40
N VAL F 175 -16.43 22.37 12.01
CA VAL F 175 -15.21 21.49 11.89
C VAL F 175 -15.35 20.55 10.70
N GLY F 176 -16.51 20.49 10.03
CA GLY F 176 -16.70 19.74 8.76
C GLY F 176 -17.44 18.42 8.91
N ILE F 177 -18.00 18.10 10.07
CA ILE F 177 -18.77 16.84 10.30
C ILE F 177 -20.12 16.93 9.59
N LEU F 178 -20.84 18.04 9.71
CA LEU F 178 -22.21 18.20 9.17
C LEU F 178 -22.17 18.93 7.85
N ASN F 179 -23.16 18.66 7.01
CA ASN F 179 -23.43 19.43 5.78
C ASN F 179 -24.17 20.73 6.10
N HIS F 180 -25.27 20.61 6.86
CA HIS F 180 -26.23 21.71 7.15
C HIS F 180 -26.79 21.57 8.56
N VAL F 181 -26.97 22.72 9.17
CA VAL F 181 -27.72 22.85 10.45
C VAL F 181 -28.96 23.71 10.16
N VAL F 182 -30.12 23.24 10.58
CA VAL F 182 -31.37 24.04 10.37
CA VAL F 182 -31.47 23.81 10.29
C VAL F 182 -32.23 23.95 11.63
N GLU F 183 -33.13 24.92 11.77
CA GLU F 183 -34.09 24.91 12.90
C GLU F 183 -34.89 23.61 12.80
N VAL F 184 -35.30 23.03 13.92
CA VAL F 184 -35.93 21.68 13.97
C VAL F 184 -37.22 21.67 13.14
N GLU F 185 -37.94 22.79 13.14
CA GLU F 185 -39.25 22.95 12.44
CA GLU F 185 -39.26 22.90 12.44
C GLU F 185 -39.04 22.85 10.92
N GLU F 186 -37.84 23.15 10.45
CA GLU F 186 -37.52 23.15 9.00
C GLU F 186 -36.73 21.89 8.62
N LEU F 187 -36.38 21.03 9.57
CA LEU F 187 -35.43 19.91 9.32
C LEU F 187 -36.00 18.92 8.28
N GLU F 188 -37.24 18.42 8.46
CA GLU F 188 -37.84 17.43 7.53
CA GLU F 188 -37.88 17.44 7.54
C GLU F 188 -37.95 18.05 6.13
N ASP F 189 -38.46 19.27 6.00
CA ASP F 189 -38.70 19.89 4.65
C ASP F 189 -37.38 20.13 3.92
N PHE F 190 -36.40 20.71 4.60
CA PHE F 190 -35.07 20.99 4.04
C PHE F 190 -34.46 19.68 3.51
N THR F 191 -34.43 18.62 4.31
CA THR F 191 -33.78 17.33 3.95
C THR F 191 -34.56 16.65 2.80
N LEU F 192 -35.90 16.63 2.83
CA LEU F 192 -36.71 16.04 1.75
C LEU F 192 -36.46 16.79 0.46
N GLN F 193 -36.36 18.12 0.50
CA GLN F 193 -36.12 18.93 -0.73
CA GLN F 193 -36.17 18.88 -0.77
C GLN F 193 -34.78 18.51 -1.34
N MET F 194 -33.77 18.30 -0.49
CA MET F 194 -32.44 17.93 -1.05
C MET F 194 -32.49 16.51 -1.63
N ALA F 195 -33.13 15.59 -0.94
CA ALA F 195 -33.26 14.18 -1.40
C ALA F 195 -34.05 14.11 -2.72
N HIS F 196 -35.14 14.86 -2.87
CA HIS F 196 -35.92 14.89 -4.14
CA HIS F 196 -35.91 14.84 -4.14
C HIS F 196 -35.05 15.44 -5.28
N HIS F 197 -34.24 16.43 -4.96
CA HIS F 197 -33.32 17.03 -5.93
C HIS F 197 -32.33 15.96 -6.42
N ILE F 198 -31.68 15.26 -5.50
CA ILE F 198 -30.66 14.25 -5.84
C ILE F 198 -31.33 13.15 -6.69
N SER F 199 -32.61 12.89 -6.43
CA SER F 199 -33.41 11.80 -7.04
C SER F 199 -33.61 12.03 -8.53
N GLU F 200 -33.39 13.25 -9.03
CA GLU F 200 -33.51 13.51 -10.48
C GLU F 200 -32.16 13.38 -11.18
N LYS F 201 -31.07 13.16 -10.44
CA LYS F 201 -29.74 13.04 -11.05
C LYS F 201 -29.49 11.60 -11.54
N ALA F 202 -28.36 11.35 -12.22
CA ALA F 202 -28.06 10.07 -12.89
C ALA F 202 -27.65 9.05 -11.83
N PRO F 203 -28.48 8.05 -11.55
CA PRO F 203 -28.22 7.14 -10.43
C PRO F 203 -26.95 6.30 -10.62
N LEU F 204 -26.61 5.91 -11.84
CA LEU F 204 -25.45 5.01 -12.07
C LEU F 204 -24.18 5.83 -11.88
N ALA F 205 -24.20 7.11 -12.24
CA ALA F 205 -23.06 8.01 -11.99
C ALA F 205 -22.87 8.23 -10.48
N ILE F 206 -23.94 8.49 -9.76
CA ILE F 206 -23.91 8.63 -8.28
C ILE F 206 -23.35 7.33 -7.69
N ALA F 207 -23.80 6.15 -8.15
CA ALA F 207 -23.39 4.86 -7.51
C ALA F 207 -21.89 4.64 -7.77
N VAL F 208 -21.38 4.83 -8.99
CA VAL F 208 -19.95 4.53 -9.23
C VAL F 208 -19.07 5.60 -8.54
N ILE F 209 -19.49 6.85 -8.46
CA ILE F 209 -18.67 7.90 -7.77
C ILE F 209 -18.67 7.62 -6.27
N LYS F 210 -19.79 7.17 -5.73
CA LYS F 210 -19.87 6.86 -4.29
C LYS F 210 -18.89 5.71 -4.01
N GLU F 211 -18.89 4.69 -4.88
CA GLU F 211 -18.00 3.50 -4.71
C GLU F 211 -16.53 3.91 -4.86
N GLU F 212 -16.19 4.77 -5.82
CA GLU F 212 -14.82 5.34 -5.99
C GLU F 212 -14.39 6.07 -4.73
N LEU F 213 -15.26 6.87 -4.15
CA LEU F 213 -14.92 7.56 -2.88
C LEU F 213 -14.73 6.52 -1.76
N ARG F 214 -15.59 5.50 -1.70
CA ARG F 214 -15.45 4.47 -0.65
C ARG F 214 -14.06 3.84 -0.74
N VAL F 215 -13.65 3.37 -1.92
CA VAL F 215 -12.35 2.67 -2.12
CA VAL F 215 -12.35 2.63 -1.97
C VAL F 215 -11.17 3.59 -1.78
N LEU F 216 -11.23 4.84 -2.26
CA LEU F 216 -10.19 5.87 -1.98
C LEU F 216 -10.13 6.12 -0.47
N GLY F 217 -11.26 6.16 0.20
CA GLY F 217 -11.33 6.41 1.65
C GLY F 217 -10.72 5.25 2.42
N GLU F 218 -10.78 4.04 1.86
CA GLU F 218 -10.23 2.84 2.56
CA GLU F 218 -10.26 2.78 2.48
C GLU F 218 -8.76 2.63 2.20
N ALA F 219 -8.25 3.32 1.17
CA ALA F 219 -6.94 3.02 0.55
C ALA F 219 -5.81 3.61 1.39
N HIS F 220 -5.90 3.51 2.70
CA HIS F 220 -4.76 3.66 3.63
C HIS F 220 -4.27 2.26 3.97
N THR F 221 -3.11 1.88 3.45
CA THR F 221 -2.68 0.47 3.54
C THR F 221 -1.50 0.33 4.49
N MET F 222 -1.43 -0.86 5.08
CA MET F 222 -0.37 -1.21 6.07
CA MET F 222 -0.33 -1.20 6.02
C MET F 222 0.02 -2.67 5.86
N ASN F 223 1.20 -3.04 6.33
CA ASN F 223 1.62 -4.46 6.32
C ASN F 223 1.01 -5.27 7.46
N SER F 224 1.07 -6.59 7.32
CA SER F 224 0.43 -7.54 8.24
C SER F 224 0.94 -7.38 9.69
N ASP F 225 2.23 -7.13 9.85
CA ASP F 225 2.84 -6.98 11.19
C ASP F 225 2.23 -5.77 11.90
N GLU F 226 2.05 -4.64 11.22
CA GLU F 226 1.43 -3.43 11.82
C GLU F 226 0.02 -3.77 12.27
N PHE F 227 -0.76 -4.47 11.46
CA PHE F 227 -2.16 -4.84 11.80
CA PHE F 227 -2.16 -4.82 11.83
C PHE F 227 -2.14 -5.78 13.03
N GLU F 228 -1.27 -6.79 12.99
CA GLU F 228 -1.25 -7.80 14.10
C GLU F 228 -0.75 -7.12 15.37
N ARG F 229 0.13 -6.12 15.25
CA ARG F 229 0.63 -5.40 16.45
C ARG F 229 -0.52 -4.60 17.05
N ILE F 230 -1.28 -3.92 16.20
CA ILE F 230 -2.50 -3.22 16.70
C ILE F 230 -3.46 -4.19 17.37
N GLN F 231 -3.79 -5.32 16.74
CA GLN F 231 -4.75 -6.30 17.29
C GLN F 231 -4.27 -6.79 18.66
N GLY F 232 -2.96 -6.98 18.82
CA GLY F 232 -2.38 -7.41 20.12
C GLY F 232 -2.61 -6.33 21.20
N MET F 233 -2.45 -5.07 20.82
CA MET F 233 -2.74 -3.94 21.73
C MET F 233 -4.23 -3.90 22.09
N ARG F 234 -5.11 -4.09 21.12
CA ARG F 234 -6.58 -4.10 21.36
C ARG F 234 -6.93 -5.26 22.32
N ARG F 235 -6.37 -6.44 22.07
CA ARG F 235 -6.62 -7.61 22.95
C ARG F 235 -6.17 -7.31 24.39
N ALA F 236 -5.00 -6.69 24.58
CA ALA F 236 -4.57 -6.28 25.95
C ALA F 236 -5.62 -5.37 26.60
N VAL F 237 -6.25 -4.47 25.84
CA VAL F 237 -7.32 -3.60 26.37
C VAL F 237 -8.55 -4.46 26.69
N TYR F 238 -9.04 -5.32 25.79
CA TYR F 238 -10.31 -6.03 26.11
C TYR F 238 -10.03 -7.18 27.08
N ASP F 239 -8.75 -7.47 27.40
CA ASP F 239 -8.39 -8.39 28.51
C ASP F 239 -8.24 -7.64 29.85
N SER F 240 -8.26 -6.31 29.87
CA SER F 240 -7.83 -5.46 31.04
C SER F 240 -8.88 -5.45 32.15
N GLU F 241 -8.45 -5.20 33.38
CA GLU F 241 -9.43 -4.98 34.49
C GLU F 241 -10.18 -3.66 34.26
N ASP F 242 -9.53 -2.68 33.64
CA ASP F 242 -10.16 -1.37 33.29
C ASP F 242 -11.38 -1.57 32.40
N TYR F 243 -11.29 -2.45 31.39
CA TYR F 243 -12.46 -2.70 30.51
C TYR F 243 -13.64 -3.27 31.31
N GLN F 244 -13.39 -4.25 32.16
CA GLN F 244 -14.48 -4.85 33.00
C GLN F 244 -15.07 -3.77 33.91
N GLU F 245 -14.21 -2.95 34.53
CA GLU F 245 -14.64 -1.87 35.43
C GLU F 245 -15.46 -0.84 34.65
N GLY F 246 -15.10 -0.52 33.40
CA GLY F 246 -15.88 0.45 32.60
C GLY F 246 -17.27 -0.11 32.28
N MET F 247 -17.34 -1.36 31.84
CA MET F 247 -18.63 -2.04 31.54
C MET F 247 -19.46 -2.09 32.83
N ASN F 248 -18.83 -2.47 33.93
CA ASN F 248 -19.57 -2.67 35.20
C ASN F 248 -20.11 -1.31 35.67
N ALA F 249 -19.30 -0.27 35.64
CA ALA F 249 -19.67 1.07 36.17
C ALA F 249 -20.84 1.60 35.35
N PHE F 250 -20.87 1.30 34.04
CA PHE F 250 -21.98 1.76 33.17
C PHE F 250 -23.29 1.06 33.62
N LEU F 251 -23.28 -0.26 33.73
CA LEU F 251 -24.46 -1.08 34.11
C LEU F 251 -24.91 -0.70 35.52
N GLU F 252 -24.01 -0.37 36.43
CA GLU F 252 -24.32 0.02 37.84
C GLU F 252 -24.55 1.52 37.98
N LYS F 253 -24.54 2.27 36.89
CA LYS F 253 -24.74 3.75 36.92
C LYS F 253 -23.86 4.38 38.00
N ARG F 254 -22.53 4.14 37.95
CA ARG F 254 -21.55 4.85 38.82
C ARG F 254 -20.33 5.29 37.98
N LYS F 255 -19.49 6.14 38.56
CA LYS F 255 -18.23 6.63 37.93
C LYS F 255 -17.19 5.51 37.99
N PRO F 256 -16.61 5.10 36.84
CA PRO F 256 -15.59 4.05 36.87
C PRO F 256 -14.33 4.59 37.56
N ASN F 257 -13.57 3.68 38.13
CA ASN F 257 -12.21 3.98 38.62
C ASN F 257 -11.20 3.18 37.79
N PHE F 258 -10.59 3.87 36.83
CA PHE F 258 -9.60 3.28 35.90
C PHE F 258 -8.22 3.44 36.54
N VAL F 259 -7.39 2.42 36.41
CA VAL F 259 -6.04 2.35 37.05
C VAL F 259 -4.96 2.02 36.02
N GLY F 260 -5.29 1.72 34.77
CA GLY F 260 -4.22 1.48 33.78
C GLY F 260 -3.77 0.04 33.69
N HIS F 261 -4.57 -0.95 34.12
CA HIS F 261 -4.34 -2.38 33.76
C HIS F 261 -5.69 -3.11 33.73
N1 KGA G . 3.70 -29.65 21.75
C2 KGA G . 3.61 -30.17 22.99
N3 KGA G . 4.00 -31.42 23.33
C4 KGA G . 4.51 -32.17 22.34
C5 KGA G . 4.64 -31.66 20.96
C6 KGA G . 4.21 -30.33 20.72
N6 KGA G . 4.34 -29.84 19.49
N7 KGA G . 5.18 -32.62 20.20
C8 KGA G . 5.40 -33.69 21.01
N9 KGA G . 4.99 -33.40 22.27
C1' KGA G . 5.06 -34.26 23.47
C2' KGA G . 4.22 -35.50 23.24
O2' KGA G . 2.81 -35.26 23.42
C3' KGA G . 4.90 -36.40 24.28
O3' KGA G . 4.23 -36.19 25.52
C4' KGA G . 6.37 -35.99 24.29
O4' KGA G . 6.44 -34.60 23.84
C5' KGA G . 7.16 -36.88 23.32
O5' KGA G . 6.34 -37.01 22.14
O31 KGA G . 5.40 -37.75 27.09
P3 KGA G . 4.01 -37.36 26.64
O33 KGA G . 3.28 -36.57 27.65
O32 KGA G . 3.15 -38.42 25.98
P1 KGA G . 6.02 -38.38 21.35
O11 KGA G . 6.03 -39.42 22.45
O12 KGA G . 4.83 -38.36 20.40
O6 KGA G . 7.36 -38.80 20.53
P2 KGA G . 7.45 -39.33 19.01
O21 KGA G . 6.57 -40.51 18.78
O22 KGA G . 8.92 -39.61 19.02
O7 KGA G . 7.04 -38.36 17.79
CPB KGA G . 7.72 -37.13 17.67
CPA KGA G . 6.91 -36.23 16.75
CP9 KGA G . 7.09 -36.75 15.32
CP8 KGA G . 7.46 -34.80 16.87
CP7 KGA G . 5.44 -36.31 17.20
OP3 KGA G . 5.39 -35.99 18.57
CP6 KGA G . 4.65 -35.28 16.54
OP2 KGA G . 4.49 -35.28 15.31
NP2 KGA G . 4.33 -34.37 17.44
CP5 KGA G . 3.79 -33.05 17.15
CP4 KGA G . 4.15 -32.45 15.81
CP3 KGA G . 3.24 -31.26 15.56
OP1 KGA G . 2.23 -31.38 14.89
NP1 KGA G . 3.70 -30.09 15.99
CP2 KGA G . 3.34 -28.82 15.40
CP1 KGA G . 2.22 -28.07 16.09
O KGA G . 1.60 -27.09 15.23
NI NI H . 5.65 -9.54 -3.64
N1 IMD I . 7.68 -10.51 -7.51
C2 IMD I . 7.43 -10.70 -6.18
N3 IMD I . 6.22 -10.23 -5.92
C4 IMD I . 5.77 -9.54 -7.03
C5 IMD I . 6.60 -9.86 -8.05
N1 KGA J . 36.72 -1.08 -10.45
C2 KGA J . 37.86 -0.53 -10.85
N3 KGA J . 38.92 -1.24 -11.21
C4 KGA J . 38.88 -2.60 -11.18
C5 KGA J . 37.69 -3.30 -10.74
C6 KGA J . 36.58 -2.44 -10.36
N6 KGA J . 35.47 -3.03 -9.96
N7 KGA J . 37.94 -4.61 -10.80
C8 KGA J . 39.20 -4.76 -11.25
N9 KGA J . 39.73 -3.55 -11.48
C1' KGA J . 41.08 -3.24 -11.93
C2' KGA J . 42.09 -3.91 -10.98
O2' KGA J . 42.28 -3.25 -9.72
C3' KGA J . 43.28 -3.82 -11.90
O3' KGA J . 43.70 -2.46 -11.83
C4' KGA J . 42.68 -4.17 -13.29
O4' KGA J . 41.33 -3.65 -13.29
C5' KGA J . 42.63 -5.67 -13.54
O5' KGA J . 43.15 -6.27 -12.36
O31 KGA J . 45.88 -2.74 -10.57
P3 KGA J . 45.22 -1.98 -11.70
O33 KGA J . 45.14 -0.48 -11.36
O32 KGA J . 45.84 -2.27 -13.06
P1 KGA J . 42.68 -7.63 -11.64
O11 KGA J . 43.93 -8.17 -10.99
O12 KGA J . 41.63 -7.38 -10.56
O6 KGA J . 42.31 -8.68 -12.80
P2 KGA J . 42.20 -10.26 -12.46
O21 KGA J . 43.12 -11.05 -13.38
O22 KGA J . 42.48 -10.59 -10.99
O7 KGA J . 40.69 -10.67 -12.80
CPB KGA J . 39.61 -9.79 -12.48
CPA KGA J . 38.79 -10.35 -11.31
CP9 KGA J . 38.65 -11.88 -11.45
CP8 KGA J . 37.38 -9.76 -11.59
CP7 KGA J . 39.40 -9.93 -9.94
OP3 KGA J . 40.62 -9.17 -10.02
CP6 KGA J . 38.39 -9.08 -9.27
OP2 KGA J . 37.59 -9.49 -8.45
NP2 KGA J . 38.33 -7.91 -9.85
CP5 KGA J . 37.05 -7.25 -9.82
CP4 KGA J . 36.81 -6.65 -8.47
CP3 KGA J . 35.49 -7.09 -7.94
OP1 KGA J . 35.42 -8.00 -7.14
NP1 KGA J . 34.50 -6.29 -8.35
CP2 KGA J . 33.23 -6.05 -7.65
CP1 KGA J . 33.15 -4.59 -7.20
O KGA J . 34.07 -4.44 -6.10
N1 KGA K . -11.21 -21.28 -29.75
C2 KGA K . -12.32 -21.81 -30.31
N3 KGA K . -12.37 -22.99 -30.96
C4 KGA K . -11.26 -23.74 -31.05
C5 KGA K . -10.01 -23.23 -30.47
C6 KGA K . -10.03 -21.93 -29.75
N6 KGA K . -8.94 -21.40 -29.16
N7 KGA K . -9.08 -24.14 -30.72
C8 KGA K . -9.67 -25.15 -31.42
N9 KGA K . -10.99 -24.89 -31.62
C1' KGA K . -11.93 -25.78 -32.36
C2' KGA K . -11.61 -25.92 -33.86
O2' KGA K . -12.23 -24.92 -34.68
C3' KGA K . -12.13 -27.31 -34.15
O3' KGA K . -13.56 -27.37 -34.20
C4' KGA K . -11.80 -28.13 -32.92
O4' KGA K . -11.76 -27.13 -31.87
C5' KGA K . -10.53 -28.97 -33.12
O5' KGA K . -9.62 -28.26 -33.96
O31 KGA K . -14.05 -29.16 -35.97
P3 KGA K . -14.41 -27.74 -35.53
O33 KGA K . -15.89 -27.63 -35.18
O32 KGA K . -14.04 -26.64 -36.50
P1 KGA K . -8.03 -28.48 -34.07
O11 KGA K . -7.68 -28.01 -35.47
O12 KGA K . -7.55 -29.92 -33.75
O6 KGA K . -7.45 -27.40 -33.00
P2 KGA K . -5.99 -26.72 -32.97
O21 KGA K . -5.81 -26.00 -34.30
O22 KGA K . -4.99 -27.85 -32.62
O7 KGA K . -5.84 -25.54 -31.85
CPB KGA K . -4.57 -24.96 -31.87
CPA KGA K . -4.29 -24.30 -30.55
CP9 KGA K . -2.76 -24.09 -30.57
CP8 KGA K . -4.66 -25.26 -29.38
CP7 KGA K . -5.12 -22.99 -30.47
OP3 KGA K . -6.51 -23.25 -30.12
CP6 KGA K . -4.44 -22.00 -29.56
OP2 KGA K . -3.43 -21.47 -30.00
NP2 KGA K . -4.95 -21.68 -28.39
CP5 KGA K . -4.35 -20.65 -27.56
CP4 KGA K . -5.28 -19.48 -27.19
CP3 KGA K . -5.61 -18.66 -28.40
OP1 KGA K . -4.73 -18.35 -29.21
NP1 KGA K . -6.94 -18.33 -28.51
CP2 KGA K . -7.60 -17.56 -29.59
CP1 KGA K . -8.42 -16.35 -29.10
O KGA K . -7.89 -15.61 -27.98
K K L . -26.43 -19.95 -11.61
N1 KGA M . 1.61 -28.04 -26.24
C2 KGA M . 1.98 -28.51 -27.46
N3 KGA M . 2.34 -27.69 -28.48
C4 KGA M . 2.33 -26.34 -28.28
C5 KGA M . 1.93 -25.77 -26.98
C6 KGA M . 1.56 -26.72 -25.93
N6 KGA M . 1.20 -26.27 -24.72
N7 KGA M . 2.03 -24.43 -27.07
C8 KGA M . 2.44 -24.14 -28.33
N9 KGA M . 2.62 -25.28 -29.05
C1' KGA M . 3.03 -25.38 -30.46
C2' KGA M . 3.21 -23.99 -31.02
O2' KGA M . 1.94 -23.45 -31.41
C3' KGA M . 4.05 -24.29 -32.24
O3' KGA M . 3.16 -24.61 -33.33
C4' KGA M . 4.89 -25.51 -31.85
O4' KGA M . 4.23 -26.10 -30.71
C5' KGA M . 6.32 -25.11 -31.52
O5' KGA M . 6.28 -23.90 -30.76
O31 KGA M . 2.42 -25.10 -35.68
P3 KGA M . 3.66 -24.79 -34.86
O33 KGA M . 4.64 -25.95 -34.95
O32 KGA M . 4.26 -23.50 -35.35
P1 KGA M . 7.27 -22.63 -30.89
O11 KGA M . 7.56 -22.34 -32.35
O12 KGA M . 6.48 -21.50 -30.38
O6 KGA M . 8.60 -22.76 -29.99
P2 KGA M . 9.58 -24.05 -30.09
O21 KGA M . 9.47 -25.02 -28.94
O22 KGA M . 11.01 -23.55 -30.18
O7 KGA M . 9.18 -24.81 -31.47
O1 PG4 N . -24.36 -19.67 -14.19
C1 PG4 N . -22.93 -19.67 -14.07
C2 PG4 N . -22.45 -20.32 -12.81
O2 PG4 N . -23.06 -19.74 -11.65
C3 PG4 N . -22.35 -20.00 -10.45
C4 PG4 N . -23.09 -19.45 -9.29
O3 PG4 N . -24.38 -20.04 -9.21
C5 PG4 N . -24.77 -20.29 -7.86
C6 PG4 N . -26.27 -20.31 -7.68
O4 PG4 N . -26.86 -21.21 -8.59
C7 PG4 N . -28.30 -21.16 -8.59
C8 PG4 N . -28.87 -22.21 -9.51
O5 PG4 N . -28.93 -21.79 -10.87
NI NI O . -5.11 9.87 3.14
N1 KGA P . -19.78 22.23 -23.76
N1 KGA P . -19.62 22.50 -23.94
C2 KGA P . -20.32 22.53 -24.95
C2 KGA P . -19.60 23.10 -25.14
N3 KGA P . -21.14 23.57 -25.13
N3 KGA P . -20.18 24.28 -25.40
C4 KGA P . -21.47 24.38 -24.11
C4 KGA P . -20.84 24.93 -24.42
C5 KGA P . -20.91 24.11 -22.78
C5 KGA P . -20.90 24.36 -23.07
C6 KGA P . -20.02 22.95 -22.65
C6 KGA P . -20.23 23.07 -22.88
N6 KGA P . -19.47 22.64 -21.44
N6 KGA P . -20.23 22.47 -21.68
N7 KGA P . -21.41 25.04 -21.95
N7 KGA P . -21.61 25.20 -22.30
C8 KGA P . -22.21 25.87 -22.67
C8 KGA P . -21.97 26.26 -23.11
N9 KGA P . -22.22 25.48 -23.96
N9 KGA P . -21.50 26.08 -24.37
C1' KGA P . -23.00 26.11 -25.04
C1' KGA P . -21.63 26.97 -25.54
C2' KGA P . -24.45 25.85 -24.69
C2' KGA P . -23.05 27.06 -26.05
O2' KGA P . -24.78 24.51 -25.06
O2' KGA P . -23.41 26.07 -27.02
C3' KGA P . -25.14 26.94 -25.48
C3' KGA P . -23.01 28.45 -26.63
O3' KGA P . -25.46 26.34 -26.74
O3' KGA P . -22.33 28.36 -27.88
C4' KGA P . -24.13 28.10 -25.49
C4' KGA P . -22.18 29.28 -25.68
O4' KGA P . -22.83 27.54 -25.17
O4' KGA P . -21.23 28.31 -25.19
C5' KGA P . -24.47 29.17 -24.45
C5' KGA P . -23.07 29.94 -24.63
O5' KGA P . -24.75 28.49 -23.23
O5' KGA P . -24.14 29.08 -24.24
O31 KGA P . -26.35 26.20 -29.07
O31 KGA P . -24.52 28.44 -29.16
P3 KGA P . -25.46 27.02 -28.20
P3 KGA P . -23.11 28.94 -29.13
O33 KGA P . -24.08 27.04 -28.79
O33 KGA P . -22.31 28.50 -30.32
O32 KGA P . -26.02 28.43 -28.15
O32 KGA P . -23.15 30.45 -28.98
P1 KGA P . -25.97 28.86 -22.24
P1 KGA P . -25.15 29.31 -23.00
O11 KGA P . -27.29 28.87 -22.97
O11 KGA P . -26.57 29.51 -23.46
O12 KGA P . -26.01 27.77 -21.15
O12 KGA P . -25.14 28.05 -22.13
O6 KGA P . -25.71 30.37 -21.71
O6 KGA P . -24.68 30.59 -22.16
P2 KGA P . -25.44 30.86 -20.18
P2 KGA P . -25.22 30.89 -20.67
O21 KGA P . -26.67 31.54 -19.61
O21 KGA P . -26.67 31.31 -20.73
O22 KGA P . -24.28 31.84 -20.17
O22 KGA P . -24.37 32.02 -20.09
O7 KGA P . -25.04 29.59 -19.27
O7 KGA P . -25.04 29.58 -19.73
CPB KGA P . -23.72 29.06 -19.36
CPB KGA P . -23.73 29.00 -19.59
CPA KGA P . -23.56 27.98 -18.33
CPA KGA P . -23.65 28.00 -18.45
CP9 KGA P . -24.06 28.60 -17.02
CP9 KGA P . -24.18 28.68 -17.19
CP8 KGA P . -22.10 27.61 -18.16
CP8 KGA P . -22.19 27.64 -18.19
CP7 KGA P . -24.39 26.77 -18.83
CP7 KGA P . -24.43 26.75 -18.86
OP3 KGA P . -24.00 26.40 -20.16
OP3 KGA P . -24.06 26.34 -20.19
CP6 KGA P . -24.23 25.62 -17.88
CP6 KGA P . -24.24 25.61 -17.90
OP2 KGA P . -24.89 25.62 -16.87
NP2 KGA P . -23.40 24.59 -18.14
CP5 KGA P . -22.57 24.34 -19.30
CP4 KGA P . -21.52 23.31 -18.89
CP3 KGA P . -21.85 22.57 -17.64
OP1 KGA P . -22.98 22.71 -17.22
NP1 KGA P . -21.05 21.67 -17.07
CP2 KGA P . -19.97 20.96 -17.74
CP1 KGA P . -20.64 19.99 -18.67
O KGA P . -22.02 19.76 -18.25
N1 IMD Q . 1.92 40.96 -12.73
C2 IMD Q . 1.05 41.37 -13.69
N3 IMD Q . 1.20 40.58 -14.73
C4 IMD Q . 2.27 39.73 -14.50
C5 IMD Q . 2.69 39.94 -13.23
N1 KGA R . 18.02 29.64 15.58
C2 KGA R . 19.05 29.99 16.37
N3 KGA R . 19.04 31.02 17.24
C4 KGA R . 17.96 31.82 17.33
C5 KGA R . 16.80 31.53 16.50
C6 KGA R . 16.88 30.35 15.61
N6 KGA R . 15.84 30.00 14.84
N7 KGA R . 15.89 32.47 16.79
C8 KGA R . 16.40 33.30 17.74
N9 KGA R . 17.66 32.92 18.03
C1' KGA R . 18.57 33.56 19.04
C2' KGA R . 19.17 34.89 18.58
O2' KGA R . 20.35 34.70 17.78
C3' KGA R . 19.44 35.50 19.93
O3' KGA R . 20.65 34.94 20.43
C4' KGA R . 18.30 35.05 20.85
O4' KGA R . 17.86 33.81 20.28
C5' KGA R . 17.19 36.10 20.94
O5' KGA R . 16.89 36.44 19.57
O31 KGA R . 21.75 36.61 22.08
P3 KGA R . 22.00 35.78 20.84
O33 KGA R . 23.08 34.75 21.17
O32 KGA R . 22.41 36.67 19.68
P1 KGA R . 16.56 37.93 19.04
O11 KGA R . 17.51 38.94 19.62
O12 KGA R . 16.38 37.95 17.52
O6 KGA R . 15.19 38.35 19.81
P2 KGA R . 13.98 39.27 19.27
O21 KGA R . 13.00 39.33 20.42
O22 KGA R . 14.55 40.65 18.87
O7 KGA R . 13.26 38.63 17.97
CPB KGA R . 12.50 37.43 18.15
CPA KGA R . 12.29 36.72 16.80
CP9 KGA R . 11.23 37.49 15.99
CP8 KGA R . 11.74 35.31 17.08
CP7 KGA R . 13.66 36.61 16.14
OP3 KGA R . 14.57 35.98 17.05
CP6 KGA R . 13.63 35.75 14.90
OP2 KGA R . 13.12 36.13 13.84
NP2 KGA R . 14.14 34.55 15.03
CP5 KGA R . 14.15 33.57 13.93
CP4 KGA R . 12.74 33.07 13.64
CP3 KGA R . 12.72 32.12 12.46
OP1 KGA R . 12.67 32.58 11.35
NP1 KGA R . 12.75 30.82 12.72
CP2 KGA R . 12.59 29.82 11.69
CP1 KGA R . 13.81 28.93 11.58
O KGA R . 13.55 27.90 10.61
CS1 KGA R . 12.76 26.69 10.90
OS1 KGA R . 12.29 26.43 11.99
CS2 KGA R . 12.49 25.63 9.89
CS3 KGA R . 11.94 24.28 10.32
NS4 KGA R . 12.71 25.81 8.68
OS5 KGA R . 13.71 26.48 8.30
OS4 KGA R . 11.90 25.22 7.94
N1 KGA S . 4.73 34.97 14.20
C2 KGA S . 4.93 36.29 14.03
N3 KGA S . 5.63 36.76 12.96
C4 KGA S . 6.16 35.90 12.01
C5 KGA S . 5.97 34.45 12.12
C6 KGA S . 5.18 34.00 13.29
N6 KGA S . 4.97 32.73 13.44
N7 KGA S . 6.56 33.87 11.03
C8 KGA S . 7.09 34.85 10.26
N9 KGA S . 6.83 36.05 10.86
C1' KGA S . 7.22 37.39 10.39
C2' KGA S . 7.93 37.34 9.04
O2' KGA S . 9.29 36.89 9.23
C3' KGA S . 7.84 38.82 8.75
O3' KGA S . 8.92 39.48 9.44
C4' KGA S . 6.46 39.25 9.32
O4' KGA S . 6.07 38.26 10.31
C5' KGA S . 5.37 39.38 8.27
O5' KGA S . 5.48 38.24 7.40
O31 KGA S . 8.45 41.97 8.64
P3 KGA S . 9.52 40.94 8.99
O33 KGA S . 10.34 40.68 7.73
O32 KGA S . 10.30 41.39 10.22
P1 KGA S . 5.47 38.35 5.78
O11 KGA S . 5.26 36.98 5.14
O12 KGA S . 6.78 39.04 5.34
O6 KGA S . 4.25 39.32 5.29
P2 KGA S . 2.65 39.15 5.51
O21 KGA S . 2.07 38.24 4.42
O22 KGA S . 2.40 38.72 6.94
O7 KGA S . 1.99 40.62 5.28
N1 KGA T . -27.35 0.52 25.94
C2 KGA T . -28.42 -0.19 26.38
N3 KGA T . -29.53 0.37 26.91
C4 KGA T . -29.59 1.71 27.07
C5 KGA T . -28.46 2.55 26.65
C6 KGA T . -27.31 1.86 26.04
N6 KGA T . -26.24 2.51 25.58
N7 KGA T . -28.79 3.82 26.93
C8 KGA T . -30.03 3.79 27.48
N9 KGA T . -30.51 2.55 27.56
C1' KGA T . -31.81 2.11 28.12
C2' KGA T . -31.85 2.31 29.66
O2' KGA T . -31.22 1.25 30.43
C3' KGA T . -33.38 2.45 29.79
O3' KGA T . -33.95 1.16 29.86
C4' KGA T . -33.94 3.07 28.49
O4' KGA T . -32.91 2.83 27.52
C5' KGA T . -34.18 4.56 28.68
O5' KGA T . -32.93 4.98 29.28
O31 KGA T . -36.02 1.63 31.21
P3 KGA T . -34.80 0.71 31.14
O33 KGA T . -35.17 -0.72 30.77
O32 KGA T . -33.84 0.83 32.33
P1 KGA T . -32.76 6.04 30.48
O11 KGA T . -31.28 6.19 30.90
O12 KGA T . -33.72 5.53 31.56
O6 KGA T . -33.41 7.43 29.93
P2 KGA T . -32.88 8.92 30.33
O21 KGA T . -33.10 9.13 31.81
O22 KGA T . -33.69 9.92 29.55
O7 KGA T . -31.31 9.16 29.99
CPB KGA T . -30.97 9.42 28.64
CPA KGA T . -29.47 9.17 28.53
CP9 KGA T . -28.75 10.36 29.19
CP8 KGA T . -29.07 9.07 27.05
CP7 KGA T . -29.12 7.87 29.27
OP3 KGA T . -30.04 6.85 28.90
CP6 KGA T . -27.74 7.42 28.87
OP2 KGA T . -26.77 8.01 29.23
NP2 KGA T . -27.64 6.38 28.07
CP5 KGA T . -26.33 5.94 27.62
CP4 KGA T . -25.64 7.01 26.79
CP3 KGA T . -24.28 6.48 26.45
OP1 KGA T . -23.39 6.62 27.25
NP1 KGA T . -24.10 5.92 25.25
CP2 KGA T . -22.78 5.45 24.79
CP1 KGA T . -22.66 3.93 24.84
O KGA T . -21.41 3.47 24.27
CS1 KGA T . -20.96 3.48 22.83
OS1 KGA T . -21.72 3.59 21.84
CS2 KGA T . -19.46 3.36 22.57
CS3 KGA T . -18.72 3.85 21.35
NS4 KGA T . -18.75 2.79 23.44
OS5 KGA T . -17.94 1.92 23.00
OS4 KGA T . -18.88 3.10 24.66
NI NI U . -5.60 -5.45 39.31
N1 KGA V . -25.43 14.63 23.71
C2 KGA V . -25.76 15.16 24.91
N3 KGA V . -25.08 14.88 26.05
C4 KGA V . -24.00 14.03 26.01
C5 KGA V . -23.56 13.43 24.72
C6 KGA V . -24.36 13.78 23.51
N6 KGA V . -24.04 13.29 22.27
N7 KGA V . -22.48 12.66 25.02
C8 KGA V . -22.21 12.76 26.34
N9 KGA V . -23.14 13.57 26.94
C1' KGA V . -23.24 13.98 28.38
C2' KGA V . -22.17 13.45 29.26
O2' KGA V . -22.45 12.10 29.57
C3' KGA V . -22.31 14.40 30.46
O3' KGA V . -23.37 13.99 31.32
C4' KGA V . -22.69 15.75 29.85
O4' KGA V . -23.15 15.42 28.52
C5' KGA V . -21.55 16.76 29.78
O5' KGA V . -20.43 16.08 29.20
O31 KGA V . -22.79 15.31 33.37
P3 KGA V . -23.22 13.94 32.92
O33 KGA V . -22.14 12.91 33.19
O32 KGA V . -24.50 13.49 33.56
P1 KGA V . -18.93 16.20 29.74
O11 KGA V . -18.95 16.11 31.26
O12 KGA V . -18.14 15.01 29.27
O6 KGA V . -18.18 17.47 29.09
P2 KGA V . -18.73 19.00 29.00
O21 KGA V . -19.88 19.18 28.05
O22 KGA V . -17.50 19.78 28.53
O7 KGA V . -19.16 19.62 30.45
O KG7 W . -4.12 -5.66 43.17
CS1 KG7 W . -4.76 -5.71 42.08
OS1 KG7 W . -4.51 -4.85 41.14
CS2 KG7 W . -5.79 -6.79 41.94
CS3 KG7 W . -6.28 -7.68 43.13
NS4 KG7 W . -6.30 -6.96 40.77
OS4 KG7 W . -7.15 -8.04 40.51
N1 IMD X . -8.57 -2.76 38.87
C2 IMD X . -7.48 -3.50 38.59
N3 IMD X . -7.10 -4.08 39.72
C4 IMD X . -8.18 -4.08 40.56
C5 IMD X . -9.10 -3.24 40.04
#